data_1L7D
#
_entry.id   1L7D
#
_cell.length_a   66.96
_cell.length_b   117.13
_cell.length_c   94.23
_cell.angle_alpha   90.
_cell.angle_beta   108.26
_cell.angle_gamma   90.
#
_symmetry.space_group_name_H-M   'P 1 21 1'
#
loop_
_entity.id
_entity.type
_entity.pdbx_description
1 polymer 'nicotinamide nucleotide Transhydrogenase, subunit alpha 1'
2 water water
#
_entity_poly.entity_id   1
_entity_poly.type   'polypeptide(L)'
_entity_poly.pdbx_seq_one_letter_code
;MKIAIPKERRPGEDRVAISPEVVKKLVGLGFEVIVEQGAGVGASITDDALTAAGATIASTAAQALSQADVVWKVQRPMTA
EEGTDEVALIKEGAVLMCHLGALTNRPVVEALTKRKITAYAMELMPRISRAQSMDILSSQSNLAGYRAVIDGAYEFARAF
PMMMTAAGTVPPARVLVFGVGVAGLQAIATAKRLGAVVMATDVRAATKEQVESLGGKFITVDDEAMKTAETAGGYAKEMG
EEFRKKQAEAVLKELVKTDIAITTALIPGKPAPVLITEEMVTKMKPGSVIIDLAVEAGGNCPLSEPGKIVVKHGVKIVGH
TNVPSRVAADASPLFAKNLLNFLTPHVDKDTKTLVMKLEDETVSGTCVTRDGAIVHPALTGQGA
;
_entity_poly.pdbx_strand_id   A,B,C,D
#
# COMPACT_ATOMS: atom_id res chain seq x y z
N MET A 1 3.21 45.40 13.97
CA MET A 1 1.92 45.33 14.71
C MET A 1 1.96 44.39 15.90
N LYS A 2 0.87 44.36 16.66
CA LYS A 2 0.80 43.52 17.83
C LYS A 2 -0.42 42.60 17.76
N ILE A 3 -0.19 41.30 17.97
CA ILE A 3 -1.27 40.32 17.96
C ILE A 3 -1.28 39.65 19.31
N ALA A 4 -2.46 39.49 19.91
CA ALA A 4 -2.55 38.89 21.23
C ALA A 4 -3.55 37.74 21.31
N ILE A 5 -3.22 36.77 22.16
CA ILE A 5 -4.07 35.61 22.37
C ILE A 5 -4.31 35.47 23.87
N PRO A 6 -5.57 35.57 24.30
CA PRO A 6 -5.89 35.46 25.73
C PRO A 6 -6.25 34.02 26.10
N LYS A 7 -6.47 33.78 27.38
CA LYS A 7 -6.87 32.44 27.80
C LYS A 7 -8.36 32.38 27.50
N GLU A 8 -8.85 31.21 27.12
CA GLU A 8 -10.26 31.06 26.84
C GLU A 8 -10.95 31.06 28.20
N ARG A 9 -11.99 31.88 28.32
CA ARG A 9 -12.71 32.03 29.59
C ARG A 9 -13.99 31.24 29.73
N ARG A 10 -14.69 31.01 28.63
CA ARG A 10 -15.94 30.26 28.68
C ARG A 10 -15.72 28.90 29.34
N PRO A 11 -16.75 28.43 30.08
CA PRO A 11 -16.76 27.17 30.83
C PRO A 11 -16.35 25.93 30.03
N GLY A 12 -15.37 25.21 30.53
CA GLY A 12 -14.92 23.99 29.88
C GLY A 12 -14.11 24.10 28.60
N GLU A 13 -13.81 25.32 28.16
CA GLU A 13 -13.01 25.50 26.95
C GLU A 13 -11.54 25.42 27.33
N ASP A 14 -10.86 24.37 26.87
CA ASP A 14 -9.45 24.17 27.16
C ASP A 14 -8.55 24.45 25.96
N ARG A 15 -9.15 24.78 24.82
CA ARG A 15 -8.38 25.10 23.62
C ARG A 15 -7.83 26.52 23.71
N VAL A 16 -6.86 26.83 22.86
CA VAL A 16 -6.24 28.15 22.82
C VAL A 16 -5.92 28.45 21.35
N ALA A 17 -6.11 29.69 20.92
CA ALA A 17 -5.87 30.04 19.52
C ALA A 17 -4.41 30.35 19.22
N ILE A 18 -3.50 29.47 19.65
CA ILE A 18 -2.08 29.69 19.41
C ILE A 18 -1.25 28.42 19.62
N SER A 19 -0.09 28.38 18.98
CA SER A 19 0.83 27.26 19.11
C SER A 19 2.23 27.82 18.92
N PRO A 20 3.24 27.21 19.55
CA PRO A 20 4.61 27.70 19.41
C PRO A 20 5.02 27.82 17.94
N GLU A 21 4.57 26.87 17.13
CA GLU A 21 4.88 26.84 15.71
C GLU A 21 4.31 28.06 14.98
N VAL A 22 3.05 28.39 15.27
CA VAL A 22 2.40 29.54 14.65
C VAL A 22 2.96 30.84 15.21
N VAL A 23 3.50 30.79 16.43
CA VAL A 23 4.09 31.99 17.02
C VAL A 23 5.31 32.39 16.20
N LYS A 24 6.08 31.38 15.78
CA LYS A 24 7.28 31.62 14.98
C LYS A 24 6.95 32.27 13.65
N LYS A 25 5.88 31.80 13.01
CA LYS A 25 5.47 32.34 11.72
C LYS A 25 5.00 33.79 11.85
N LEU A 26 4.29 34.10 12.94
CA LEU A 26 3.80 35.45 13.17
C LEU A 26 4.95 36.42 13.38
N VAL A 27 5.91 36.02 14.20
CA VAL A 27 7.09 36.84 14.47
C VAL A 27 7.80 37.08 13.15
N GLY A 28 7.87 36.03 12.34
CA GLY A 28 8.52 36.13 11.04
C GLY A 28 7.74 37.04 10.10
N LEU A 29 6.46 37.20 10.38
CA LEU A 29 5.61 38.06 9.55
C LEU A 29 5.73 39.51 10.01
N GLY A 30 6.49 39.73 11.08
CA GLY A 30 6.67 41.08 11.60
C GLY A 30 5.81 41.39 12.81
N PHE A 31 5.10 40.39 13.32
CA PHE A 31 4.24 40.59 14.47
C PHE A 31 4.94 40.48 15.82
N GLU A 32 4.38 41.19 16.79
CA GLU A 32 4.86 41.14 18.16
C GLU A 32 3.79 40.26 18.78
N VAL A 33 4.16 39.04 19.18
CA VAL A 33 3.20 38.11 19.75
C VAL A 33 3.15 38.14 21.28
N ILE A 34 1.94 38.33 21.80
CA ILE A 34 1.72 38.39 23.23
C ILE A 34 0.62 37.39 23.64
N VAL A 35 0.91 36.55 24.61
CA VAL A 35 -0.06 35.57 25.07
C VAL A 35 -0.29 35.68 26.58
N GLU A 36 -1.54 35.54 26.99
CA GLU A 36 -1.89 35.62 28.40
C GLU A 36 -1.25 34.46 29.14
N GLN A 37 -0.75 34.72 30.34
CA GLN A 37 -0.12 33.72 31.17
C GLN A 37 -1.04 32.51 31.34
N GLY A 38 -0.48 31.32 31.12
CA GLY A 38 -1.25 30.09 31.26
C GLY A 38 -2.45 29.91 30.33
N ALA A 39 -2.43 30.58 29.18
CA ALA A 39 -3.52 30.46 28.22
C ALA A 39 -3.56 29.09 27.54
N GLY A 40 -2.41 28.45 27.46
CA GLY A 40 -2.32 27.15 26.79
C GLY A 40 -2.23 25.95 27.71
N VAL A 41 -2.44 26.16 29.01
CA VAL A 41 -2.37 25.07 29.97
C VAL A 41 -3.26 23.89 29.58
N GLY A 42 -4.51 24.19 29.25
CA GLY A 42 -5.44 23.15 28.86
C GLY A 42 -5.06 22.46 27.56
N ALA A 43 -4.17 23.07 26.79
CA ALA A 43 -3.74 22.50 25.52
C ALA A 43 -2.31 21.97 25.57
N SER A 44 -1.78 21.78 26.78
CA SER A 44 -0.42 21.27 26.95
C SER A 44 0.63 22.20 26.34
N ILE A 45 0.29 23.49 26.26
CA ILE A 45 1.18 24.52 25.72
C ILE A 45 1.60 25.42 26.88
N THR A 46 2.83 25.23 27.35
CA THR A 46 3.33 26.04 28.47
C THR A 46 3.79 27.44 28.04
N ASP A 47 3.81 28.36 29.00
CA ASP A 47 4.23 29.72 28.72
C ASP A 47 5.67 29.74 28.23
N ASP A 48 6.51 28.91 28.83
CA ASP A 48 7.91 28.85 28.45
C ASP A 48 8.04 28.34 27.02
N ALA A 49 7.15 27.43 26.63
CA ALA A 49 7.17 26.88 25.28
C ALA A 49 6.91 28.02 24.30
N LEU A 50 5.96 28.88 24.65
CA LEU A 50 5.61 30.02 23.80
C LEU A 50 6.73 31.07 23.82
N THR A 51 7.35 31.25 24.97
CA THR A 51 8.44 32.21 25.10
C THR A 51 9.60 31.75 24.21
N ALA A 52 9.85 30.44 24.19
CA ALA A 52 10.92 29.88 23.37
C ALA A 52 10.69 30.17 21.90
N ALA A 53 9.43 30.18 21.49
CA ALA A 53 9.08 30.45 20.10
C ALA A 53 9.17 31.94 19.77
N GLY A 54 9.33 32.76 20.80
CA GLY A 54 9.46 34.19 20.59
C GLY A 54 8.28 35.05 21.01
N ALA A 55 7.39 34.51 21.84
CA ALA A 55 6.23 35.27 22.30
C ALA A 55 6.47 35.92 23.65
N THR A 56 5.70 36.97 23.95
CA THR A 56 5.78 37.69 25.21
C THR A 56 4.60 37.25 26.07
N ILE A 57 4.84 37.05 27.36
CA ILE A 57 3.78 36.62 28.26
C ILE A 57 3.24 37.75 29.14
N ALA A 58 1.93 37.96 29.06
CA ALA A 58 1.27 38.99 29.85
C ALA A 58 0.67 38.36 31.10
N SER A 59 0.77 39.05 32.23
CA SER A 59 0.27 38.53 33.49
C SER A 59 -1.24 38.37 33.50
N THR A 60 -1.95 39.24 32.78
CA THR A 60 -3.40 39.16 32.75
C THR A 60 -3.94 39.27 31.33
N ALA A 61 -5.27 39.11 31.20
CA ALA A 61 -5.92 39.20 29.91
C ALA A 61 -5.90 40.65 29.45
N ALA A 62 -6.33 41.54 30.35
CA ALA A 62 -6.36 42.97 30.05
C ALA A 62 -4.99 43.42 29.52
N GLN A 63 -3.93 43.00 30.21
CA GLN A 63 -2.57 43.35 29.82
C GLN A 63 -2.18 42.78 28.46
N ALA A 64 -2.83 41.69 28.06
CA ALA A 64 -2.52 41.05 26.79
C ALA A 64 -3.20 41.71 25.58
N LEU A 65 -4.46 42.12 25.75
CA LEU A 65 -5.22 42.72 24.66
C LEU A 65 -5.20 44.25 24.58
N SER A 66 -4.67 44.90 25.61
CA SER A 66 -4.62 46.37 25.65
C SER A 66 -4.16 47.06 24.36
N GLN A 67 -2.95 46.77 23.91
CA GLN A 67 -2.39 47.40 22.72
C GLN A 67 -2.42 46.54 21.45
N ALA A 68 -3.06 45.38 21.54
CA ALA A 68 -3.14 44.47 20.40
C ALA A 68 -3.89 45.06 19.21
N ASP A 69 -3.27 45.00 18.03
CA ASP A 69 -3.89 45.48 16.81
C ASP A 69 -4.73 44.34 16.24
N VAL A 70 -4.33 43.12 16.57
CA VAL A 70 -5.01 41.92 16.12
C VAL A 70 -5.20 40.97 17.30
N VAL A 71 -6.41 40.43 17.43
CA VAL A 71 -6.70 39.50 18.52
C VAL A 71 -7.23 38.20 17.97
N TRP A 72 -6.68 37.09 18.47
CA TRP A 72 -7.09 35.75 18.07
C TRP A 72 -7.68 35.04 19.28
N LYS A 73 -8.85 34.43 19.10
CA LYS A 73 -9.49 33.68 20.17
C LYS A 73 -10.16 32.45 19.58
N VAL A 74 -10.52 31.51 20.44
CA VAL A 74 -11.21 30.32 19.99
C VAL A 74 -12.70 30.64 19.96
N GLN A 75 -13.29 30.90 21.13
CA GLN A 75 -14.70 31.24 21.21
C GLN A 75 -14.92 32.74 21.31
N ARG A 76 -16.05 33.19 20.78
CA ARG A 76 -16.40 34.61 20.79
C ARG A 76 -16.18 35.23 22.16
N PRO A 77 -15.78 36.51 22.19
CA PRO A 77 -15.54 37.19 23.46
C PRO A 77 -16.86 37.33 24.23
N MET A 78 -16.78 37.37 25.55
CA MET A 78 -17.98 37.50 26.38
C MET A 78 -18.39 38.95 26.49
N THR A 79 -19.70 39.19 26.43
CA THR A 79 -20.24 40.55 26.53
C THR A 79 -20.48 40.95 27.98
N ALA A 80 -20.31 42.24 28.26
CA ALA A 80 -20.47 42.81 29.60
C ALA A 80 -21.54 42.15 30.46
N GLU A 81 -22.71 41.95 29.88
CA GLU A 81 -23.82 41.35 30.60
C GLU A 81 -23.58 39.91 31.06
N GLU A 82 -22.44 39.33 30.70
CA GLU A 82 -22.15 37.96 31.07
C GLU A 82 -20.93 37.72 31.96
N GLY A 83 -20.76 38.56 32.97
CA GLY A 83 -19.65 38.39 33.88
C GLY A 83 -18.46 39.29 33.60
N THR A 84 -18.08 39.37 32.33
CA THR A 84 -16.96 40.22 31.96
C THR A 84 -16.95 40.49 30.46
N ASP A 85 -17.06 41.75 30.09
CA ASP A 85 -17.04 42.13 28.68
C ASP A 85 -15.60 42.08 28.18
N GLU A 86 -15.17 40.90 27.75
CA GLU A 86 -13.82 40.75 27.24
C GLU A 86 -13.65 41.70 26.06
N VAL A 87 -14.79 42.10 25.48
CA VAL A 87 -14.80 43.02 24.36
C VAL A 87 -14.15 44.33 24.78
N ALA A 88 -14.61 44.87 25.92
CA ALA A 88 -14.09 46.13 26.45
C ALA A 88 -12.56 46.11 26.60
N LEU A 89 -11.97 44.93 26.52
CA LEU A 89 -10.52 44.80 26.67
C LEU A 89 -9.80 44.89 25.33
N ILE A 90 -10.56 44.78 24.25
CA ILE A 90 -9.99 44.86 22.91
C ILE A 90 -9.89 46.32 22.46
N LYS A 91 -8.70 46.73 22.08
CA LYS A 91 -8.46 48.10 21.64
C LYS A 91 -9.37 48.49 20.48
N GLU A 92 -9.94 49.69 20.56
CA GLU A 92 -10.85 50.16 19.51
C GLU A 92 -10.14 50.17 18.15
N GLY A 93 -10.85 49.78 17.11
CA GLY A 93 -10.28 49.76 15.78
C GLY A 93 -9.45 48.52 15.49
N ALA A 94 -9.21 47.71 16.51
CA ALA A 94 -8.43 46.48 16.34
C ALA A 94 -9.16 45.43 15.50
N VAL A 95 -8.46 44.36 15.15
CA VAL A 95 -9.00 43.27 14.34
C VAL A 95 -9.17 41.98 15.16
N LEU A 96 -10.34 41.34 15.06
CA LEU A 96 -10.59 40.11 15.81
C LEU A 96 -10.93 38.94 14.90
N MET A 97 -10.29 37.81 15.17
CA MET A 97 -10.51 36.59 14.40
C MET A 97 -10.78 35.47 15.40
N CYS A 98 -11.91 34.78 15.24
CA CYS A 98 -12.27 33.71 16.16
C CYS A 98 -13.57 33.10 15.69
N HIS A 99 -14.04 32.09 16.43
CA HIS A 99 -15.31 31.48 16.13
C HIS A 99 -16.25 32.46 16.82
N LEU A 100 -16.96 33.26 16.02
CA LEU A 100 -17.83 34.27 16.56
C LEU A 100 -19.28 33.85 16.75
N GLY A 101 -19.70 32.79 16.06
CA GLY A 101 -21.08 32.34 16.17
C GLY A 101 -21.98 33.50 15.82
N ALA A 102 -21.45 34.39 14.99
CA ALA A 102 -22.13 35.60 14.54
C ALA A 102 -23.62 35.45 14.22
N LEU A 103 -23.94 34.58 13.27
CA LEU A 103 -25.33 34.39 12.84
C LEU A 103 -26.34 34.00 13.92
N THR A 104 -25.88 33.84 15.16
CA THR A 104 -26.78 33.49 16.26
C THR A 104 -26.56 34.38 17.47
N ASN A 105 -25.51 35.21 17.42
CA ASN A 105 -25.21 36.13 18.52
C ASN A 105 -25.03 37.56 18.04
N ARG A 106 -26.14 38.29 17.95
CA ARG A 106 -26.10 39.69 17.53
C ARG A 106 -25.45 40.54 18.62
N PRO A 107 -25.80 40.30 19.89
CA PRO A 107 -25.24 41.05 21.03
C PRO A 107 -23.72 41.20 21.03
N VAL A 108 -23.00 40.11 20.75
CA VAL A 108 -21.55 40.19 20.73
C VAL A 108 -21.10 41.07 19.57
N VAL A 109 -21.79 40.94 18.44
CA VAL A 109 -21.48 41.71 17.25
C VAL A 109 -21.66 43.21 17.49
N GLU A 110 -22.73 43.58 18.21
CA GLU A 110 -23.01 44.98 18.50
C GLU A 110 -21.98 45.53 19.48
N ALA A 111 -21.58 44.71 20.45
CA ALA A 111 -20.60 45.14 21.45
C ALA A 111 -19.27 45.44 20.76
N LEU A 112 -18.94 44.65 19.74
CA LEU A 112 -17.71 44.83 19.00
C LEU A 112 -17.83 46.07 18.13
N THR A 113 -18.99 46.22 17.51
CA THR A 113 -19.28 47.36 16.63
C THR A 113 -19.21 48.70 17.37
N LYS A 114 -19.67 48.72 18.62
CA LYS A 114 -19.65 49.95 19.42
C LYS A 114 -18.22 50.37 19.70
N ARG A 115 -17.30 49.42 19.62
CA ARG A 115 -15.89 49.70 19.86
C ARG A 115 -15.13 49.84 18.55
N LYS A 116 -15.85 49.84 17.45
CA LYS A 116 -15.25 49.97 16.11
C LYS A 116 -14.28 48.84 15.81
N ILE A 117 -14.53 47.67 16.38
CA ILE A 117 -13.67 46.50 16.17
C ILE A 117 -14.09 45.74 14.92
N THR A 118 -13.13 45.42 14.06
CA THR A 118 -13.43 44.67 12.85
C THR A 118 -13.37 43.19 13.22
N ALA A 119 -14.45 42.46 12.98
CA ALA A 119 -14.51 41.06 13.34
C ALA A 119 -14.74 40.09 12.17
N TYR A 120 -13.94 39.04 12.13
CA TYR A 120 -14.05 38.02 11.10
C TYR A 120 -14.54 36.74 11.75
N ALA A 121 -15.75 36.33 11.40
CA ALA A 121 -16.35 35.13 11.97
C ALA A 121 -15.80 33.92 11.21
N MET A 122 -14.75 33.34 11.77
CA MET A 122 -14.07 32.20 11.14
C MET A 122 -15.00 31.04 10.77
N GLU A 123 -16.08 30.85 11.52
CA GLU A 123 -17.00 29.75 11.23
C GLU A 123 -17.74 29.98 9.92
N LEU A 124 -17.70 31.20 9.41
CA LEU A 124 -18.38 31.53 8.16
C LEU A 124 -17.48 31.32 6.93
N MET A 125 -16.25 30.85 7.16
CA MET A 125 -15.30 30.61 6.07
C MET A 125 -16.01 29.95 4.89
N PRO A 126 -15.86 30.50 3.67
CA PRO A 126 -16.49 29.97 2.45
C PRO A 126 -16.04 28.53 2.18
N ARG A 127 -16.96 27.70 1.70
CA ARG A 127 -16.63 26.31 1.42
C ARG A 127 -16.02 26.13 0.03
N ILE A 128 -14.88 26.78 -0.17
CA ILE A 128 -14.16 26.70 -1.43
C ILE A 128 -12.82 26.01 -1.19
N SER A 129 -12.31 25.31 -2.20
CA SER A 129 -11.04 24.59 -2.10
C SER A 129 -9.91 25.45 -1.53
N ARG A 130 -9.87 26.72 -1.92
CA ARG A 130 -8.84 27.64 -1.46
C ARG A 130 -8.84 27.82 0.06
N ALA A 131 -10.01 27.73 0.67
CA ALA A 131 -10.11 27.95 2.11
C ALA A 131 -9.97 26.72 3.00
N GLN A 132 -9.82 25.54 2.42
CA GLN A 132 -9.69 24.32 3.21
C GLN A 132 -8.73 24.45 4.39
N SER A 133 -7.57 25.06 4.16
CA SER A 133 -6.58 25.22 5.21
C SER A 133 -6.93 26.29 6.24
N MET A 134 -8.03 27.01 6.00
CA MET A 134 -8.47 28.08 6.89
C MET A 134 -9.75 27.70 7.63
N ASP A 135 -10.33 26.57 7.25
CA ASP A 135 -11.59 26.07 7.80
C ASP A 135 -11.55 25.46 9.20
N ILE A 136 -11.96 26.23 10.21
CA ILE A 136 -11.95 25.72 11.58
C ILE A 136 -13.03 24.66 11.82
N LEU A 137 -14.13 24.73 11.09
CA LEU A 137 -15.19 23.75 11.27
C LEU A 137 -14.67 22.35 10.93
N SER A 138 -13.93 22.24 9.82
CA SER A 138 -13.39 20.94 9.42
C SER A 138 -12.27 20.44 10.32
N SER A 139 -11.33 21.30 10.68
CA SER A 139 -10.21 20.89 11.54
C SER A 139 -10.70 20.43 12.91
N GLN A 140 -11.68 21.14 13.47
CA GLN A 140 -12.20 20.78 14.79
C GLN A 140 -13.14 19.59 14.75
N SER A 141 -13.97 19.51 13.71
CA SER A 141 -14.92 18.41 13.58
C SER A 141 -14.19 17.11 13.26
N ASN A 142 -13.06 17.20 12.56
CA ASN A 142 -12.29 16.02 12.22
C ASN A 142 -11.86 15.38 13.52
N LEU A 143 -11.35 16.19 14.45
CA LEU A 143 -10.92 15.68 15.74
C LEU A 143 -12.12 15.22 16.57
N ALA A 144 -13.27 15.86 16.37
CA ALA A 144 -14.48 15.49 17.08
C ALA A 144 -14.89 14.08 16.69
N GLY A 145 -14.76 13.78 15.40
CA GLY A 145 -15.11 12.45 14.91
C GLY A 145 -14.21 11.40 15.53
N TYR A 146 -12.93 11.75 15.68
CA TYR A 146 -11.98 10.83 16.29
C TYR A 146 -12.38 10.59 17.74
N ARG A 147 -12.58 11.69 18.46
CA ARG A 147 -12.92 11.65 19.88
C ARG A 147 -14.20 10.88 20.17
N ALA A 148 -15.18 10.96 19.28
CA ALA A 148 -16.43 10.24 19.48
C ALA A 148 -16.16 8.73 19.62
N VAL A 149 -15.23 8.22 18.81
CA VAL A 149 -14.89 6.80 18.85
C VAL A 149 -14.20 6.46 20.17
N ILE A 150 -13.32 7.35 20.62
CA ILE A 150 -12.62 7.14 21.87
C ILE A 150 -13.63 7.12 23.02
N ASP A 151 -14.49 8.14 23.08
CA ASP A 151 -15.49 8.19 24.13
C ASP A 151 -16.42 6.98 24.10
N GLY A 152 -16.78 6.53 22.90
CA GLY A 152 -17.65 5.37 22.77
C GLY A 152 -16.97 4.11 23.28
N ALA A 153 -15.72 3.90 22.86
CA ALA A 153 -14.96 2.73 23.31
C ALA A 153 -14.77 2.78 24.82
N TYR A 154 -14.61 3.99 25.35
CA TYR A 154 -14.43 4.17 26.79
C TYR A 154 -15.66 3.71 27.58
N GLU A 155 -16.84 4.12 27.13
CA GLU A 155 -18.10 3.76 27.80
C GLU A 155 -18.59 2.33 27.50
N PHE A 156 -18.05 1.74 26.44
CA PHE A 156 -18.43 0.39 26.01
C PHE A 156 -17.77 -0.68 26.89
N ALA A 157 -18.57 -1.63 27.38
CA ALA A 157 -18.05 -2.71 28.24
C ALA A 157 -17.47 -3.89 27.47
N ARG A 158 -17.24 -3.72 26.17
CA ARG A 158 -16.66 -4.78 25.36
C ARG A 158 -15.48 -4.21 24.59
N ALA A 159 -14.77 -5.09 23.88
CA ALA A 159 -13.62 -4.67 23.10
C ALA A 159 -14.05 -4.45 21.66
N PHE A 160 -13.44 -3.45 21.02
CA PHE A 160 -13.75 -3.13 19.63
C PHE A 160 -13.29 -4.19 18.63
N PRO A 161 -12.00 -4.56 18.67
CA PRO A 161 -11.46 -5.55 17.74
C PRO A 161 -11.87 -7.00 18.00
N MET A 162 -11.86 -7.80 16.93
CA MET A 162 -12.19 -9.20 17.05
C MET A 162 -11.00 -9.83 17.78
N MET A 163 -11.27 -10.71 18.74
CA MET A 163 -10.18 -11.34 19.45
C MET A 163 -10.28 -12.85 19.45
N MET A 164 -9.23 -13.48 18.93
CA MET A 164 -9.15 -14.93 18.88
C MET A 164 -8.16 -15.32 19.96
N THR A 165 -8.67 -15.99 20.99
CA THR A 165 -7.85 -16.41 22.13
C THR A 165 -8.02 -17.91 22.39
N ALA A 166 -7.36 -18.39 23.44
CA ALA A 166 -7.46 -19.80 23.80
C ALA A 166 -8.87 -20.12 24.31
N ALA A 167 -9.59 -19.08 24.75
CA ALA A 167 -10.94 -19.26 25.27
C ALA A 167 -12.02 -19.10 24.20
N GLY A 168 -11.60 -18.88 22.95
CA GLY A 168 -12.56 -18.73 21.87
C GLY A 168 -12.44 -17.43 21.10
N THR A 169 -13.26 -17.30 20.06
CA THR A 169 -13.25 -16.11 19.22
C THR A 169 -14.38 -15.16 19.62
N VAL A 170 -14.02 -13.91 19.89
CA VAL A 170 -15.00 -12.88 20.24
C VAL A 170 -15.14 -11.96 19.04
N PRO A 171 -16.36 -11.84 18.49
CA PRO A 171 -16.57 -10.98 17.33
C PRO A 171 -16.22 -9.52 17.58
N PRO A 172 -15.92 -8.76 16.50
CA PRO A 172 -15.58 -7.35 16.66
C PRO A 172 -16.83 -6.53 16.95
N ALA A 173 -16.63 -5.33 17.51
CA ALA A 173 -17.75 -4.45 17.83
C ALA A 173 -18.38 -4.00 16.51
N ARG A 174 -19.65 -3.63 16.55
CA ARG A 174 -20.33 -3.15 15.35
C ARG A 174 -20.62 -1.67 15.55
N VAL A 175 -20.15 -0.85 14.63
CA VAL A 175 -20.34 0.59 14.71
C VAL A 175 -21.21 1.10 13.56
N LEU A 176 -22.09 2.04 13.87
CA LEU A 176 -22.95 2.64 12.85
C LEU A 176 -22.82 4.15 12.94
N VAL A 177 -22.23 4.76 11.92
CA VAL A 177 -22.05 6.20 11.88
C VAL A 177 -23.16 6.88 11.08
N PHE A 178 -23.88 7.78 11.72
CA PHE A 178 -24.97 8.52 11.07
C PHE A 178 -24.43 9.86 10.61
N GLY A 179 -24.46 10.10 9.31
CA GLY A 179 -23.96 11.35 8.78
C GLY A 179 -22.49 11.22 8.42
N VAL A 180 -22.20 11.28 7.13
CA VAL A 180 -20.82 11.14 6.68
C VAL A 180 -20.18 12.43 6.22
N GLY A 181 -20.08 13.38 7.15
CA GLY A 181 -19.44 14.65 6.86
C GLY A 181 -18.04 14.49 7.41
N VAL A 182 -17.34 15.59 7.64
CA VAL A 182 -15.97 15.52 8.16
C VAL A 182 -15.88 14.66 9.44
N ALA A 183 -16.76 14.93 10.40
CA ALA A 183 -16.74 14.16 11.65
C ALA A 183 -17.06 12.69 11.42
N GLY A 184 -18.08 12.42 10.62
CA GLY A 184 -18.45 11.04 10.35
C GLY A 184 -17.32 10.26 9.70
N LEU A 185 -16.64 10.89 8.75
CA LEU A 185 -15.53 10.25 8.06
C LEU A 185 -14.44 9.83 9.04
N GLN A 186 -14.08 10.71 9.96
CA GLN A 186 -13.04 10.39 10.92
C GLN A 186 -13.51 9.31 11.89
N ALA A 187 -14.79 9.31 12.23
CA ALA A 187 -15.33 8.30 13.13
C ALA A 187 -15.21 6.92 12.47
N ILE A 188 -15.49 6.86 11.18
CA ILE A 188 -15.39 5.59 10.46
C ILE A 188 -13.92 5.13 10.46
N ALA A 189 -13.02 6.03 10.05
CA ALA A 189 -11.59 5.72 10.00
C ALA A 189 -11.05 5.22 11.34
N THR A 190 -11.36 5.95 12.41
CA THR A 190 -10.90 5.57 13.74
C THR A 190 -11.57 4.28 14.25
N ALA A 191 -12.85 4.11 13.96
CA ALA A 191 -13.56 2.91 14.38
C ALA A 191 -12.95 1.72 13.66
N LYS A 192 -12.57 1.93 12.40
CA LYS A 192 -11.95 0.89 11.59
C LYS A 192 -10.59 0.54 12.17
N ARG A 193 -9.81 1.57 12.50
CA ARG A 193 -8.49 1.36 13.08
C ARG A 193 -8.58 0.41 14.28
N LEU A 194 -9.59 0.62 15.11
CA LEU A 194 -9.80 -0.21 16.30
C LEU A 194 -10.33 -1.61 16.04
N GLY A 195 -10.54 -1.96 14.77
CA GLY A 195 -11.02 -3.29 14.43
C GLY A 195 -12.52 -3.54 14.40
N ALA A 196 -13.33 -2.48 14.46
CA ALA A 196 -14.77 -2.68 14.44
C ALA A 196 -15.28 -2.82 13.01
N VAL A 197 -16.44 -3.44 12.88
CA VAL A 197 -17.07 -3.56 11.57
C VAL A 197 -17.83 -2.24 11.54
N VAL A 198 -17.62 -1.44 10.51
CA VAL A 198 -18.26 -0.14 10.44
C VAL A 198 -19.30 0.05 9.34
N MET A 199 -20.51 0.44 9.75
CA MET A 199 -21.61 0.69 8.83
C MET A 199 -21.84 2.19 8.86
N ALA A 200 -22.41 2.74 7.78
CA ALA A 200 -22.67 4.17 7.75
C ALA A 200 -23.92 4.49 6.94
N THR A 201 -24.57 5.60 7.29
CA THR A 201 -25.77 6.01 6.58
C THR A 201 -25.85 7.53 6.52
N ASP A 202 -26.11 8.03 5.33
CA ASP A 202 -26.25 9.46 5.10
C ASP A 202 -27.08 9.63 3.83
N VAL A 203 -27.89 10.67 3.79
CA VAL A 203 -28.74 10.93 2.63
C VAL A 203 -27.98 11.11 1.31
N ARG A 204 -26.75 11.62 1.37
CA ARG A 204 -25.97 11.81 0.14
C ARG A 204 -25.46 10.46 -0.35
N ALA A 205 -25.55 10.23 -1.65
CA ALA A 205 -25.09 8.97 -2.24
C ALA A 205 -23.60 9.07 -2.56
N ALA A 206 -23.16 10.29 -2.85
CA ALA A 206 -21.75 10.54 -3.19
C ALA A 206 -20.88 10.20 -1.99
N THR A 207 -21.52 9.88 -0.86
CA THR A 207 -20.78 9.53 0.35
C THR A 207 -20.53 8.03 0.45
N LYS A 208 -21.29 7.22 -0.29
CA LYS A 208 -21.11 5.77 -0.27
C LYS A 208 -19.66 5.41 -0.65
N GLU A 209 -19.18 6.05 -1.71
CA GLU A 209 -17.83 5.83 -2.21
C GLU A 209 -16.77 6.18 -1.17
N GLN A 210 -17.02 7.25 -0.42
CA GLN A 210 -16.08 7.69 0.60
C GLN A 210 -16.05 6.67 1.74
N VAL A 211 -17.22 6.23 2.15
CA VAL A 211 -17.35 5.25 3.21
C VAL A 211 -16.59 3.97 2.88
N GLU A 212 -16.85 3.43 1.69
CA GLU A 212 -16.18 2.21 1.24
C GLU A 212 -14.67 2.38 1.16
N SER A 213 -14.23 3.56 0.76
CA SER A 213 -12.81 3.85 0.65
C SER A 213 -12.10 3.69 2.00
N LEU A 214 -12.86 3.84 3.08
CA LEU A 214 -12.29 3.71 4.42
C LEU A 214 -12.50 2.31 5.01
N GLY A 215 -13.17 1.45 4.25
CA GLY A 215 -13.43 0.11 4.73
C GLY A 215 -14.78 -0.03 5.39
N GLY A 216 -15.58 1.04 5.35
CA GLY A 216 -16.90 0.99 5.95
C GLY A 216 -17.95 0.54 4.95
N LYS A 217 -19.08 0.06 5.46
CA LYS A 217 -20.17 -0.41 4.60
C LYS A 217 -21.32 0.58 4.63
N PHE A 218 -21.83 0.93 3.45
CA PHE A 218 -22.92 1.87 3.33
C PHE A 218 -24.27 1.16 3.40
N ILE A 219 -25.14 1.61 4.30
CA ILE A 219 -26.48 1.02 4.45
C ILE A 219 -27.35 1.50 3.30
N THR A 220 -27.99 0.56 2.61
CA THR A 220 -28.84 0.91 1.47
C THR A 220 -29.98 -0.08 1.28
N VAL A 221 -30.89 0.27 0.38
CA VAL A 221 -32.03 -0.57 0.03
C VAL A 221 -32.27 -0.44 -1.46
N LYS A 245 -37.76 5.43 0.07
CA LYS A 245 -38.98 5.38 0.87
C LYS A 245 -38.65 4.99 2.31
N LYS A 246 -38.84 3.71 2.64
CA LYS A 246 -38.56 3.23 3.98
C LYS A 246 -37.10 2.82 4.13
N GLN A 247 -36.22 3.83 4.18
CA GLN A 247 -34.80 3.60 4.35
C GLN A 247 -34.62 3.17 5.80
N ALA A 248 -35.51 3.68 6.65
CA ALA A 248 -35.50 3.40 8.07
C ALA A 248 -35.44 1.90 8.37
N GLU A 249 -36.22 1.11 7.62
CA GLU A 249 -36.23 -0.32 7.84
C GLU A 249 -34.83 -0.90 7.69
N ALA A 250 -34.11 -0.47 6.67
CA ALA A 250 -32.77 -0.94 6.42
C ALA A 250 -31.85 -0.49 7.55
N VAL A 251 -32.05 0.74 8.00
CA VAL A 251 -31.25 1.32 9.07
C VAL A 251 -31.50 0.59 10.39
N LEU A 252 -32.77 0.48 10.77
CA LEU A 252 -33.14 -0.18 12.00
C LEU A 252 -32.58 -1.60 12.04
N LYS A 253 -32.62 -2.28 10.90
CA LYS A 253 -32.13 -3.65 10.81
C LYS A 253 -30.66 -3.69 11.26
N GLU A 254 -29.89 -2.68 10.89
CA GLU A 254 -28.48 -2.62 11.28
C GLU A 254 -28.32 -2.10 12.71
N LEU A 255 -29.21 -1.19 13.10
CA LEU A 255 -29.15 -0.62 14.45
C LEU A 255 -29.35 -1.66 15.55
N VAL A 256 -30.26 -2.61 15.34
CA VAL A 256 -30.51 -3.63 16.35
C VAL A 256 -29.29 -4.53 16.58
N LYS A 257 -28.33 -4.48 15.66
CA LYS A 257 -27.11 -5.28 15.78
C LYS A 257 -25.92 -4.41 16.17
N THR A 258 -26.13 -3.10 16.15
CA THR A 258 -25.07 -2.14 16.46
C THR A 258 -24.71 -2.01 17.94
N ASP A 259 -23.41 -1.90 18.20
CA ASP A 259 -22.92 -1.74 19.56
C ASP A 259 -22.68 -0.27 19.87
N ILE A 260 -22.14 0.46 18.89
CA ILE A 260 -21.85 1.87 19.07
C ILE A 260 -22.42 2.71 17.92
N ALA A 261 -23.38 3.57 18.22
CA ALA A 261 -23.96 4.44 17.21
C ALA A 261 -23.42 5.85 17.40
N ILE A 262 -22.81 6.40 16.35
CA ILE A 262 -22.25 7.75 16.41
C ILE A 262 -23.04 8.67 15.47
N THR A 263 -23.69 9.70 16.04
CA THR A 263 -24.48 10.62 15.22
C THR A 263 -23.73 11.94 15.06
N THR A 264 -23.64 12.44 13.83
CA THR A 264 -22.87 13.65 13.59
C THR A 264 -23.56 14.76 12.78
N ALA A 265 -24.85 14.60 12.49
CA ALA A 265 -25.54 15.60 11.67
C ALA A 265 -25.91 16.92 12.34
N LEU A 266 -25.36 18.01 11.80
CA LEU A 266 -25.63 19.36 12.30
C LEU A 266 -25.99 20.30 11.15
N ILE A 267 -27.15 20.95 11.27
CA ILE A 267 -27.61 21.88 10.24
C ILE A 267 -27.26 23.30 10.68
N PRO A 268 -26.68 24.10 9.77
CA PRO A 268 -26.30 25.48 10.07
C PRO A 268 -27.34 26.33 10.80
N GLY A 269 -27.02 26.70 12.04
CA GLY A 269 -27.91 27.51 12.85
C GLY A 269 -29.34 27.01 12.97
N LYS A 270 -29.52 25.69 12.92
CA LYS A 270 -30.85 25.10 13.04
C LYS A 270 -30.81 23.91 13.99
N PRO A 271 -31.98 23.46 14.46
CA PRO A 271 -32.03 22.31 15.38
C PRO A 271 -31.49 21.07 14.67
N ALA A 272 -30.66 20.29 15.36
CA ALA A 272 -30.10 19.09 14.76
C ALA A 272 -31.21 18.16 14.33
N PRO A 273 -31.04 17.50 13.18
CA PRO A 273 -32.09 16.58 12.74
C PRO A 273 -32.10 15.38 13.68
N VAL A 274 -33.28 14.81 13.90
CA VAL A 274 -33.41 13.65 14.78
C VAL A 274 -33.16 12.43 13.91
N LEU A 275 -32.17 11.62 14.28
CA LEU A 275 -31.81 10.43 13.52
C LEU A 275 -32.06 9.11 14.26
N ILE A 276 -32.08 9.17 15.59
CA ILE A 276 -32.32 7.98 16.41
C ILE A 276 -33.39 8.30 17.43
N THR A 277 -34.61 7.83 17.17
CA THR A 277 -35.74 8.08 18.05
C THR A 277 -35.67 7.22 19.30
N GLU A 278 -36.51 7.54 20.30
CA GLU A 278 -36.51 6.74 21.51
C GLU A 278 -36.98 5.33 21.19
N GLU A 279 -37.93 5.24 20.27
CA GLU A 279 -38.46 3.94 19.85
C GLU A 279 -37.34 3.08 19.29
N MET A 280 -36.46 3.68 18.51
CA MET A 280 -35.33 2.98 17.93
C MET A 280 -34.38 2.52 19.04
N VAL A 281 -34.14 3.41 19.99
CA VAL A 281 -33.25 3.11 21.12
C VAL A 281 -33.70 1.86 21.89
N THR A 282 -35.01 1.69 22.04
CA THR A 282 -35.55 0.53 22.76
C THR A 282 -35.32 -0.79 22.04
N LYS A 283 -34.93 -0.73 20.78
CA LYS A 283 -34.67 -1.94 20.00
C LYS A 283 -33.20 -2.36 20.03
N MET A 284 -32.35 -1.52 20.61
CA MET A 284 -30.92 -1.81 20.68
C MET A 284 -30.55 -2.77 21.80
N LYS A 285 -29.36 -3.36 21.67
CA LYS A 285 -28.84 -4.33 22.64
C LYS A 285 -28.43 -3.68 23.96
N PRO A 286 -28.69 -4.36 25.09
CA PRO A 286 -28.30 -3.77 26.37
C PRO A 286 -26.79 -3.57 26.33
N GLY A 287 -26.32 -2.49 26.94
CA GLY A 287 -24.89 -2.21 26.93
C GLY A 287 -24.45 -1.41 25.73
N SER A 288 -25.36 -1.16 24.78
CA SER A 288 -25.01 -0.40 23.59
C SER A 288 -24.73 1.05 23.96
N VAL A 289 -23.99 1.75 23.10
CA VAL A 289 -23.63 3.13 23.37
C VAL A 289 -23.91 4.05 22.19
N ILE A 290 -24.50 5.21 22.49
CA ILE A 290 -24.80 6.21 21.48
C ILE A 290 -24.04 7.49 21.77
N ILE A 291 -23.23 7.94 20.82
CA ILE A 291 -22.48 9.19 20.98
C ILE A 291 -23.20 10.22 20.09
N ASP A 292 -23.83 11.20 20.73
CA ASP A 292 -24.58 12.25 20.02
C ASP A 292 -23.75 13.51 19.91
N LEU A 293 -22.99 13.65 18.83
CA LEU A 293 -22.15 14.82 18.64
C LEU A 293 -22.95 16.10 18.38
N ALA A 294 -24.25 15.95 18.16
CA ALA A 294 -25.13 17.09 17.90
C ALA A 294 -25.94 17.50 19.13
N VAL A 295 -25.58 16.95 20.28
CA VAL A 295 -26.28 17.25 21.53
C VAL A 295 -26.49 18.75 21.81
N GLU A 296 -25.51 19.59 21.49
CA GLU A 296 -25.62 21.02 21.75
C GLU A 296 -26.67 21.73 20.88
N ALA A 297 -26.98 21.16 19.72
CA ALA A 297 -27.96 21.75 18.83
C ALA A 297 -29.31 21.05 18.93
N GLY A 298 -29.51 20.32 20.03
CA GLY A 298 -30.76 19.61 20.22
C GLY A 298 -30.57 18.10 20.24
N GLY A 299 -29.51 17.64 19.59
CA GLY A 299 -29.21 16.22 19.55
C GLY A 299 -29.87 15.42 18.44
N ASN A 300 -29.16 14.44 17.92
CA ASN A 300 -29.70 13.56 16.89
C ASN A 300 -30.57 12.53 17.56
N CYS A 301 -30.46 12.44 18.89
CA CYS A 301 -31.24 11.50 19.68
C CYS A 301 -31.91 12.31 20.79
N PRO A 302 -33.25 12.32 20.84
CA PRO A 302 -33.99 13.07 21.85
C PRO A 302 -33.74 12.72 23.32
N LEU A 303 -33.04 11.62 23.57
CA LEU A 303 -32.75 11.23 24.96
C LEU A 303 -31.46 11.86 25.48
N SER A 304 -30.65 12.43 24.59
CA SER A 304 -29.39 13.02 25.04
C SER A 304 -29.56 14.35 25.77
N GLU A 305 -28.68 14.59 26.73
CA GLU A 305 -28.67 15.81 27.51
C GLU A 305 -27.26 16.38 27.52
N PRO A 306 -27.11 17.66 27.20
CA PRO A 306 -25.79 18.30 27.20
C PRO A 306 -24.96 18.00 28.44
N GLY A 307 -23.71 17.59 28.22
CA GLY A 307 -22.79 17.31 29.31
C GLY A 307 -23.07 16.10 30.17
N LYS A 308 -24.01 15.25 29.76
CA LYS A 308 -24.34 14.08 30.56
C LYS A 308 -24.32 12.77 29.79
N ILE A 309 -24.25 11.67 30.54
CA ILE A 309 -24.29 10.32 29.98
C ILE A 309 -25.59 9.75 30.54
N VAL A 310 -26.61 9.66 29.71
CA VAL A 310 -27.91 9.15 30.14
C VAL A 310 -28.04 7.66 29.86
N VAL A 311 -28.58 6.93 30.82
CA VAL A 311 -28.80 5.50 30.62
C VAL A 311 -30.29 5.31 30.49
N LYS A 312 -30.71 4.74 29.38
CA LYS A 312 -32.12 4.53 29.12
C LYS A 312 -32.32 3.27 28.29
N HIS A 313 -33.22 2.41 28.75
CA HIS A 313 -33.49 1.18 28.02
C HIS A 313 -32.22 0.34 27.89
N GLY A 314 -31.37 0.41 28.91
CA GLY A 314 -30.12 -0.34 28.93
C GLY A 314 -29.06 0.19 27.99
N VAL A 315 -29.31 1.36 27.41
CA VAL A 315 -28.37 1.96 26.48
C VAL A 315 -27.82 3.27 27.02
N LYS A 316 -26.52 3.51 26.79
CA LYS A 316 -25.87 4.73 27.24
C LYS A 316 -25.93 5.78 26.12
N ILE A 317 -26.55 6.92 26.41
CA ILE A 317 -26.62 8.00 25.42
C ILE A 317 -25.67 9.07 25.95
N VAL A 318 -24.55 9.24 25.25
CA VAL A 318 -23.51 10.18 25.65
C VAL A 318 -23.62 11.51 24.92
N GLY A 319 -23.67 12.61 25.68
CA GLY A 319 -23.80 13.92 25.07
C GLY A 319 -22.80 14.93 25.58
N HIS A 320 -21.51 14.62 25.47
CA HIS A 320 -20.48 15.54 25.93
C HIS A 320 -20.54 16.84 25.13
N THR A 321 -20.25 17.95 25.80
CA THR A 321 -20.24 19.25 25.15
C THR A 321 -18.82 19.59 24.70
N ASN A 322 -18.70 20.48 23.73
CA ASN A 322 -17.40 20.93 23.22
C ASN A 322 -16.42 19.78 23.03
N VAL A 323 -16.83 18.76 22.28
CA VAL A 323 -15.99 17.60 22.03
C VAL A 323 -14.60 17.96 21.51
N PRO A 324 -14.50 18.94 20.60
CA PRO A 324 -13.12 19.24 20.16
C PRO A 324 -12.19 19.65 21.29
N SER A 325 -12.74 20.19 22.38
CA SER A 325 -11.92 20.58 23.52
C SER A 325 -11.43 19.32 24.26
N ARG A 326 -12.13 18.20 24.04
CA ARG A 326 -11.72 16.93 24.65
C ARG A 326 -10.42 16.47 23.98
N VAL A 327 -10.04 17.18 22.91
CA VAL A 327 -8.82 16.90 22.16
C VAL A 327 -8.08 18.24 22.00
N ALA A 328 -8.09 19.04 23.06
CA ALA A 328 -7.48 20.37 23.04
C ALA A 328 -6.02 20.52 22.64
N ALA A 329 -5.18 19.55 23.01
CA ALA A 329 -3.76 19.61 22.71
C ALA A 329 -3.47 19.45 21.20
N ASP A 330 -4.40 18.86 20.46
CA ASP A 330 -4.22 18.71 19.03
C ASP A 330 -5.15 19.71 18.30
N ALA A 331 -6.27 20.03 18.93
CA ALA A 331 -7.23 20.96 18.33
C ALA A 331 -6.67 22.38 18.28
N SER A 332 -5.94 22.77 19.32
CA SER A 332 -5.38 24.13 19.38
C SER A 332 -4.35 24.41 18.28
N PRO A 333 -3.38 23.51 18.09
CA PRO A 333 -2.37 23.72 17.06
C PRO A 333 -2.99 23.90 15.66
N LEU A 334 -4.05 23.12 15.38
CA LEU A 334 -4.73 23.20 14.09
C LEU A 334 -5.56 24.48 13.97
N PHE A 335 -6.24 24.85 15.04
CA PHE A 335 -7.06 26.05 15.05
C PHE A 335 -6.17 27.28 14.80
N ALA A 336 -5.00 27.29 15.42
CA ALA A 336 -4.06 28.40 15.27
C ALA A 336 -3.55 28.47 13.84
N LYS A 337 -3.36 27.30 13.24
CA LYS A 337 -2.89 27.23 11.86
C LYS A 337 -3.97 27.72 10.89
N ASN A 338 -5.24 27.44 11.19
CA ASN A 338 -6.34 27.91 10.34
C ASN A 338 -6.29 29.44 10.34
N LEU A 339 -6.12 30.01 11.52
CA LEU A 339 -6.05 31.46 11.68
C LEU A 339 -4.86 32.05 10.92
N LEU A 340 -3.70 31.41 11.06
CA LEU A 340 -2.49 31.85 10.37
C LEU A 340 -2.69 31.81 8.86
N ASN A 341 -3.20 30.69 8.36
CA ASN A 341 -3.42 30.53 6.93
C ASN A 341 -4.38 31.61 6.40
N PHE A 342 -5.35 32.00 7.21
CA PHE A 342 -6.31 33.02 6.80
C PHE A 342 -5.71 34.43 6.82
N LEU A 343 -4.88 34.72 7.80
CA LEU A 343 -4.28 36.06 7.94
C LEU A 343 -3.05 36.33 7.07
N THR A 344 -2.17 35.34 6.96
CA THR A 344 -0.93 35.47 6.21
C THR A 344 -0.95 36.19 4.86
N PRO A 345 -1.86 35.81 3.95
CA PRO A 345 -1.94 36.47 2.63
C PRO A 345 -2.24 37.97 2.67
N HIS A 346 -2.64 38.48 3.83
CA HIS A 346 -2.99 39.89 3.94
C HIS A 346 -1.93 40.79 4.58
N VAL A 347 -0.73 40.28 4.84
CA VAL A 347 0.41 41.08 5.27
C VAL A 347 1.06 41.60 3.99
N ASP A 348 1.11 42.82 3.98
CA ASP A 348 1.60 43.76 2.98
C ASP A 348 2.75 44.13 3.32
N LYS A 349 3.41 43.66 2.01
CA LYS A 349 4.89 43.75 1.93
C LYS A 349 5.19 45.20 1.50
N ASP A 350 4.34 46.15 1.96
CA ASP A 350 4.45 47.58 1.54
C ASP A 350 4.13 48.60 2.62
N THR A 351 2.90 48.59 3.11
CA THR A 351 2.67 49.11 4.45
C THR A 351 3.34 48.24 5.53
N LYS A 352 3.88 47.12 5.14
CA LYS A 352 4.63 46.25 6.10
C LYS A 352 3.70 46.00 7.28
N THR A 353 2.40 46.14 6.98
CA THR A 353 1.37 45.97 7.99
C THR A 353 0.31 44.98 7.49
N LEU A 354 -0.83 44.91 8.19
CA LEU A 354 -1.91 44.01 7.82
C LEU A 354 -3.05 44.76 7.13
N VAL A 355 -3.32 44.40 5.88
CA VAL A 355 -4.40 45.01 5.13
C VAL A 355 -5.28 43.93 4.55
N MET A 356 -6.44 43.71 5.16
CA MET A 356 -7.37 42.68 4.71
C MET A 356 -7.99 43.05 3.36
N LYS A 357 -7.57 42.35 2.32
CA LYS A 357 -8.05 42.57 0.95
C LYS A 357 -9.57 42.39 0.87
N LEU A 358 -10.28 43.50 0.69
CA LEU A 358 -11.73 43.48 0.61
C LEU A 358 -12.31 42.57 -0.48
N GLU A 359 -11.63 42.46 -1.61
CA GLU A 359 -12.13 41.61 -2.69
C GLU A 359 -11.90 40.12 -2.48
N ASP A 360 -11.05 39.77 -1.52
CA ASP A 360 -10.74 38.37 -1.22
C ASP A 360 -12.01 37.62 -0.81
N GLU A 361 -12.27 36.49 -1.45
CA GLU A 361 -13.44 35.68 -1.16
C GLU A 361 -13.57 35.27 0.32
N THR A 362 -12.45 35.09 1.01
CA THR A 362 -12.51 34.70 2.41
C THR A 362 -12.72 35.87 3.35
N VAL A 363 -12.31 37.06 2.93
CA VAL A 363 -12.48 38.26 3.74
C VAL A 363 -13.94 38.69 3.63
N SER A 364 -14.45 38.62 2.41
CA SER A 364 -15.82 39.00 2.14
C SER A 364 -16.79 38.03 2.82
N GLY A 365 -16.40 36.76 2.88
CA GLY A 365 -17.25 35.75 3.50
C GLY A 365 -17.25 35.68 5.01
N THR A 366 -16.24 36.24 5.67
CA THR A 366 -16.19 36.16 7.13
C THR A 366 -16.42 37.46 7.91
N CYS A 367 -16.16 38.61 7.30
CA CYS A 367 -16.37 39.87 8.01
C CYS A 367 -17.83 40.14 8.32
N VAL A 368 -18.12 40.37 9.60
CA VAL A 368 -19.50 40.62 10.04
C VAL A 368 -19.70 42.05 10.53
N THR A 369 -18.60 42.74 10.82
CA THR A 369 -18.65 44.12 11.28
C THR A 369 -17.28 44.76 11.07
N ARG A 370 -17.28 45.98 10.55
CA ARG A 370 -16.03 46.70 10.29
C ARG A 370 -16.15 48.19 10.55
N ASP A 371 -15.18 48.70 11.31
CA ASP A 371 -15.12 50.14 11.60
C ASP A 371 -16.42 50.74 12.02
N GLY A 372 -17.15 50.00 12.88
CA GLY A 372 -18.29 50.67 13.49
C GLY A 372 -19.48 50.67 12.54
N ALA A 373 -19.38 49.61 11.71
CA ALA A 373 -20.53 49.24 10.86
C ALA A 373 -20.79 47.75 10.83
N ILE A 374 -21.97 47.39 10.31
CA ILE A 374 -22.34 46.02 10.15
C ILE A 374 -22.09 45.43 8.80
N VAL A 375 -21.82 44.17 8.81
CA VAL A 375 -21.28 43.31 7.81
C VAL A 375 -22.07 42.16 7.31
N HIS A 376 -22.80 42.29 6.16
CA HIS A 376 -23.05 41.19 5.31
C HIS A 376 -24.52 40.92 4.88
N PRO A 377 -25.41 41.34 5.89
CA PRO A 377 -26.60 42.15 5.40
C PRO A 377 -25.92 43.37 4.70
N MET B 1 -27.96 -31.66 41.18
CA MET B 1 -27.66 -31.55 39.69
C MET B 1 -27.83 -30.14 39.27
N LYS B 2 -27.55 -29.32 40.27
CA LYS B 2 -27.75 -27.89 40.12
C LYS B 2 -26.45 -27.11 40.20
N ILE B 3 -26.30 -26.12 39.32
CA ILE B 3 -25.13 -25.27 39.32
C ILE B 3 -25.69 -23.86 39.52
N ALA B 4 -25.09 -23.09 40.43
CA ALA B 4 -25.60 -21.75 40.70
C ALA B 4 -24.55 -20.65 40.55
N ILE B 5 -24.99 -19.50 40.05
CA ILE B 5 -24.12 -18.35 39.84
C ILE B 5 -24.72 -17.12 40.51
N PRO B 6 -24.07 -16.63 41.56
CA PRO B 6 -24.56 -15.44 42.28
C PRO B 6 -24.06 -14.14 41.66
N LYS B 7 -24.62 -13.02 42.13
CA LYS B 7 -24.17 -11.72 41.64
C LYS B 7 -22.88 -11.45 42.43
N GLU B 8 -21.91 -10.79 41.80
CA GLU B 8 -20.66 -10.46 42.48
C GLU B 8 -20.93 -9.32 43.45
N ARG B 9 -20.60 -9.54 44.71
CA ARG B 9 -20.86 -8.56 45.76
C ARG B 9 -19.69 -7.65 46.13
N ARG B 10 -18.45 -8.08 45.91
CA ARG B 10 -17.30 -7.23 46.26
C ARG B 10 -17.32 -5.92 45.48
N PRO B 11 -16.96 -4.81 46.12
CA PRO B 11 -16.94 -3.51 45.45
C PRO B 11 -16.02 -3.46 44.25
N GLY B 12 -16.52 -2.91 43.15
CA GLY B 12 -15.72 -2.80 41.94
C GLY B 12 -15.86 -3.95 40.98
N GLU B 13 -16.61 -4.98 41.35
CA GLU B 13 -16.77 -6.14 40.49
C GLU B 13 -18.09 -6.15 39.74
N ASP B 14 -18.00 -6.05 38.41
CA ASP B 14 -19.18 -6.05 37.56
C ASP B 14 -19.25 -7.26 36.62
N ARG B 15 -18.26 -8.14 36.70
CA ARG B 15 -18.25 -9.34 35.88
C ARG B 15 -19.21 -10.35 36.52
N VAL B 16 -19.56 -11.39 35.79
CA VAL B 16 -20.42 -12.46 36.29
C VAL B 16 -19.88 -13.76 35.69
N ALA B 17 -19.91 -14.85 36.46
CA ALA B 17 -19.41 -16.14 35.99
C ALA B 17 -20.40 -16.95 35.14
N ILE B 18 -21.00 -16.31 34.15
CA ILE B 18 -21.96 -17.02 33.31
C ILE B 18 -22.27 -16.21 32.05
N SER B 19 -22.89 -16.86 31.07
CA SER B 19 -23.29 -16.20 29.83
C SER B 19 -24.40 -17.07 29.25
N PRO B 20 -25.27 -16.48 28.40
CA PRO B 20 -26.37 -17.26 27.81
C PRO B 20 -25.89 -18.52 27.06
N GLU B 21 -24.82 -18.39 26.29
CA GLU B 21 -24.33 -19.55 25.55
C GLU B 21 -23.80 -20.66 26.46
N VAL B 22 -23.20 -20.28 27.59
CA VAL B 22 -22.69 -21.30 28.51
C VAL B 22 -23.84 -21.94 29.27
N VAL B 23 -24.90 -21.16 29.51
CA VAL B 23 -26.08 -21.69 30.18
C VAL B 23 -26.62 -22.84 29.31
N LYS B 24 -26.69 -22.60 28.00
CA LYS B 24 -27.20 -23.60 27.07
C LYS B 24 -26.36 -24.88 27.08
N LYS B 25 -25.04 -24.72 27.12
CA LYS B 25 -24.15 -25.88 27.15
C LYS B 25 -24.31 -26.64 28.47
N LEU B 26 -24.47 -25.90 29.56
CA LEU B 26 -24.65 -26.49 30.88
C LEU B 26 -25.95 -27.26 30.94
N VAL B 27 -27.01 -26.70 30.36
CA VAL B 27 -28.30 -27.38 30.36
C VAL B 27 -28.17 -28.64 29.52
N GLY B 28 -27.43 -28.52 28.42
CA GLY B 28 -27.22 -29.66 27.54
C GLY B 28 -26.50 -30.79 28.26
N LEU B 29 -25.68 -30.46 29.25
CA LEU B 29 -24.94 -31.48 30.00
C LEU B 29 -25.80 -32.14 31.07
N GLY B 30 -26.99 -31.59 31.30
CA GLY B 30 -27.88 -32.16 32.29
C GLY B 30 -28.01 -31.34 33.56
N PHE B 31 -27.50 -30.11 33.54
CA PHE B 31 -27.57 -29.25 34.71
C PHE B 31 -28.82 -28.38 34.76
N GLU B 32 -29.22 -28.07 35.98
CA GLU B 32 -30.31 -27.13 36.22
C GLU B 32 -29.42 -25.91 36.47
N VAL B 33 -29.65 -24.80 35.78
CA VAL B 33 -28.81 -23.62 35.97
C VAL B 33 -29.57 -22.49 36.65
N ILE B 34 -29.10 -22.07 37.82
CA ILE B 34 -29.75 -21.02 38.61
C ILE B 34 -28.86 -19.78 38.73
N VAL B 35 -29.42 -18.63 38.38
CA VAL B 35 -28.68 -17.38 38.45
C VAL B 35 -29.43 -16.38 39.33
N GLU B 36 -28.69 -15.65 40.17
CA GLU B 36 -29.31 -14.67 41.03
C GLU B 36 -29.76 -13.50 40.17
N GLN B 37 -30.93 -12.97 40.50
CA GLN B 37 -31.51 -11.85 39.79
C GLN B 37 -30.53 -10.69 39.61
N GLY B 38 -30.41 -10.21 38.38
CA GLY B 38 -29.53 -9.10 38.08
C GLY B 38 -28.04 -9.37 38.12
N ALA B 39 -27.63 -10.63 38.32
CA ALA B 39 -26.21 -10.95 38.39
C ALA B 39 -25.40 -10.52 37.17
N GLY B 40 -26.02 -10.53 36.01
CA GLY B 40 -25.30 -10.18 34.80
C GLY B 40 -25.50 -8.78 34.23
N VAL B 41 -26.35 -7.98 34.87
CA VAL B 41 -26.63 -6.63 34.40
C VAL B 41 -25.36 -5.80 34.14
N GLY B 42 -24.38 -5.93 35.02
CA GLY B 42 -23.14 -5.19 34.83
C GLY B 42 -22.38 -5.59 33.59
N ALA B 43 -22.58 -6.84 33.16
CA ALA B 43 -21.91 -7.39 31.98
C ALA B 43 -22.85 -7.40 30.77
N SER B 44 -23.91 -6.60 30.84
CA SER B 44 -24.88 -6.49 29.76
C SER B 44 -25.63 -7.80 29.50
N ILE B 45 -25.78 -8.60 30.56
CA ILE B 45 -26.50 -9.87 30.46
C ILE B 45 -27.76 -9.75 31.33
N THR B 46 -28.91 -9.60 30.67
CA THR B 46 -30.19 -9.46 31.39
C THR B 46 -30.72 -10.79 31.93
N ASP B 47 -31.65 -10.71 32.87
CA ASP B 47 -32.25 -11.92 33.43
C ASP B 47 -33.02 -12.66 32.34
N ASP B 48 -33.70 -11.92 31.48
CA ASP B 48 -34.48 -12.54 30.42
C ASP B 48 -33.61 -13.18 29.34
N ALA B 49 -32.37 -12.71 29.19
CA ALA B 49 -31.47 -13.31 28.21
C ALA B 49 -31.05 -14.67 28.80
N LEU B 50 -30.89 -14.71 30.13
CA LEU B 50 -30.50 -15.94 30.84
C LEU B 50 -31.61 -16.99 30.84
N THR B 51 -32.85 -16.57 31.13
CA THR B 51 -33.96 -17.52 31.15
C THR B 51 -34.29 -18.01 29.75
N ALA B 52 -34.10 -17.17 28.73
CA ALA B 52 -34.36 -17.59 27.37
C ALA B 52 -33.40 -18.72 26.99
N ALA B 53 -32.24 -18.72 27.65
CA ALA B 53 -31.22 -19.72 27.41
C ALA B 53 -31.45 -21.01 28.18
N GLY B 54 -32.37 -20.98 29.15
CA GLY B 54 -32.64 -22.19 29.91
C GLY B 54 -32.38 -22.06 31.40
N ALA B 55 -31.90 -20.90 31.84
CA ALA B 55 -31.61 -20.70 33.25
C ALA B 55 -32.86 -20.28 34.02
N THR B 56 -32.82 -20.46 35.33
CA THR B 56 -33.92 -20.04 36.18
C THR B 56 -33.34 -18.95 37.06
N ILE B 57 -34.17 -17.99 37.44
CA ILE B 57 -33.73 -16.87 38.25
C ILE B 57 -34.17 -16.96 39.71
N ALA B 58 -33.19 -16.80 40.61
CA ALA B 58 -33.41 -16.83 42.04
C ALA B 58 -33.39 -15.38 42.51
N SER B 59 -34.25 -15.03 43.46
CA SER B 59 -34.31 -13.65 43.94
C SER B 59 -33.11 -13.18 44.75
N THR B 60 -32.43 -14.08 45.43
CA THR B 60 -31.25 -13.71 46.24
C THR B 60 -30.15 -14.75 46.10
N ALA B 61 -28.96 -14.40 46.58
CA ALA B 61 -27.81 -15.30 46.52
C ALA B 61 -28.06 -16.54 47.38
N ALA B 62 -28.71 -16.35 48.52
CA ALA B 62 -28.98 -17.47 49.41
C ALA B 62 -29.90 -18.51 48.74
N GLN B 63 -30.93 -18.02 48.05
CA GLN B 63 -31.86 -18.93 47.38
C GLN B 63 -31.19 -19.59 46.17
N ALA B 64 -30.36 -18.83 45.47
CA ALA B 64 -29.67 -19.34 44.30
C ALA B 64 -28.73 -20.50 44.66
N LEU B 65 -28.00 -20.35 45.75
CA LEU B 65 -27.04 -21.38 46.16
C LEU B 65 -27.54 -22.43 47.15
N SER B 66 -28.71 -22.21 47.74
CA SER B 66 -29.25 -23.13 48.75
C SER B 66 -29.10 -24.62 48.46
N GLN B 67 -29.43 -25.04 47.24
CA GLN B 67 -29.34 -26.46 46.89
C GLN B 67 -28.41 -26.75 45.72
N ALA B 68 -27.45 -25.85 45.49
CA ALA B 68 -26.51 -26.01 44.38
C ALA B 68 -25.37 -26.97 44.70
N ASP B 69 -25.14 -27.91 43.77
CA ASP B 69 -24.08 -28.90 43.91
C ASP B 69 -22.78 -28.26 43.47
N VAL B 70 -22.90 -27.30 42.55
CA VAL B 70 -21.76 -26.58 42.02
C VAL B 70 -22.02 -25.08 42.03
N VAL B 71 -21.01 -24.32 42.43
CA VAL B 71 -21.14 -22.86 42.46
C VAL B 71 -19.99 -22.27 41.67
N TRP B 72 -20.33 -21.34 40.79
CA TRP B 72 -19.36 -20.64 39.95
C TRP B 72 -19.46 -19.17 40.32
N LYS B 73 -18.33 -18.55 40.62
CA LYS B 73 -18.28 -17.11 40.95
C LYS B 73 -17.08 -16.56 40.24
N VAL B 74 -16.95 -15.24 40.26
CA VAL B 74 -15.80 -14.61 39.65
C VAL B 74 -14.75 -14.45 40.76
N GLN B 75 -15.05 -13.61 41.76
CA GLN B 75 -14.12 -13.42 42.86
C GLN B 75 -14.46 -14.32 44.04
N ARG B 76 -13.47 -14.56 44.89
CA ARG B 76 -13.66 -15.42 46.05
C ARG B 76 -14.84 -14.95 46.90
N PRO B 77 -15.54 -15.90 47.53
CA PRO B 77 -16.68 -15.53 48.37
C PRO B 77 -16.24 -14.76 49.61
N MET B 78 -17.11 -13.89 50.09
CA MET B 78 -16.85 -13.08 51.28
C MET B 78 -17.09 -13.90 52.55
N THR B 79 -16.31 -13.62 53.59
CA THR B 79 -16.47 -14.32 54.85
C THR B 79 -17.25 -13.42 55.80
N ALA B 80 -17.78 -14.00 56.87
CA ALA B 80 -18.55 -13.22 57.84
C ALA B 80 -17.75 -11.99 58.29
N GLU B 81 -16.44 -12.17 58.40
CA GLU B 81 -15.55 -11.09 58.84
C GLU B 81 -15.50 -9.91 57.86
N GLU B 82 -15.78 -10.17 56.59
CA GLU B 82 -15.74 -9.12 55.58
C GLU B 82 -17.10 -8.46 55.36
N GLY B 83 -18.13 -9.04 55.97
CA GLY B 83 -19.48 -8.50 55.82
C GLY B 83 -20.48 -9.62 55.65
N THR B 84 -20.93 -9.83 54.41
CA THR B 84 -21.89 -10.89 54.12
C THR B 84 -21.16 -12.23 54.05
N ASP B 85 -21.59 -13.19 54.86
CA ASP B 85 -20.94 -14.49 54.84
C ASP B 85 -21.45 -15.33 53.67
N GLU B 86 -20.82 -15.17 52.51
CA GLU B 86 -21.24 -15.92 51.32
C GLU B 86 -20.81 -17.37 51.43
N VAL B 87 -19.70 -17.62 52.14
CA VAL B 87 -19.23 -18.99 52.30
C VAL B 87 -20.35 -19.83 52.94
N ALA B 88 -21.06 -19.22 53.89
CA ALA B 88 -22.16 -19.91 54.57
C ALA B 88 -23.33 -20.26 53.64
N LEU B 89 -23.48 -19.51 52.55
CA LEU B 89 -24.56 -19.77 51.61
C LEU B 89 -24.29 -20.97 50.71
N ILE B 90 -23.05 -21.44 50.69
CA ILE B 90 -22.71 -22.60 49.87
C ILE B 90 -23.03 -23.86 50.66
N LYS B 91 -23.75 -24.79 50.03
CA LYS B 91 -24.14 -26.03 50.68
C LYS B 91 -22.91 -26.83 51.12
N GLU B 92 -22.95 -27.38 52.34
CA GLU B 92 -21.82 -28.15 52.82
C GLU B 92 -21.50 -29.28 51.86
N GLY B 93 -20.22 -29.49 51.58
CA GLY B 93 -19.81 -30.55 50.69
C GLY B 93 -19.99 -30.25 49.21
N ALA B 94 -20.38 -29.02 48.89
CA ALA B 94 -20.57 -28.65 47.49
C ALA B 94 -19.24 -28.30 46.83
N VAL B 95 -19.30 -28.00 45.53
CA VAL B 95 -18.12 -27.64 44.75
C VAL B 95 -18.13 -26.16 44.36
N LEU B 96 -17.02 -25.48 44.59
CA LEU B 96 -16.88 -24.06 44.24
C LEU B 96 -15.76 -23.87 43.22
N MET B 97 -16.03 -23.09 42.19
CA MET B 97 -15.02 -22.80 41.17
C MET B 97 -15.00 -21.28 40.99
N CYS B 98 -13.83 -20.66 41.21
CA CYS B 98 -13.72 -19.21 41.06
C CYS B 98 -12.26 -18.78 41.15
N HIS B 99 -12.03 -17.48 40.94
CA HIS B 99 -10.68 -16.96 41.10
C HIS B 99 -10.71 -16.81 42.61
N LEU B 100 -10.08 -17.75 43.29
CA LEU B 100 -10.07 -17.75 44.74
C LEU B 100 -8.99 -16.88 45.37
N GLY B 101 -7.96 -16.53 44.60
CA GLY B 101 -6.87 -15.75 45.15
C GLY B 101 -6.36 -16.53 46.36
N ALA B 102 -6.46 -17.85 46.25
CA ALA B 102 -6.10 -18.77 47.34
C ALA B 102 -4.79 -18.51 48.06
N LEU B 103 -3.70 -18.38 47.32
CA LEU B 103 -2.39 -18.17 47.91
C LEU B 103 -2.29 -16.98 48.87
N THR B 104 -3.08 -15.95 48.65
CA THR B 104 -3.03 -14.78 49.52
C THR B 104 -4.33 -14.57 50.30
N ASN B 105 -5.13 -15.64 50.42
CA ASN B 105 -6.40 -15.57 51.14
C ASN B 105 -6.67 -16.84 51.94
N ARG B 106 -5.76 -17.14 52.85
CA ARG B 106 -5.90 -18.32 53.69
C ARG B 106 -7.25 -18.35 54.44
N PRO B 107 -7.68 -17.20 55.00
CA PRO B 107 -8.96 -17.17 55.73
C PRO B 107 -10.18 -17.69 54.96
N VAL B 108 -10.27 -17.35 53.68
CA VAL B 108 -11.39 -17.83 52.86
C VAL B 108 -11.29 -19.33 52.69
N VAL B 109 -10.08 -19.85 52.45
CA VAL B 109 -9.90 -21.29 52.29
C VAL B 109 -10.30 -22.01 53.58
N GLU B 110 -9.94 -21.43 54.73
CA GLU B 110 -10.28 -22.03 56.03
C GLU B 110 -11.80 -22.01 56.23
N ALA B 111 -12.44 -20.90 55.88
CA ALA B 111 -13.89 -20.77 56.02
C ALA B 111 -14.61 -21.85 55.19
N LEU B 112 -14.13 -22.04 53.96
CA LEU B 112 -14.71 -23.04 53.06
C LEU B 112 -14.46 -24.44 53.59
N THR B 113 -13.30 -24.65 54.19
CA THR B 113 -12.93 -25.96 54.74
C THR B 113 -13.84 -26.36 55.90
N LYS B 114 -14.27 -25.38 56.70
CA LYS B 114 -15.13 -25.68 57.83
C LYS B 114 -16.47 -26.25 57.37
N ARG B 115 -16.86 -25.90 56.14
CA ARG B 115 -18.11 -26.38 55.56
C ARG B 115 -17.87 -27.55 54.60
N LYS B 116 -16.67 -28.11 54.64
CA LYS B 116 -16.29 -29.25 53.80
C LYS B 116 -16.57 -29.06 52.32
N ILE B 117 -16.35 -27.84 51.85
CA ILE B 117 -16.54 -27.49 50.46
C ILE B 117 -15.29 -27.86 49.67
N THR B 118 -15.47 -28.38 48.45
CA THR B 118 -14.32 -28.66 47.60
C THR B 118 -14.17 -27.42 46.74
N ALA B 119 -13.05 -26.72 46.90
CA ALA B 119 -12.84 -25.50 46.14
C ALA B 119 -11.71 -25.59 45.12
N TYR B 120 -12.02 -25.19 43.89
CA TYR B 120 -11.02 -25.20 42.83
C TYR B 120 -10.66 -23.76 42.54
N ALA B 121 -9.41 -23.41 42.85
CA ALA B 121 -8.89 -22.06 42.61
C ALA B 121 -8.45 -22.00 41.16
N MET B 122 -9.32 -21.43 40.32
CA MET B 122 -9.04 -21.34 38.88
C MET B 122 -7.74 -20.64 38.52
N GLU B 123 -7.30 -19.71 39.35
CA GLU B 123 -6.06 -19.00 39.05
C GLU B 123 -4.81 -19.88 39.15
N LEU B 124 -4.97 -21.08 39.70
CA LEU B 124 -3.86 -22.00 39.85
C LEU B 124 -3.83 -23.02 38.70
N MET B 125 -4.60 -22.76 37.65
CA MET B 125 -4.66 -23.66 36.51
C MET B 125 -3.24 -23.97 36.05
N PRO B 126 -2.91 -25.27 35.91
CA PRO B 126 -1.57 -25.66 35.46
C PRO B 126 -1.22 -25.05 34.10
N ARG B 127 0.05 -24.74 33.90
CA ARG B 127 0.50 -24.16 32.65
C ARG B 127 0.82 -25.22 31.60
N ILE B 128 -0.22 -25.95 31.17
CA ILE B 128 -0.05 -26.98 30.16
C ILE B 128 -0.92 -26.62 28.98
N SER B 129 -0.46 -26.96 27.78
CA SER B 129 -1.20 -26.63 26.55
C SER B 129 -2.68 -26.95 26.51
N ARG B 130 -3.06 -28.16 26.95
CA ARG B 130 -4.47 -28.54 26.91
C ARG B 130 -5.35 -27.78 27.91
N ALA B 131 -4.72 -26.98 28.76
CA ALA B 131 -5.45 -26.22 29.78
C ALA B 131 -5.57 -24.71 29.45
N GLN B 132 -4.97 -24.28 28.35
CA GLN B 132 -5.03 -22.87 27.97
C GLN B 132 -6.45 -22.34 27.85
N SER B 133 -7.38 -23.19 27.43
CA SER B 133 -8.78 -22.79 27.27
C SER B 133 -9.51 -22.67 28.61
N MET B 134 -8.85 -23.10 29.69
CA MET B 134 -9.42 -23.06 31.05
C MET B 134 -8.72 -21.98 31.89
N ASP B 135 -7.75 -21.31 31.29
CA ASP B 135 -6.94 -20.29 31.96
C ASP B 135 -7.60 -18.91 32.09
N ILE B 136 -8.06 -18.59 33.29
CA ILE B 136 -8.70 -17.29 33.55
C ILE B 136 -7.71 -16.13 33.65
N LEU B 137 -6.48 -16.39 34.07
CA LEU B 137 -5.50 -15.31 34.17
C LEU B 137 -5.27 -14.73 32.77
N SER B 138 -5.13 -15.63 31.80
CA SER B 138 -4.90 -15.27 30.41
C SER B 138 -6.06 -14.50 29.78
N SER B 139 -7.27 -15.05 29.87
CA SER B 139 -8.42 -14.39 29.26
C SER B 139 -8.68 -12.99 29.83
N GLN B 140 -8.55 -12.82 31.13
CA GLN B 140 -8.80 -11.52 31.75
C GLN B 140 -7.70 -10.48 31.55
N SER B 141 -6.45 -10.89 31.69
CA SER B 141 -5.32 -9.98 31.52
C SER B 141 -5.27 -9.44 30.08
N ASN B 142 -5.65 -10.27 29.11
CA ASN B 142 -5.64 -9.83 27.72
C ASN B 142 -6.59 -8.65 27.53
N LEU B 143 -7.78 -8.73 28.13
CA LEU B 143 -8.74 -7.62 28.01
C LEU B 143 -8.22 -6.40 28.76
N ALA B 144 -7.54 -6.64 29.88
CA ALA B 144 -6.98 -5.56 30.67
C ALA B 144 -5.96 -4.77 29.84
N GLY B 145 -5.16 -5.48 29.05
CA GLY B 145 -4.18 -4.82 28.20
C GLY B 145 -4.86 -3.90 27.19
N TYR B 146 -5.89 -4.42 26.54
CA TYR B 146 -6.64 -3.62 25.57
C TYR B 146 -7.23 -2.40 26.26
N ARG B 147 -7.91 -2.64 27.39
CA ARG B 147 -8.55 -1.58 28.13
C ARG B 147 -7.58 -0.48 28.56
N ALA B 148 -6.34 -0.87 28.88
CA ALA B 148 -5.32 0.09 29.28
C ALA B 148 -5.14 1.18 28.21
N VAL B 149 -5.13 0.77 26.94
CA VAL B 149 -4.96 1.70 25.84
C VAL B 149 -6.18 2.61 25.71
N ILE B 150 -7.37 2.05 25.89
CA ILE B 150 -8.60 2.83 25.78
C ILE B 150 -8.65 3.92 26.86
N ASP B 151 -8.33 3.56 28.09
CA ASP B 151 -8.34 4.51 29.20
C ASP B 151 -7.28 5.59 29.04
N GLY B 152 -6.15 5.21 28.45
CA GLY B 152 -5.08 6.17 28.23
C GLY B 152 -5.48 7.16 27.16
N ALA B 153 -6.06 6.65 26.08
CA ALA B 153 -6.51 7.52 24.99
C ALA B 153 -7.62 8.44 25.47
N TYR B 154 -8.44 7.95 26.40
CA TYR B 154 -9.54 8.73 26.93
C TYR B 154 -9.05 9.92 27.76
N GLU B 155 -8.02 9.69 28.56
CA GLU B 155 -7.49 10.76 29.40
C GLU B 155 -6.52 11.69 28.67
N PHE B 156 -6.06 11.26 27.49
CA PHE B 156 -5.11 12.03 26.69
C PHE B 156 -5.82 13.11 25.87
N ALA B 157 -5.27 14.32 25.89
CA ALA B 157 -5.86 15.46 25.18
C ALA B 157 -5.39 15.60 23.73
N ARG B 158 -4.67 14.59 23.23
CA ARG B 158 -4.22 14.59 21.85
C ARG B 158 -4.73 13.31 21.20
N ALA B 159 -4.81 13.30 19.88
CA ALA B 159 -5.29 12.11 19.16
C ALA B 159 -4.11 11.16 18.94
N PHE B 160 -4.39 9.87 19.06
CA PHE B 160 -3.38 8.82 18.90
C PHE B 160 -2.72 8.71 17.51
N PRO B 161 -3.53 8.65 16.45
CA PRO B 161 -2.96 8.52 15.11
C PRO B 161 -2.41 9.79 14.48
N MET B 162 -1.47 9.61 13.56
CA MET B 162 -0.88 10.71 12.84
C MET B 162 -1.94 11.08 11.80
N MET B 163 -2.20 12.37 11.63
CA MET B 163 -3.20 12.82 10.68
C MET B 163 -2.65 13.91 9.77
N MET B 164 -2.69 13.67 8.47
CA MET B 164 -2.23 14.64 7.48
C MET B 164 -3.51 15.40 7.09
N THR B 165 -3.58 16.69 7.40
CA THR B 165 -4.79 17.45 7.08
C THR B 165 -4.52 18.80 6.41
N ALA B 166 -5.60 19.39 5.90
CA ALA B 166 -5.52 20.69 5.24
C ALA B 166 -4.98 21.77 6.17
N ALA B 167 -5.13 21.56 7.48
CA ALA B 167 -4.67 22.54 8.47
C ALA B 167 -3.33 22.17 9.09
N GLY B 168 -2.71 21.11 8.57
CA GLY B 168 -1.43 20.69 9.11
C GLY B 168 -1.50 19.22 9.48
N THR B 169 -0.40 18.68 9.98
CA THR B 169 -0.37 17.27 10.35
C THR B 169 -0.46 17.08 11.86
N VAL B 170 -1.32 16.17 12.28
CA VAL B 170 -1.50 15.85 13.69
C VAL B 170 -0.46 14.76 13.95
N PRO B 171 0.49 15.01 14.85
CA PRO B 171 1.51 14.01 15.12
C PRO B 171 0.91 12.80 15.83
N PRO B 172 1.53 11.62 15.66
CA PRO B 172 1.00 10.43 16.33
C PRO B 172 1.42 10.48 17.78
N ALA B 173 0.70 9.75 18.63
CA ALA B 173 1.03 9.71 20.04
C ALA B 173 2.15 8.68 20.18
N ARG B 174 2.95 8.82 21.23
CA ARG B 174 4.04 7.89 21.51
C ARG B 174 3.66 7.10 22.77
N VAL B 175 3.67 5.78 22.66
CA VAL B 175 3.31 4.92 23.79
C VAL B 175 4.49 4.06 24.22
N LEU B 176 4.67 3.90 25.53
CA LEU B 176 5.76 3.09 26.07
C LEU B 176 5.16 2.08 27.04
N VAL B 177 5.16 0.81 26.63
CA VAL B 177 4.61 -0.27 27.44
C VAL B 177 5.72 -0.92 28.29
N PHE B 178 5.50 -0.95 29.59
CA PHE B 178 6.44 -1.57 30.53
C PHE B 178 5.91 -2.93 30.96
N GLY B 179 6.57 -4.00 30.51
CA GLY B 179 6.14 -5.33 30.85
C GLY B 179 5.42 -5.95 29.68
N VAL B 180 6.05 -6.94 29.06
CA VAL B 180 5.47 -7.58 27.89
C VAL B 180 4.90 -8.97 28.15
N GLY B 181 3.91 -9.03 29.04
CA GLY B 181 3.24 -10.29 29.33
C GLY B 181 1.96 -10.30 28.51
N VAL B 182 0.95 -11.03 28.96
CA VAL B 182 -0.31 -11.08 28.23
C VAL B 182 -0.90 -9.68 28.07
N ALA B 183 -0.96 -8.92 29.17
CA ALA B 183 -1.51 -7.57 29.12
C ALA B 183 -0.69 -6.62 28.26
N GLY B 184 0.62 -6.59 28.50
CA GLY B 184 1.49 -5.72 27.74
C GLY B 184 1.41 -5.97 26.25
N LEU B 185 1.32 -7.25 25.88
CA LEU B 185 1.23 -7.65 24.49
C LEU B 185 -0.02 -7.06 23.82
N GLN B 186 -1.16 -7.15 24.50
CA GLN B 186 -2.40 -6.61 23.94
C GLN B 186 -2.39 -5.08 23.90
N ALA B 187 -1.71 -4.46 24.85
CA ALA B 187 -1.62 -3.00 24.90
C ALA B 187 -0.86 -2.55 23.66
N ILE B 188 0.26 -3.22 23.39
CA ILE B 188 1.07 -2.89 22.22
C ILE B 188 0.23 -3.00 20.96
N ALA B 189 -0.48 -4.12 20.82
CA ALA B 189 -1.32 -4.36 19.64
C ALA B 189 -2.42 -3.32 19.49
N THR B 190 -3.07 -2.97 20.59
CA THR B 190 -4.14 -1.99 20.54
C THR B 190 -3.61 -0.58 20.31
N ALA B 191 -2.49 -0.26 20.95
CA ALA B 191 -1.90 1.06 20.78
C ALA B 191 -1.41 1.20 19.34
N LYS B 192 -1.00 0.07 18.76
CA LYS B 192 -0.52 0.06 17.39
C LYS B 192 -1.66 0.26 16.39
N ARG B 193 -2.77 -0.45 16.57
CA ARG B 193 -3.87 -0.30 15.64
C ARG B 193 -4.48 1.11 15.67
N LEU B 194 -4.27 1.83 16.77
CA LEU B 194 -4.79 3.19 16.89
C LEU B 194 -3.90 4.23 16.21
N GLY B 195 -2.75 3.79 15.72
CA GLY B 195 -1.86 4.71 15.02
C GLY B 195 -0.67 5.28 15.77
N ALA B 196 -0.46 4.86 17.01
CA ALA B 196 0.67 5.39 17.78
C ALA B 196 2.02 4.74 17.44
N VAL B 197 3.09 5.42 17.80
CA VAL B 197 4.45 4.92 17.65
C VAL B 197 4.56 4.15 18.98
N VAL B 198 4.72 2.84 18.92
CA VAL B 198 4.78 2.07 20.17
C VAL B 198 6.13 1.49 20.55
N MET B 199 6.56 1.81 21.77
CA MET B 199 7.82 1.34 22.35
C MET B 199 7.48 0.34 23.46
N ALA B 200 8.44 -0.51 23.82
CA ALA B 200 8.21 -1.50 24.88
C ALA B 200 9.51 -1.89 25.58
N THR B 201 9.43 -2.10 26.89
CA THR B 201 10.60 -2.50 27.67
C THR B 201 10.27 -3.58 28.69
N ASP B 202 11.08 -4.63 28.70
CA ASP B 202 10.90 -5.76 29.62
C ASP B 202 12.26 -6.39 29.91
N VAL B 203 12.53 -6.68 31.17
CA VAL B 203 13.80 -7.29 31.57
C VAL B 203 14.11 -8.55 30.76
N ARG B 204 13.07 -9.36 30.50
CA ARG B 204 13.23 -10.60 29.73
C ARG B 204 13.57 -10.32 28.27
N ALA B 205 14.85 -10.45 27.93
CA ALA B 205 15.31 -10.20 26.57
C ALA B 205 14.61 -11.07 25.53
N ALA B 206 13.84 -12.04 25.98
CA ALA B 206 13.14 -12.94 25.07
C ALA B 206 11.84 -12.30 24.57
N THR B 207 11.44 -11.20 25.18
CA THR B 207 10.21 -10.51 24.79
C THR B 207 10.39 -9.57 23.60
N LYS B 208 11.63 -9.13 23.37
CA LYS B 208 11.90 -8.23 22.26
C LYS B 208 11.36 -8.79 20.94
N GLU B 209 11.50 -10.09 20.74
CA GLU B 209 11.01 -10.73 19.53
C GLU B 209 9.51 -10.55 19.36
N GLN B 210 8.76 -10.77 20.45
CA GLN B 210 7.30 -10.62 20.40
C GLN B 210 6.88 -9.17 20.20
N VAL B 211 7.62 -8.25 20.81
CA VAL B 211 7.31 -6.82 20.68
C VAL B 211 7.42 -6.40 19.21
N GLU B 212 8.49 -6.83 18.55
CA GLU B 212 8.71 -6.49 17.16
C GLU B 212 7.69 -7.10 16.21
N SER B 213 7.23 -8.32 16.50
CA SER B 213 6.26 -8.98 15.64
C SER B 213 4.95 -8.19 15.60
N LEU B 214 4.69 -7.43 16.68
CA LEU B 214 3.48 -6.62 16.76
C LEU B 214 3.70 -5.24 16.14
N GLY B 215 4.94 -4.95 15.76
CA GLY B 215 5.25 -3.67 15.15
C GLY B 215 5.75 -2.66 16.16
N GLY B 216 6.11 -3.14 17.35
CA GLY B 216 6.61 -2.25 18.38
C GLY B 216 8.12 -2.21 18.39
N LYS B 217 8.68 -1.20 19.04
CA LYS B 217 10.13 -1.08 19.12
C LYS B 217 10.57 -1.42 20.53
N PHE B 218 11.55 -2.32 20.63
CA PHE B 218 12.08 -2.73 21.92
C PHE B 218 13.16 -1.72 22.28
N ILE B 219 13.21 -1.30 23.55
CA ILE B 219 14.22 -0.35 23.97
C ILE B 219 15.49 -1.09 24.42
N THR B 220 16.57 -0.89 23.67
CA THR B 220 17.84 -1.55 23.97
C THR B 220 18.91 -0.55 24.41
N LYS B 246 22.65 2.51 32.28
CA LYS B 246 22.50 2.75 30.85
C LYS B 246 21.13 2.32 30.35
N GLN B 247 20.68 1.15 30.79
CA GLN B 247 19.39 0.63 30.39
C GLN B 247 18.30 1.62 30.82
N ALA B 248 18.38 2.06 32.06
CA ALA B 248 17.41 3.01 32.59
C ALA B 248 17.59 4.34 31.87
N GLU B 249 18.78 4.53 31.33
CA GLU B 249 19.11 5.75 30.60
C GLU B 249 18.40 5.73 29.24
N ALA B 250 18.31 4.54 28.65
CA ALA B 250 17.64 4.39 27.36
C ALA B 250 16.13 4.57 27.56
N VAL B 251 15.62 3.98 28.63
CA VAL B 251 14.20 4.08 28.96
C VAL B 251 13.83 5.52 29.24
N LEU B 252 14.68 6.21 29.99
CA LEU B 252 14.44 7.60 30.35
C LEU B 252 14.38 8.49 29.10
N LYS B 253 15.29 8.25 28.17
CA LYS B 253 15.33 9.02 26.93
C LYS B 253 13.99 8.89 26.22
N GLU B 254 13.42 7.68 26.25
CA GLU B 254 12.13 7.45 25.61
C GLU B 254 11.01 8.02 26.46
N LEU B 255 11.04 7.73 27.76
CA LEU B 255 10.01 8.21 28.67
C LEU B 255 9.74 9.71 28.57
N VAL B 256 10.79 10.52 28.51
CA VAL B 256 10.62 11.97 28.42
C VAL B 256 9.90 12.42 27.15
N LYS B 257 9.84 11.55 26.14
CA LYS B 257 9.16 11.87 24.89
C LYS B 257 7.78 11.22 24.86
N THR B 258 7.62 10.17 25.67
CA THR B 258 6.39 9.39 25.76
C THR B 258 5.16 10.19 26.19
N ASP B 259 4.03 9.88 25.56
CA ASP B 259 2.77 10.53 25.89
C ASP B 259 1.96 9.63 26.81
N ILE B 260 1.96 8.34 26.50
CA ILE B 260 1.22 7.36 27.30
C ILE B 260 2.12 6.24 27.76
N ALA B 261 2.33 6.13 29.06
CA ALA B 261 3.16 5.06 29.62
C ALA B 261 2.22 4.05 30.27
N ILE B 262 2.30 2.80 29.83
CA ILE B 262 1.47 1.74 30.37
C ILE B 262 2.33 0.69 31.07
N THR B 263 2.12 0.51 32.37
CA THR B 263 2.89 -0.48 33.14
C THR B 263 1.99 -1.69 33.40
N THR B 264 2.55 -2.89 33.26
CA THR B 264 1.77 -4.10 33.45
C THR B 264 2.45 -5.15 34.31
N ALA B 265 3.49 -4.75 35.04
CA ALA B 265 4.25 -5.70 35.86
C ALA B 265 3.77 -5.87 37.30
N LEU B 266 2.91 -6.85 37.52
CA LEU B 266 2.41 -7.13 38.87
C LEU B 266 2.53 -8.63 39.13
N ILE B 267 3.63 -9.02 39.76
CA ILE B 267 3.90 -10.43 40.06
C ILE B 267 3.22 -10.91 41.34
N PRO B 268 2.25 -11.83 41.20
CA PRO B 268 1.48 -12.41 42.32
C PRO B 268 2.34 -12.83 43.51
N GLY B 269 1.87 -12.53 44.70
CA GLY B 269 2.60 -12.88 45.91
C GLY B 269 3.90 -12.11 46.03
N LYS B 270 3.86 -10.84 45.64
CA LYS B 270 5.03 -9.98 45.70
C LYS B 270 4.63 -8.55 45.37
N PRO B 271 5.29 -7.57 45.99
CA PRO B 271 4.96 -6.16 45.73
C PRO B 271 5.25 -5.82 44.26
N ALA B 272 4.46 -4.91 43.69
CA ALA B 272 4.66 -4.51 42.31
C ALA B 272 6.02 -3.82 42.18
N PRO B 273 6.81 -4.21 41.17
CA PRO B 273 8.13 -3.60 40.98
C PRO B 273 8.04 -2.14 40.51
N VAL B 274 8.79 -1.26 41.15
CA VAL B 274 8.78 0.15 40.78
C VAL B 274 9.47 0.34 39.44
N LEU B 275 8.70 0.75 38.42
CA LEU B 275 9.26 0.96 37.10
C LEU B 275 9.32 2.43 36.73
N ILE B 276 8.52 3.25 37.40
CA ILE B 276 8.49 4.69 37.16
C ILE B 276 8.45 5.48 38.47
N THR B 277 9.61 5.96 38.91
CA THR B 277 9.69 6.74 40.14
C THR B 277 9.05 8.09 39.87
N GLU B 278 8.70 8.83 40.92
CA GLU B 278 8.08 10.12 40.68
C GLU B 278 9.13 11.12 40.21
N GLU B 279 10.40 10.75 40.35
CA GLU B 279 11.47 11.63 39.90
C GLU B 279 11.38 11.60 38.37
N MET B 280 11.17 10.40 37.83
CA MET B 280 11.04 10.22 36.39
C MET B 280 9.80 10.92 35.86
N VAL B 281 8.72 10.91 36.65
CA VAL B 281 7.49 11.56 36.22
C VAL B 281 7.70 13.06 36.07
N THR B 282 8.53 13.65 36.94
CA THR B 282 8.79 15.09 36.88
C THR B 282 9.53 15.45 35.59
N LYS B 283 10.07 14.44 34.93
CA LYS B 283 10.82 14.64 33.69
C LYS B 283 9.91 14.45 32.47
N MET B 284 8.68 14.00 32.70
CA MET B 284 7.73 13.78 31.61
C MET B 284 7.07 15.06 31.14
N LYS B 285 6.57 15.05 29.92
CA LYS B 285 5.93 16.22 29.33
C LYS B 285 4.52 16.45 29.87
N PRO B 286 4.17 17.71 30.16
CA PRO B 286 2.83 18.04 30.68
C PRO B 286 1.76 17.50 29.74
N GLY B 287 0.75 16.84 30.31
CA GLY B 287 -0.32 16.29 29.49
C GLY B 287 -0.14 14.80 29.28
N SER B 288 0.98 14.25 29.77
CA SER B 288 1.24 12.82 29.63
C SER B 288 0.29 12.01 30.52
N VAL B 289 0.13 10.74 30.19
CA VAL B 289 -0.73 9.84 30.95
C VAL B 289 -0.01 8.55 31.31
N ILE B 290 -0.21 8.10 32.53
CA ILE B 290 0.40 6.84 32.99
C ILE B 290 -0.72 5.91 33.44
N ILE B 291 -0.81 4.74 32.81
CA ILE B 291 -1.79 3.73 33.17
C ILE B 291 -1.00 2.72 34.01
N ASP B 292 -1.35 2.60 35.29
CA ASP B 292 -0.65 1.68 36.19
C ASP B 292 -1.52 0.46 36.48
N LEU B 293 -1.38 -0.58 35.68
CA LEU B 293 -2.17 -1.79 35.87
C LEU B 293 -1.77 -2.60 37.10
N ALA B 294 -0.70 -2.17 37.78
CA ALA B 294 -0.22 -2.86 38.97
C ALA B 294 -0.52 -2.08 40.25
N VAL B 295 -1.40 -1.10 40.16
CA VAL B 295 -1.77 -0.29 41.31
C VAL B 295 -2.23 -1.16 42.48
N GLU B 296 -2.82 -2.30 42.18
CA GLU B 296 -3.32 -3.22 43.20
C GLU B 296 -2.22 -3.74 44.12
N ALA B 297 -1.02 -3.92 43.59
CA ALA B 297 0.09 -4.43 44.38
C ALA B 297 1.10 -3.33 44.71
N GLY B 298 0.66 -2.09 44.73
CA GLY B 298 1.54 -0.98 45.03
C GLY B 298 1.82 -0.13 43.82
N GLY B 299 1.60 -0.70 42.63
CA GLY B 299 1.81 0.02 41.40
C GLY B 299 3.26 0.13 40.97
N ASN B 300 3.49 0.07 39.66
CA ASN B 300 4.83 0.18 39.12
C ASN B 300 5.28 1.63 39.22
N CYS B 301 4.38 2.46 39.71
CA CYS B 301 4.63 3.88 39.91
C CYS B 301 4.06 4.21 41.29
N PRO B 302 4.92 4.65 42.23
CA PRO B 302 4.52 5.00 43.60
C PRO B 302 3.48 6.09 43.75
N LEU B 303 3.20 6.80 42.66
CA LEU B 303 2.23 7.89 42.69
C LEU B 303 0.78 7.42 42.47
N SER B 304 0.62 6.23 41.89
CA SER B 304 -0.71 5.71 41.63
C SER B 304 -1.49 5.36 42.90
N GLU B 305 -2.80 5.61 42.86
CA GLU B 305 -3.66 5.32 43.98
C GLU B 305 -4.86 4.52 43.47
N PRO B 306 -5.17 3.40 44.14
CA PRO B 306 -6.29 2.52 43.79
C PRO B 306 -7.62 3.23 43.52
N GLY B 307 -8.16 3.01 42.33
CA GLY B 307 -9.44 3.60 41.96
C GLY B 307 -9.45 5.11 41.76
N LYS B 308 -8.29 5.70 41.51
CA LYS B 308 -8.21 7.15 41.30
C LYS B 308 -7.29 7.54 40.16
N ILE B 309 -7.41 8.79 39.75
CA ILE B 309 -6.57 9.38 38.72
C ILE B 309 -5.87 10.52 39.43
N VAL B 310 -4.59 10.32 39.75
CA VAL B 310 -3.81 11.34 40.44
C VAL B 310 -3.12 12.28 39.47
N VAL B 311 -3.30 13.57 39.65
CA VAL B 311 -2.68 14.59 38.80
C VAL B 311 -1.47 15.14 39.54
N LYS B 312 -0.28 14.81 39.04
CA LYS B 312 0.97 15.25 39.65
C LYS B 312 2.00 15.67 38.61
N HIS B 313 2.69 16.76 38.88
CA HIS B 313 3.73 17.27 37.99
C HIS B 313 3.22 17.36 36.55
N GLY B 314 1.97 17.79 36.40
CA GLY B 314 1.38 17.92 35.08
C GLY B 314 1.12 16.60 34.38
N VAL B 315 1.26 15.50 35.11
CA VAL B 315 1.04 14.17 34.56
C VAL B 315 -0.12 13.45 35.24
N LYS B 316 -0.91 12.73 34.45
CA LYS B 316 -2.03 11.97 34.98
C LYS B 316 -1.61 10.54 35.28
N ILE B 317 -1.69 10.13 36.54
CA ILE B 317 -1.32 8.78 36.92
C ILE B 317 -2.64 8.04 37.26
N VAL B 318 -3.14 7.26 36.30
CA VAL B 318 -4.39 6.54 36.51
C VAL B 318 -4.18 5.12 37.02
N GLY B 319 -4.96 4.77 38.05
CA GLY B 319 -4.83 3.44 38.62
C GLY B 319 -6.17 2.80 38.95
N HIS B 320 -6.97 2.56 37.90
CA HIS B 320 -8.28 1.94 38.09
C HIS B 320 -8.09 0.58 38.76
N THR B 321 -9.06 0.19 39.58
CA THR B 321 -8.99 -1.04 40.34
C THR B 321 -9.27 -2.40 39.68
N ASN B 322 -10.43 -2.58 39.06
CA ASN B 322 -10.74 -3.88 38.44
C ASN B 322 -10.79 -3.68 36.94
N VAL B 323 -9.62 -3.56 36.31
CA VAL B 323 -9.59 -3.30 34.88
C VAL B 323 -10.38 -4.29 34.02
N PRO B 324 -10.23 -5.60 34.27
CA PRO B 324 -11.02 -6.50 33.43
C PRO B 324 -12.53 -6.28 33.58
N SER B 325 -12.94 -5.76 34.73
CA SER B 325 -14.35 -5.47 34.96
C SER B 325 -14.77 -4.28 34.08
N ARG B 326 -13.80 -3.46 33.70
CA ARG B 326 -14.07 -2.31 32.83
C ARG B 326 -14.42 -2.84 31.44
N VAL B 327 -14.24 -4.15 31.26
CA VAL B 327 -14.57 -4.80 30.00
C VAL B 327 -15.46 -6.00 30.34
N ALA B 328 -16.24 -5.83 31.40
CA ALA B 328 -17.12 -6.87 31.93
C ALA B 328 -17.97 -7.66 30.93
N ALA B 329 -18.50 -6.98 29.92
CA ALA B 329 -19.34 -7.63 28.91
C ALA B 329 -18.61 -8.68 28.07
N ASP B 330 -17.30 -8.52 27.89
CA ASP B 330 -16.53 -9.50 27.14
C ASP B 330 -15.81 -10.43 28.12
N ALA B 331 -15.43 -9.88 29.26
CA ALA B 331 -14.72 -10.65 30.28
C ALA B 331 -15.57 -11.77 30.87
N SER B 332 -16.85 -11.50 31.11
CA SER B 332 -17.76 -12.48 31.67
C SER B 332 -17.92 -13.74 30.81
N PRO B 333 -18.30 -13.57 29.53
CA PRO B 333 -18.47 -14.74 28.66
C PRO B 333 -17.18 -15.59 28.62
N LEU B 334 -16.04 -14.91 28.56
CA LEU B 334 -14.74 -15.60 28.53
C LEU B 334 -14.49 -16.37 29.82
N PHE B 335 -14.79 -15.73 30.95
CA PHE B 335 -14.60 -16.36 32.26
C PHE B 335 -15.51 -17.58 32.36
N ALA B 336 -16.74 -17.45 31.89
CA ALA B 336 -17.72 -18.54 31.92
C ALA B 336 -17.24 -19.71 31.04
N LYS B 337 -16.63 -19.39 29.90
CA LYS B 337 -16.12 -20.41 29.00
C LYS B 337 -14.94 -21.15 29.65
N ASN B 338 -14.05 -20.39 30.31
CA ASN B 338 -12.90 -21.00 30.98
C ASN B 338 -13.41 -22.05 31.96
N LEU B 339 -14.41 -21.64 32.74
CA LEU B 339 -15.02 -22.51 33.73
C LEU B 339 -15.66 -23.73 33.09
N LEU B 340 -16.41 -23.49 32.01
CA LEU B 340 -17.07 -24.58 31.29
C LEU B 340 -16.07 -25.60 30.73
N ASN B 341 -14.97 -25.11 30.17
CA ASN B 341 -13.96 -25.98 29.59
C ASN B 341 -13.30 -26.85 30.68
N PHE B 342 -13.20 -26.31 31.89
CA PHE B 342 -12.62 -27.01 33.01
C PHE B 342 -13.57 -28.09 33.55
N LEU B 343 -14.85 -27.78 33.59
CA LEU B 343 -15.86 -28.70 34.12
C LEU B 343 -16.38 -29.77 33.15
N THR B 344 -16.58 -29.39 31.89
CA THR B 344 -17.14 -30.30 30.90
C THR B 344 -16.59 -31.73 30.82
N PRO B 345 -15.26 -31.90 30.84
CA PRO B 345 -14.65 -33.24 30.76
C PRO B 345 -15.05 -34.19 31.88
N HIS B 346 -15.62 -33.66 32.96
CA HIS B 346 -15.98 -34.49 34.11
C HIS B 346 -17.47 -34.78 34.27
N VAL B 347 -18.26 -34.40 33.29
CA VAL B 347 -19.70 -34.60 33.35
C VAL B 347 -20.22 -35.69 32.43
N ASP B 348 -21.01 -36.60 32.99
CA ASP B 348 -21.63 -37.68 32.22
C ASP B 348 -23.03 -37.16 31.93
N LYS B 349 -23.25 -36.65 30.72
CA LYS B 349 -24.56 -36.10 30.40
C LYS B 349 -25.67 -37.12 30.23
N ASP B 350 -25.31 -38.40 30.11
CA ASP B 350 -26.30 -39.46 29.97
C ASP B 350 -26.91 -39.80 31.32
N THR B 351 -26.09 -39.75 32.36
CA THR B 351 -26.56 -40.04 33.70
C THR B 351 -26.75 -38.74 34.49
N LYS B 352 -26.36 -37.62 33.89
CA LYS B 352 -26.48 -36.31 34.53
C LYS B 352 -25.72 -36.35 35.85
N THR B 353 -24.45 -36.71 35.77
CA THR B 353 -23.61 -36.81 36.95
C THR B 353 -22.23 -36.19 36.75
N LEU B 354 -21.76 -35.49 37.77
CA LEU B 354 -20.46 -34.85 37.75
C LEU B 354 -19.52 -35.59 38.68
N VAL B 355 -18.34 -35.94 38.17
CA VAL B 355 -17.34 -36.62 38.95
C VAL B 355 -16.01 -36.02 38.53
N MET B 356 -15.50 -35.09 39.32
CA MET B 356 -14.22 -34.48 39.00
C MET B 356 -13.14 -35.55 39.16
N LYS B 357 -12.48 -35.90 38.05
CA LYS B 357 -11.43 -36.90 38.09
C LYS B 357 -10.23 -36.32 38.85
N LEU B 358 -10.02 -36.78 40.08
CA LEU B 358 -8.94 -36.30 40.93
C LEU B 358 -7.53 -36.50 40.39
N GLU B 359 -7.34 -37.49 39.52
CA GLU B 359 -6.03 -37.74 38.94
C GLU B 359 -5.72 -36.77 37.80
N ASP B 360 -6.75 -36.08 37.31
CA ASP B 360 -6.59 -35.11 36.23
C ASP B 360 -5.74 -33.97 36.76
N GLU B 361 -4.67 -33.67 36.03
CA GLU B 361 -3.73 -32.62 36.42
C GLU B 361 -4.37 -31.25 36.70
N THR B 362 -5.38 -30.87 35.93
CA THR B 362 -6.03 -29.58 36.14
C THR B 362 -6.90 -29.57 37.39
N VAL B 363 -7.35 -30.75 37.80
CA VAL B 363 -8.19 -30.88 38.98
C VAL B 363 -7.33 -30.88 40.23
N SER B 364 -6.33 -31.76 40.26
CA SER B 364 -5.44 -31.83 41.41
C SER B 364 -4.67 -30.52 41.54
N GLY B 365 -4.36 -29.90 40.40
CA GLY B 365 -3.62 -28.65 40.42
C GLY B 365 -4.36 -27.44 40.95
N THR B 366 -5.68 -27.41 40.80
CA THR B 366 -6.44 -26.26 41.26
C THR B 366 -7.13 -26.47 42.61
N CYS B 367 -7.26 -27.71 43.04
CA CYS B 367 -7.94 -27.99 44.31
C CYS B 367 -7.12 -27.52 45.49
N VAL B 368 -7.69 -26.65 46.32
CA VAL B 368 -6.97 -26.16 47.49
C VAL B 368 -7.54 -26.72 48.79
N THR B 369 -8.77 -27.21 48.74
CA THR B 369 -9.38 -27.82 49.90
C THR B 369 -10.48 -28.77 49.44
N ARG B 370 -10.65 -29.87 50.16
CA ARG B 370 -11.63 -30.89 49.80
C ARG B 370 -11.95 -31.74 51.01
N ASP B 371 -13.23 -32.06 51.18
CA ASP B 371 -13.71 -32.88 52.30
C ASP B 371 -13.19 -32.49 53.68
N GLY B 372 -13.04 -31.18 53.91
CA GLY B 372 -12.57 -30.72 55.20
C GLY B 372 -11.07 -30.75 55.42
N ALA B 373 -10.32 -30.96 54.33
CA ALA B 373 -8.87 -31.00 54.41
C ALA B 373 -8.26 -30.02 53.42
N ILE B 374 -7.36 -29.17 53.90
CA ILE B 374 -6.71 -28.20 53.03
C ILE B 374 -5.60 -28.95 52.31
N VAL B 375 -5.62 -28.90 50.98
CA VAL B 375 -4.63 -29.64 50.20
C VAL B 375 -3.43 -28.84 49.74
N HIS B 376 -3.55 -27.52 49.63
CA HIS B 376 -2.42 -26.70 49.20
C HIS B 376 -1.48 -26.58 50.40
N PRO B 377 -0.20 -26.93 50.22
CA PRO B 377 0.82 -26.87 51.28
C PRO B 377 1.09 -25.54 51.97
N ALA B 378 0.81 -24.42 51.31
CA ALA B 378 1.08 -23.11 51.90
C ALA B 378 -0.09 -22.47 52.65
N LEU B 379 -1.22 -23.16 52.71
CA LEU B 379 -2.41 -22.61 53.36
C LEU B 379 -2.92 -23.35 54.60
N THR B 380 -2.06 -24.12 55.25
CA THR B 380 -2.48 -24.90 56.41
C THR B 380 -2.27 -24.22 57.76
N GLY B 381 -1.65 -23.05 57.76
CA GLY B 381 -1.41 -22.33 58.99
C GLY B 381 -0.64 -21.05 58.71
N GLN B 382 -0.23 -20.36 59.75
CA GLN B 382 0.52 -19.11 59.60
C GLN B 382 1.98 -19.44 59.29
N GLY B 383 2.48 -18.88 58.18
CA GLY B 383 3.85 -19.12 57.80
C GLY B 383 4.81 -18.12 58.43
N MET C 1 28.18 21.59 3.43
CA MET C 1 28.11 20.20 3.95
C MET C 1 28.57 19.17 2.91
N LYS C 2 28.70 17.93 3.35
CA LYS C 2 29.14 16.85 2.47
C LYS C 2 28.02 15.83 2.22
N ILE C 3 27.73 15.56 0.96
CA ILE C 3 26.70 14.58 0.61
C ILE C 3 27.36 13.44 -0.14
N ALA C 4 27.03 12.21 0.23
CA ALA C 4 27.65 11.05 -0.40
C ALA C 4 26.66 10.05 -1.00
N ILE C 5 27.04 9.49 -2.15
CA ILE C 5 26.22 8.48 -2.83
C ILE C 5 27.10 7.26 -3.09
N PRO C 6 26.73 6.11 -2.50
CA PRO C 6 27.51 4.88 -2.70
C PRO C 6 26.92 4.03 -3.82
N LYS C 7 27.66 2.98 -4.20
CA LYS C 7 27.16 2.06 -5.21
C LYS C 7 26.11 1.22 -4.48
N GLU C 8 25.07 0.81 -5.20
CA GLU C 8 24.03 -0.02 -4.62
C GLU C 8 24.54 -1.45 -4.56
N ARG C 9 24.47 -2.05 -3.37
CA ARG C 9 24.98 -3.40 -3.17
C ARG C 9 23.98 -4.54 -3.08
N ARG C 10 22.70 -4.24 -2.92
CA ARG C 10 21.72 -5.33 -2.85
C ARG C 10 21.64 -6.02 -4.21
N PRO C 11 21.39 -7.33 -4.22
CA PRO C 11 21.30 -8.09 -5.47
C PRO C 11 20.38 -7.55 -6.57
N GLY C 12 20.93 -7.43 -7.77
CA GLY C 12 20.17 -6.96 -8.91
C GLY C 12 19.93 -5.47 -9.07
N GLU C 13 20.30 -4.68 -8.06
CA GLU C 13 20.09 -3.23 -8.11
C GLU C 13 21.13 -2.53 -8.98
N ASP C 14 20.69 -2.04 -10.14
CA ASP C 14 21.59 -1.36 -11.06
C ASP C 14 21.40 0.15 -11.06
N ARG C 15 20.46 0.65 -10.26
CA ARG C 15 20.24 2.10 -10.20
C ARG C 15 21.24 2.73 -9.26
N VAL C 16 21.34 4.06 -9.31
CA VAL C 16 22.23 4.82 -8.43
C VAL C 16 21.51 6.15 -8.13
N ALA C 17 21.65 6.62 -6.89
CA ALA C 17 20.96 7.85 -6.48
C ALA C 17 21.69 9.14 -6.84
N ILE C 18 22.08 9.29 -8.10
CA ILE C 18 22.77 10.51 -8.50
C ILE C 18 22.85 10.59 -10.02
N SER C 19 23.19 11.78 -10.52
CA SER C 19 23.33 11.99 -11.95
C SER C 19 24.19 13.24 -12.11
N PRO C 20 24.86 13.39 -13.25
CA PRO C 20 25.70 14.59 -13.43
C PRO C 20 24.94 15.89 -13.20
N GLU C 21 23.74 15.99 -13.78
CA GLU C 21 22.92 17.19 -13.64
C GLU C 21 22.65 17.50 -12.19
N VAL C 22 22.30 16.47 -11.42
CA VAL C 22 22.01 16.65 -10.01
C VAL C 22 23.27 17.03 -9.25
N VAL C 23 24.41 16.51 -9.69
CA VAL C 23 25.66 16.85 -9.04
C VAL C 23 25.88 18.35 -9.16
N LYS C 24 25.63 18.89 -10.35
CA LYS C 24 25.79 20.33 -10.59
C LYS C 24 24.91 21.14 -9.65
N LYS C 25 23.66 20.70 -9.49
CA LYS C 25 22.72 21.40 -8.62
C LYS C 25 23.14 21.37 -7.16
N LEU C 26 23.61 20.22 -6.69
CA LEU C 26 24.06 20.07 -5.30
C LEU C 26 25.26 20.97 -5.02
N VAL C 27 26.22 20.96 -5.94
CA VAL C 27 27.41 21.79 -5.79
C VAL C 27 26.98 23.26 -5.70
N GLY C 28 25.99 23.62 -6.50
CA GLY C 28 25.49 24.98 -6.51
C GLY C 28 24.82 25.40 -5.21
N LEU C 29 24.29 24.43 -4.47
CA LEU C 29 23.63 24.71 -3.20
C LEU C 29 24.67 24.79 -2.10
N GLY C 30 25.92 24.54 -2.47
CA GLY C 30 27.02 24.60 -1.53
C GLY C 30 27.53 23.26 -1.02
N PHE C 31 27.03 22.17 -1.60
CA PHE C 31 27.43 20.83 -1.19
C PHE C 31 28.76 20.34 -1.77
N GLU C 32 29.41 19.48 -0.99
CA GLU C 32 30.65 18.82 -1.39
C GLU C 32 30.09 17.44 -1.74
N VAL C 33 30.12 17.09 -3.03
CA VAL C 33 29.55 15.82 -3.50
C VAL C 33 30.57 14.72 -3.74
N ILE C 34 30.38 13.60 -3.05
CA ILE C 34 31.28 12.45 -3.16
C ILE C 34 30.53 11.21 -3.62
N VAL C 35 31.04 10.57 -4.67
CA VAL C 35 30.41 9.37 -5.19
C VAL C 35 31.41 8.21 -5.24
N GLU C 36 30.98 7.03 -4.80
CA GLU C 36 31.84 5.85 -4.81
C GLU C 36 32.13 5.48 -6.25
N GLN C 37 33.39 5.19 -6.55
CA GLN C 37 33.75 4.83 -7.92
C GLN C 37 32.93 3.64 -8.42
N GLY C 38 32.47 3.73 -9.66
CA GLY C 38 31.70 2.66 -10.27
C GLY C 38 30.23 2.57 -9.84
N ALA C 39 29.79 3.51 -9.03
CA ALA C 39 28.41 3.49 -8.55
C ALA C 39 27.39 3.63 -9.69
N GLY C 40 27.79 4.31 -10.76
CA GLY C 40 26.90 4.52 -11.88
C GLY C 40 27.02 3.57 -13.06
N VAL C 41 27.92 2.61 -12.97
CA VAL C 41 28.12 1.64 -14.06
C VAL C 41 26.81 1.09 -14.62
N GLY C 42 25.95 0.58 -13.73
CA GLY C 42 24.68 0.03 -14.17
C GLY C 42 23.78 1.06 -14.82
N ALA C 43 23.96 2.32 -14.47
CA ALA C 43 23.15 3.39 -15.02
C ALA C 43 23.85 4.12 -16.17
N SER C 44 24.97 3.55 -16.63
CA SER C 44 25.75 4.15 -17.71
C SER C 44 26.23 5.55 -17.39
N ILE C 45 26.50 5.78 -16.11
CA ILE C 45 27.00 7.06 -15.62
C ILE C 45 28.44 6.80 -15.18
N THR C 46 29.41 7.30 -15.94
CA THR C 46 30.81 7.07 -15.63
C THR C 46 31.37 7.96 -14.51
N ASP C 47 32.44 7.49 -13.87
CA ASP C 47 33.06 8.29 -12.81
C ASP C 47 33.49 9.63 -13.40
N ASP C 48 34.07 9.61 -14.61
CA ASP C 48 34.52 10.85 -15.26
C ASP C 48 33.39 11.85 -15.49
N ALA C 49 32.20 11.36 -15.83
CA ALA C 49 31.07 12.24 -16.05
C ALA C 49 30.71 12.92 -14.72
N LEU C 50 30.75 12.17 -13.62
CA LEU C 50 30.43 12.74 -12.31
C LEU C 50 31.50 13.74 -11.89
N THR C 51 32.76 13.38 -12.11
CA THR C 51 33.88 14.26 -11.75
C THR C 51 33.77 15.56 -12.52
N ALA C 52 33.46 15.46 -13.82
CA ALA C 52 33.32 16.65 -14.65
C ALA C 52 32.20 17.53 -14.12
N ALA C 53 31.12 16.90 -13.64
CA ALA C 53 29.98 17.64 -13.11
C ALA C 53 30.30 18.35 -11.80
N GLY C 54 31.42 17.99 -11.18
CA GLY C 54 31.80 18.64 -9.94
C GLY C 54 31.97 17.77 -8.70
N ALA C 55 31.71 16.47 -8.84
CA ALA C 55 31.85 15.58 -7.71
C ALA C 55 33.28 15.03 -7.59
N THR C 56 33.56 14.41 -6.45
CA THR C 56 34.85 13.78 -6.23
C THR C 56 34.54 12.30 -6.05
N ILE C 57 35.35 11.47 -6.69
CA ILE C 57 35.16 10.03 -6.64
C ILE C 57 35.94 9.40 -5.48
N ALA C 58 35.26 8.54 -4.73
CA ALA C 58 35.87 7.84 -3.61
C ALA C 58 36.15 6.41 -4.05
N SER C 59 37.30 5.88 -3.65
CA SER C 59 37.71 4.54 -4.02
C SER C 59 36.89 3.41 -3.41
N THR C 60 36.46 3.59 -2.16
CA THR C 60 35.66 2.57 -1.49
C THR C 60 34.39 3.18 -0.91
N ALA C 61 33.43 2.32 -0.59
CA ALA C 61 32.17 2.74 0.00
C ALA C 61 32.45 3.46 1.32
N ALA C 62 33.35 2.87 2.10
CA ALA C 62 33.74 3.42 3.39
C ALA C 62 34.25 4.85 3.27
N GLN C 63 35.18 5.08 2.35
CA GLN C 63 35.73 6.42 2.16
C GLN C 63 34.70 7.41 1.64
N ALA C 64 33.75 6.92 0.86
CA ALA C 64 32.70 7.80 0.32
C ALA C 64 31.76 8.29 1.41
N LEU C 65 31.31 7.38 2.26
CA LEU C 65 30.38 7.71 3.34
C LEU C 65 31.06 8.29 4.57
N SER C 66 32.37 8.08 4.67
CA SER C 66 33.19 8.53 5.79
C SER C 66 32.67 9.66 6.67
N GLN C 67 32.81 10.90 6.19
CA GLN C 67 32.37 12.06 6.98
C GLN C 67 31.15 12.76 6.38
N ALA C 68 30.35 12.02 5.61
CA ALA C 68 29.18 12.62 4.97
C ALA C 68 28.10 13.02 5.98
N ASP C 69 27.51 14.19 5.74
CA ASP C 69 26.45 14.71 6.60
C ASP C 69 25.11 14.26 6.05
N VAL C 70 25.09 14.00 4.75
CA VAL C 70 23.90 13.55 4.06
C VAL C 70 24.27 12.38 3.16
N VAL C 71 23.45 11.34 3.18
CA VAL C 71 23.67 10.17 2.36
C VAL C 71 22.42 9.89 1.54
N TRP C 72 22.62 9.69 0.24
CA TRP C 72 21.52 9.38 -0.68
C TRP C 72 21.77 7.97 -1.23
N LYS C 73 20.74 7.13 -1.21
CA LYS C 73 20.85 5.78 -1.74
C LYS C 73 19.55 5.45 -2.43
N VAL C 74 19.54 4.35 -3.16
CA VAL C 74 18.34 3.90 -3.84
C VAL C 74 17.61 2.99 -2.88
N GLN C 75 18.24 1.87 -2.50
CA GLN C 75 17.62 0.93 -1.56
C GLN C 75 18.20 1.08 -0.15
N ARG C 76 17.45 0.60 0.85
CA ARG C 76 17.87 0.69 2.25
C ARG C 76 19.25 0.08 2.44
N PRO C 77 20.06 0.69 3.32
CA PRO C 77 21.39 0.16 3.57
C PRO C 77 21.31 -1.22 4.21
N MET C 78 22.32 -2.05 3.96
CA MET C 78 22.34 -3.38 4.53
C MET C 78 22.92 -3.34 5.94
N THR C 79 22.46 -4.26 6.78
CA THR C 79 22.93 -4.34 8.16
C THR C 79 23.99 -5.43 8.28
N ALA C 80 24.74 -5.42 9.38
CA ALA C 80 25.78 -6.41 9.61
C ALA C 80 25.24 -7.84 9.44
N GLU C 81 23.97 -8.04 9.81
CA GLU C 81 23.35 -9.36 9.70
C GLU C 81 23.14 -9.78 8.26
N GLU C 82 23.23 -8.84 7.33
CA GLU C 82 23.02 -9.14 5.92
C GLU C 82 24.31 -9.22 5.13
N GLY C 83 25.44 -9.17 5.84
CA GLY C 83 26.73 -9.23 5.16
C GLY C 83 27.55 -8.01 5.53
N THR C 84 27.61 -7.04 4.63
CA THR C 84 28.37 -5.82 4.88
C THR C 84 27.48 -4.85 5.65
N ASP C 85 27.99 -4.33 6.76
CA ASP C 85 27.25 -3.40 7.58
C ASP C 85 27.37 -2.00 6.97
N GLU C 86 26.47 -1.65 6.08
CA GLU C 86 26.50 -0.35 5.44
C GLU C 86 26.10 0.75 6.41
N VAL C 87 25.26 0.41 7.38
CA VAL C 87 24.81 1.38 8.37
C VAL C 87 26.00 1.92 9.16
N ALA C 88 26.92 1.03 9.51
CA ALA C 88 28.11 1.39 10.27
C ALA C 88 28.98 2.40 9.51
N LEU C 89 28.84 2.43 8.19
CA LEU C 89 29.61 3.34 7.34
C LEU C 89 29.07 4.77 7.36
N ILE C 90 27.81 4.93 7.74
CA ILE C 90 27.20 6.26 7.81
C ILE C 90 27.59 6.91 9.13
N LYS C 91 27.99 8.18 9.07
CA LYS C 91 28.37 8.91 10.28
C LYS C 91 27.23 8.95 11.29
N GLU C 92 27.58 9.01 12.57
CA GLU C 92 26.62 9.05 13.67
C GLU C 92 25.34 9.86 13.45
N GLY C 93 25.41 11.17 13.55
CA GLY C 93 24.21 11.98 13.38
C GLY C 93 23.86 12.47 11.98
N ALA C 94 24.26 11.71 10.96
CA ALA C 94 23.99 12.10 9.59
C ALA C 94 22.55 11.87 9.13
N VAL C 95 22.22 12.41 7.97
CA VAL C 95 20.90 12.29 7.38
C VAL C 95 20.89 11.30 6.20
N LEU C 96 19.93 10.37 6.20
CA LEU C 96 19.82 9.38 5.12
C LEU C 96 18.49 9.54 4.37
N MET C 97 18.58 9.54 3.04
CA MET C 97 17.39 9.64 2.18
C MET C 97 17.49 8.53 1.16
N CYS C 98 16.45 7.69 1.13
CA CYS C 98 16.42 6.56 0.20
C CYS C 98 15.08 5.85 0.31
N HIS C 99 14.89 4.82 -0.51
CA HIS C 99 13.66 4.02 -0.45
C HIS C 99 14.01 3.10 0.72
N LEU C 100 13.46 3.42 1.89
CA LEU C 100 13.77 2.67 3.10
C LEU C 100 13.00 1.39 3.36
N GLY C 101 11.96 1.11 2.58
CA GLY C 101 11.19 -0.09 2.81
C GLY C 101 10.82 -0.12 4.29
N ALA C 102 10.43 1.05 4.79
CA ALA C 102 10.06 1.22 6.19
C ALA C 102 8.88 0.36 6.68
N LEU C 103 7.79 0.35 5.93
CA LEU C 103 6.62 -0.42 6.32
C LEU C 103 6.64 -1.90 5.90
N THR C 104 7.85 -2.46 5.80
CA THR C 104 8.03 -3.86 5.44
C THR C 104 9.35 -4.33 6.04
N ASN C 105 10.04 -3.43 6.73
CA ASN C 105 11.32 -3.75 7.35
C ASN C 105 11.55 -2.94 8.64
N ARG C 106 12.28 -3.54 9.57
CA ARG C 106 12.58 -2.91 10.86
C ARG C 106 14.06 -3.02 11.23
N PRO C 107 14.67 -4.20 11.00
CA PRO C 107 16.09 -4.40 11.32
C PRO C 107 17.00 -3.26 10.87
N VAL C 108 16.69 -2.67 9.71
CA VAL C 108 17.49 -1.56 9.20
C VAL C 108 17.18 -0.29 10.01
N VAL C 109 15.90 -0.08 10.28
CA VAL C 109 15.48 1.10 11.05
C VAL C 109 16.10 1.02 12.44
N GLU C 110 16.15 -0.19 12.98
CA GLU C 110 16.74 -0.39 14.30
C GLU C 110 18.23 -0.05 14.28
N ALA C 111 18.94 -0.51 13.25
CA ALA C 111 20.37 -0.25 13.12
C ALA C 111 20.64 1.24 12.95
N LEU C 112 19.78 1.93 12.19
CA LEU C 112 19.95 3.35 11.97
C LEU C 112 19.74 4.13 13.27
N THR C 113 18.74 3.70 14.03
CA THR C 113 18.41 4.34 15.29
C THR C 113 19.58 4.25 16.28
N LYS C 114 20.26 3.10 16.34
CA LYS C 114 21.38 2.98 17.27
C LYS C 114 22.53 3.92 16.93
N ARG C 115 22.60 4.38 15.68
CA ARG C 115 23.65 5.31 15.27
C ARG C 115 23.10 6.74 15.20
N LYS C 116 21.89 6.93 15.73
CA LYS C 116 21.22 8.24 15.75
C LYS C 116 21.16 8.92 14.38
N ILE C 117 20.94 8.12 13.35
CA ILE C 117 20.86 8.64 11.99
C ILE C 117 19.43 9.07 11.69
N THR C 118 19.26 10.24 11.09
CA THR C 118 17.95 10.72 10.72
C THR C 118 17.65 10.16 9.33
N ALA C 119 16.65 9.28 9.25
CA ALA C 119 16.30 8.65 7.98
C ALA C 119 14.96 9.09 7.42
N TYR C 120 14.95 9.42 6.14
CA TYR C 120 13.75 9.84 5.45
C TYR C 120 13.36 8.77 4.43
N ALA C 121 12.21 8.13 4.65
CA ALA C 121 11.73 7.08 3.75
C ALA C 121 11.01 7.74 2.58
N MET C 122 11.72 7.90 1.47
CA MET C 122 11.18 8.54 0.27
C MET C 122 9.91 7.92 -0.25
N GLU C 123 9.70 6.63 0.01
CA GLU C 123 8.50 5.96 -0.46
C GLU C 123 7.25 6.38 0.31
N LEU C 124 7.43 7.10 1.42
CA LEU C 124 6.31 7.54 2.23
C LEU C 124 5.87 8.96 1.88
N MET C 125 6.47 9.52 0.83
CA MET C 125 6.16 10.88 0.39
C MET C 125 4.64 11.07 0.32
N PRO C 126 4.12 12.07 1.07
CA PRO C 126 2.68 12.35 1.08
C PRO C 126 2.12 12.57 -0.33
N ARG C 127 0.96 12.00 -0.59
CA ARG C 127 0.32 12.13 -1.90
C ARG C 127 -0.27 13.51 -2.13
N ILE C 128 0.55 14.55 -1.96
CA ILE C 128 0.07 15.92 -2.18
C ILE C 128 0.64 16.46 -3.48
N SER C 129 -0.19 17.20 -4.19
CA SER C 129 0.18 17.78 -5.48
C SER C 129 1.57 18.41 -5.58
N ARG C 130 1.96 19.20 -4.58
CA ARG C 130 3.26 19.84 -4.63
C ARG C 130 4.44 18.88 -4.46
N ALA C 131 4.17 17.65 -4.02
CA ALA C 131 5.22 16.67 -3.82
C ALA C 131 5.44 15.75 -5.03
N GLN C 132 4.73 16.02 -6.12
CA GLN C 132 4.87 15.20 -7.33
C GLN C 132 6.32 15.07 -7.81
N SER C 133 7.02 16.20 -7.86
CA SER C 133 8.40 16.24 -8.31
C SER C 133 9.35 15.50 -7.36
N MET C 134 8.84 15.14 -6.18
CA MET C 134 9.64 14.46 -5.16
C MET C 134 9.26 12.99 -4.97
N ASP C 135 8.23 12.53 -5.66
CA ASP C 135 7.74 11.16 -5.50
C ASP C 135 8.49 10.07 -6.25
N ILE C 136 9.26 9.25 -5.54
CA ILE C 136 10.00 8.18 -6.21
C ILE C 136 9.08 7.04 -6.67
N LEU C 137 7.96 6.85 -5.98
CA LEU C 137 7.04 5.79 -6.38
C LEU C 137 6.52 6.06 -7.78
N SER C 138 6.17 7.31 -8.05
CA SER C 138 5.65 7.73 -9.35
C SER C 138 6.70 7.70 -10.47
N SER C 139 7.86 8.32 -10.23
CA SER C 139 8.89 8.35 -11.26
C SER C 139 9.37 6.94 -11.63
N GLN C 140 9.48 6.06 -10.63
CA GLN C 140 9.93 4.71 -10.91
C GLN C 140 8.82 3.83 -11.51
N SER C 141 7.60 3.91 -10.98
CA SER C 141 6.51 3.08 -11.50
C SER C 141 6.16 3.46 -12.95
N ASN C 142 6.36 4.74 -13.30
CA ASN C 142 6.08 5.19 -14.66
C ASN C 142 6.99 4.41 -15.62
N LEU C 143 8.27 4.32 -15.29
CA LEU C 143 9.22 3.58 -16.12
C LEU C 143 8.88 2.08 -16.10
N ALA C 144 8.39 1.59 -14.96
CA ALA C 144 8.04 0.18 -14.87
C ALA C 144 6.87 -0.14 -15.81
N GLY C 145 5.95 0.81 -15.94
CA GLY C 145 4.80 0.61 -16.83
C GLY C 145 5.28 0.46 -18.26
N TYR C 146 6.22 1.32 -18.64
CA TYR C 146 6.79 1.24 -20.00
C TYR C 146 7.53 -0.08 -20.21
N ARG C 147 8.38 -0.44 -19.26
CA ARG C 147 9.16 -1.67 -19.34
C ARG C 147 8.29 -2.92 -19.42
N ALA C 148 7.11 -2.87 -18.79
CA ALA C 148 6.19 -3.99 -18.83
C ALA C 148 5.79 -4.29 -20.27
N VAL C 149 5.54 -3.24 -21.06
CA VAL C 149 5.18 -3.42 -22.45
C VAL C 149 6.38 -3.95 -23.23
N ILE C 150 7.57 -3.41 -22.97
CA ILE C 150 8.79 -3.86 -23.66
C ILE C 150 9.04 -5.35 -23.39
N ASP C 151 8.92 -5.76 -22.13
CA ASP C 151 9.13 -7.16 -21.80
C ASP C 151 8.05 -8.05 -22.40
N GLY C 152 6.82 -7.53 -22.49
CA GLY C 152 5.72 -8.27 -23.07
C GLY C 152 5.96 -8.54 -24.55
N ALA C 153 6.30 -7.50 -25.30
CA ALA C 153 6.59 -7.61 -26.73
C ALA C 153 7.79 -8.52 -26.99
N TYR C 154 8.77 -8.47 -26.10
CA TYR C 154 9.98 -9.29 -26.24
C TYR C 154 9.66 -10.79 -26.16
N GLU C 155 8.75 -11.14 -25.26
CA GLU C 155 8.34 -12.54 -25.05
C GLU C 155 7.27 -13.03 -26.01
N PHE C 156 6.59 -12.11 -26.68
CA PHE C 156 5.52 -12.42 -27.61
C PHE C 156 6.07 -12.86 -28.97
N ALA C 157 5.48 -13.90 -29.55
CA ALA C 157 5.93 -14.44 -30.84
C ALA C 157 5.28 -13.79 -32.06
N ARG C 158 4.59 -12.68 -31.85
CA ARG C 158 3.94 -11.94 -32.92
C ARG C 158 4.32 -10.48 -32.76
N ALA C 159 4.07 -9.67 -33.79
CA ALA C 159 4.38 -8.24 -33.71
C ALA C 159 3.17 -7.47 -33.20
N PHE C 160 3.43 -6.42 -32.41
CA PHE C 160 2.36 -5.60 -31.84
C PHE C 160 1.49 -4.84 -32.83
N PRO C 161 2.10 -4.07 -33.74
CA PRO C 161 1.27 -3.31 -34.68
C PRO C 161 0.60 -4.11 -35.77
N MET C 162 -0.53 -3.61 -36.26
CA MET C 162 -1.24 -4.25 -37.35
C MET C 162 -0.41 -3.91 -38.58
N MET C 163 -0.13 -4.90 -39.41
CA MET C 163 0.66 -4.67 -40.61
C MET C 163 -0.07 -5.16 -41.85
N MET C 164 -0.28 -4.25 -42.80
CA MET C 164 -0.96 -4.57 -44.05
C MET C 164 0.13 -4.66 -45.13
N THR C 165 0.48 -5.89 -45.50
CA THR C 165 1.54 -6.12 -46.49
C THR C 165 1.04 -6.84 -47.73
N ALA C 166 1.90 -6.93 -48.74
CA ALA C 166 1.54 -7.60 -49.97
C ALA C 166 1.29 -9.09 -49.72
N ALA C 167 1.94 -9.62 -48.68
CA ALA C 167 1.80 -11.04 -48.33
C ALA C 167 0.57 -11.30 -47.48
N GLY C 168 -0.07 -10.23 -47.03
CA GLY C 168 -1.26 -10.38 -46.20
C GLY C 168 -1.24 -9.46 -45.00
N THR C 169 -2.35 -9.39 -44.30
CA THR C 169 -2.45 -8.52 -43.13
C THR C 169 -2.19 -9.26 -41.82
N VAL C 170 -1.33 -8.66 -41.00
CA VAL C 170 -0.95 -9.19 -39.70
C VAL C 170 -1.78 -8.39 -38.70
N PRO C 171 -2.59 -9.06 -37.87
CA PRO C 171 -3.43 -8.37 -36.89
C PRO C 171 -2.62 -7.73 -35.75
N PRO C 172 -3.18 -6.68 -35.13
CA PRO C 172 -2.45 -6.03 -34.04
C PRO C 172 -2.59 -6.86 -32.77
N ALA C 173 -1.68 -6.66 -31.83
CA ALA C 173 -1.78 -7.38 -30.56
C ALA C 173 -2.91 -6.71 -29.78
N ARG C 174 -3.57 -7.47 -28.91
CA ARG C 174 -4.64 -6.97 -28.05
C ARG C 174 -4.05 -6.88 -26.65
N VAL C 175 -4.09 -5.71 -26.04
CA VAL C 175 -3.53 -5.56 -24.70
C VAL C 175 -4.62 -5.22 -23.68
N LEU C 176 -4.50 -5.80 -22.49
CA LEU C 176 -5.46 -5.52 -21.42
C LEU C 176 -4.67 -5.13 -20.18
N VAL C 177 -4.80 -3.86 -19.79
CA VAL C 177 -4.09 -3.38 -18.61
C VAL C 177 -5.04 -3.40 -17.40
N PHE C 178 -4.63 -4.06 -16.33
CA PHE C 178 -5.41 -4.15 -15.09
C PHE C 178 -4.75 -3.22 -14.07
N GLY C 179 -5.49 -2.21 -13.62
CA GLY C 179 -4.93 -1.27 -12.66
C GLY C 179 -4.46 -0.05 -13.42
N VAL C 180 -5.18 1.07 -13.29
CA VAL C 180 -4.81 2.26 -14.01
C VAL C 180 -4.20 3.36 -13.14
N GLY C 181 -3.11 3.00 -12.47
CA GLY C 181 -2.40 3.96 -11.66
C GLY C 181 -1.32 4.49 -12.58
N VAL C 182 -0.21 4.98 -12.00
CA VAL C 182 0.89 5.51 -12.82
C VAL C 182 1.50 4.50 -13.80
N ALA C 183 1.75 3.29 -13.34
CA ALA C 183 2.33 2.26 -14.20
C ALA C 183 1.35 1.78 -15.26
N GLY C 184 0.08 1.69 -14.90
CA GLY C 184 -0.92 1.24 -15.85
C GLY C 184 -1.11 2.23 -16.98
N LEU C 185 -1.06 3.53 -16.65
CA LEU C 185 -1.22 4.57 -17.66
C LEU C 185 -0.08 4.54 -18.68
N GLN C 186 1.14 4.37 -18.20
CA GLN C 186 2.28 4.33 -19.11
C GLN C 186 2.21 3.06 -19.96
N ALA C 187 1.76 1.96 -19.36
CA ALA C 187 1.64 0.70 -20.10
C ALA C 187 0.63 0.91 -21.23
N ILE C 188 -0.47 1.58 -20.93
CA ILE C 188 -1.48 1.86 -21.95
C ILE C 188 -0.83 2.69 -23.05
N ALA C 189 -0.17 3.76 -22.66
CA ALA C 189 0.49 4.66 -23.60
C ALA C 189 1.54 3.99 -24.47
N THR C 190 2.39 3.15 -23.87
CA THR C 190 3.45 2.47 -24.59
C THR C 190 2.89 1.35 -25.50
N ALA C 191 1.84 0.66 -25.03
CA ALA C 191 1.23 -0.38 -25.84
C ALA C 191 0.57 0.28 -27.06
N LYS C 192 0.01 1.48 -26.86
CA LYS C 192 -0.63 2.23 -27.94
C LYS C 192 0.44 2.67 -28.93
N ARG C 193 1.60 3.08 -28.41
CA ARG C 193 2.70 3.50 -29.27
C ARG C 193 3.08 2.39 -30.25
N LEU C 194 3.15 1.16 -29.73
CA LEU C 194 3.50 0.01 -30.56
C LEU C 194 2.35 -0.42 -31.47
N GLY C 195 1.27 0.34 -31.44
CA GLY C 195 0.12 0.06 -32.30
C GLY C 195 -0.88 -1.00 -31.87
N ALA C 196 -0.88 -1.39 -30.61
CA ALA C 196 -1.82 -2.40 -30.15
C ALA C 196 -3.18 -1.79 -29.83
N VAL C 197 -4.19 -2.66 -29.78
CA VAL C 197 -5.54 -2.24 -29.41
C VAL C 197 -5.45 -2.45 -27.91
N VAL C 198 -5.72 -1.41 -27.14
CA VAL C 198 -5.58 -1.49 -25.70
C VAL C 198 -6.85 -1.28 -24.89
N MET C 199 -7.14 -2.24 -24.02
CA MET C 199 -8.30 -2.19 -23.13
C MET C 199 -7.75 -2.04 -21.72
N ALA C 200 -8.56 -1.55 -20.80
CA ALA C 200 -8.10 -1.37 -19.42
C ALA C 200 -9.27 -1.43 -18.45
N THR C 201 -8.99 -1.93 -17.25
CA THR C 201 -10.01 -2.03 -16.24
C THR C 201 -9.41 -1.63 -14.90
N ASP C 202 -10.21 -0.94 -14.09
CA ASP C 202 -9.74 -0.51 -12.78
C ASP C 202 -10.96 -0.40 -11.87
N VAL C 203 -10.74 -0.65 -10.58
CA VAL C 203 -11.82 -0.58 -9.61
C VAL C 203 -12.52 0.78 -9.61
N ARG C 204 -11.77 1.85 -9.81
CA ARG C 204 -12.34 3.19 -9.81
C ARG C 204 -12.72 3.67 -11.20
N ALA C 205 -13.98 4.04 -11.38
CA ALA C 205 -14.48 4.51 -12.66
C ALA C 205 -13.90 5.87 -13.04
N ALA C 206 -13.30 6.55 -12.07
CA ALA C 206 -12.71 7.86 -12.30
C ALA C 206 -11.56 7.81 -13.32
N THR C 207 -11.00 6.63 -13.51
CA THR C 207 -9.89 6.45 -14.44
C THR C 207 -10.33 6.27 -15.89
N LYS C 208 -11.64 6.15 -16.10
CA LYS C 208 -12.20 5.97 -17.44
C LYS C 208 -11.74 7.05 -18.41
N GLU C 209 -11.85 8.32 -17.99
CA GLU C 209 -11.47 9.44 -18.83
C GLU C 209 -9.98 9.47 -19.11
N GLN C 210 -9.18 9.05 -18.13
CA GLN C 210 -7.73 9.03 -18.31
C GLN C 210 -7.36 7.94 -19.31
N VAL C 211 -8.00 6.78 -19.20
CA VAL C 211 -7.73 5.68 -20.11
C VAL C 211 -8.09 6.07 -21.54
N GLU C 212 -9.26 6.69 -21.69
CA GLU C 212 -9.72 7.12 -23.01
C GLU C 212 -8.87 8.23 -23.59
N SER C 213 -8.35 9.10 -22.74
CA SER C 213 -7.50 10.19 -23.20
C SER C 213 -6.27 9.65 -23.93
N LEU C 214 -5.85 8.45 -23.56
CA LEU C 214 -4.70 7.81 -24.17
C LEU C 214 -5.05 6.91 -25.35
N GLY C 215 -6.35 6.84 -25.67
CA GLY C 215 -6.76 5.99 -26.77
C GLY C 215 -7.11 4.58 -26.31
N GLY C 216 -7.14 4.38 -25.00
CA GLY C 216 -7.47 3.09 -24.47
C GLY C 216 -8.97 2.98 -24.32
N LYS C 217 -9.48 1.75 -24.26
CA LYS C 217 -10.91 1.56 -24.08
C LYS C 217 -11.16 1.00 -22.68
N PHE C 218 -11.96 1.71 -21.91
CA PHE C 218 -12.28 1.31 -20.55
C PHE C 218 -13.36 0.23 -20.61
N ILE C 219 -13.13 -0.88 -19.92
CA ILE C 219 -14.10 -1.97 -19.89
C ILE C 219 -15.23 -1.65 -18.93
N THR C 220 -16.46 -1.63 -19.44
CA THR C 220 -17.63 -1.35 -18.62
C THR C 220 -18.76 -2.32 -18.88
N VAL C 221 -19.73 -2.34 -17.97
CA VAL C 221 -20.89 -3.22 -18.08
C VAL C 221 -22.03 -2.54 -18.84
N LYS C 245 -19.42 -9.01 -10.67
CA LYS C 245 -19.90 -10.24 -11.30
C LYS C 245 -20.19 -9.97 -12.77
N LYS C 246 -20.95 -8.92 -13.02
CA LYS C 246 -21.29 -8.54 -14.38
C LYS C 246 -20.04 -7.95 -15.02
N GLN C 247 -19.26 -7.24 -14.21
CA GLN C 247 -18.03 -6.62 -14.66
C GLN C 247 -17.02 -7.73 -15.02
N ALA C 248 -17.04 -8.80 -14.22
CA ALA C 248 -16.15 -9.93 -14.45
C ALA C 248 -16.39 -10.51 -15.84
N GLU C 249 -17.64 -10.50 -16.28
CA GLU C 249 -18.01 -11.01 -17.60
C GLU C 249 -17.47 -10.10 -18.70
N ALA C 250 -17.60 -8.80 -18.49
CA ALA C 250 -17.12 -7.82 -19.47
C ALA C 250 -15.60 -7.94 -19.64
N VAL C 251 -14.88 -8.07 -18.53
CA VAL C 251 -13.43 -8.19 -18.59
C VAL C 251 -13.03 -9.53 -19.20
N LEU C 252 -13.83 -10.55 -18.96
CA LEU C 252 -13.53 -11.88 -19.50
C LEU C 252 -13.69 -11.84 -21.02
N LYS C 253 -14.72 -11.15 -21.50
CA LYS C 253 -14.96 -11.05 -22.93
C LYS C 253 -13.70 -10.55 -23.63
N GLU C 254 -12.99 -9.63 -22.99
CA GLU C 254 -11.78 -9.07 -23.57
C GLU C 254 -10.56 -9.96 -23.32
N LEU C 255 -10.47 -10.52 -22.12
CA LEU C 255 -9.32 -11.36 -21.78
C LEU C 255 -9.13 -12.56 -22.69
N VAL C 256 -10.22 -13.18 -23.17
CA VAL C 256 -10.08 -14.33 -24.05
C VAL C 256 -9.56 -13.93 -25.44
N LYS C 257 -9.52 -12.63 -25.71
CA LYS C 257 -9.04 -12.12 -26.99
C LYS C 257 -7.69 -11.43 -26.77
N THR C 258 -7.31 -11.30 -25.51
CA THR C 258 -6.07 -10.63 -25.16
C THR C 258 -4.78 -11.41 -25.38
N ASP C 259 -3.78 -10.73 -25.92
CA ASP C 259 -2.48 -11.34 -26.18
C ASP C 259 -1.53 -10.99 -25.06
N ILE C 260 -1.54 -9.73 -24.65
CA ILE C 260 -0.67 -9.24 -23.59
C ILE C 260 -1.49 -8.64 -22.45
N ALA C 261 -1.41 -9.26 -21.27
CA ALA C 261 -2.13 -8.77 -20.11
C ALA C 261 -1.10 -8.21 -19.12
N ILE C 262 -1.33 -6.99 -18.67
CA ILE C 262 -0.39 -6.34 -17.74
C ILE C 262 -1.13 -5.93 -16.46
N THR C 263 -0.66 -6.41 -15.32
CA THR C 263 -1.29 -6.09 -14.03
C THR C 263 -0.38 -5.14 -13.27
N THR C 264 -0.98 -4.13 -12.63
CA THR C 264 -0.20 -3.12 -11.93
C THR C 264 -0.71 -2.69 -10.55
N ALA C 265 -1.74 -3.34 -10.04
CA ALA C 265 -2.31 -2.97 -8.74
C ALA C 265 -1.48 -3.26 -7.49
N LEU C 266 -1.14 -2.21 -6.74
CA LEU C 266 -0.37 -2.33 -5.51
C LEU C 266 -1.02 -1.58 -4.35
N ILE C 267 -0.85 -2.09 -3.14
CA ILE C 267 -1.41 -1.45 -1.94
C ILE C 267 -0.32 -1.31 -0.88
N PRO C 268 0.12 -0.07 -0.61
CA PRO C 268 1.16 0.20 0.39
C PRO C 268 0.92 -0.53 1.71
N GLY C 269 1.76 -1.52 1.99
CA GLY C 269 1.63 -2.28 3.22
C GLY C 269 0.48 -3.27 3.23
N LYS C 270 0.39 -4.07 2.17
CA LYS C 270 -0.66 -5.08 2.05
C LYS C 270 -0.36 -5.98 0.85
N PRO C 271 -0.94 -7.19 0.84
CA PRO C 271 -0.71 -8.10 -0.28
C PRO C 271 -1.35 -7.50 -1.53
N ALA C 272 -0.82 -7.84 -2.70
CA ALA C 272 -1.35 -7.30 -3.95
C ALA C 272 -2.72 -7.91 -4.26
N PRO C 273 -3.66 -7.07 -4.70
CA PRO C 273 -4.98 -7.62 -5.02
C PRO C 273 -4.88 -8.59 -6.19
N VAL C 274 -5.65 -9.68 -6.13
CA VAL C 274 -5.64 -10.65 -7.22
C VAL C 274 -6.59 -10.15 -8.30
N LEU C 275 -6.06 -9.95 -9.50
CA LEU C 275 -6.85 -9.45 -10.62
C LEU C 275 -7.05 -10.47 -11.73
N ILE C 276 -6.12 -11.42 -11.83
CA ILE C 276 -6.23 -12.48 -12.83
C ILE C 276 -6.09 -13.82 -12.11
N THR C 277 -7.21 -14.51 -11.93
CA THR C 277 -7.19 -15.81 -11.25
C THR C 277 -6.71 -16.90 -12.21
N GLU C 278 -6.33 -18.05 -11.66
CA GLU C 278 -5.85 -19.14 -12.49
C GLU C 278 -6.94 -19.56 -13.48
N GLU C 279 -8.19 -19.56 -13.02
CA GLU C 279 -9.30 -19.95 -13.88
C GLU C 279 -9.30 -19.04 -15.11
N MET C 280 -9.17 -17.74 -14.88
CA MET C 280 -9.16 -16.77 -15.97
C MET C 280 -8.02 -17.08 -16.94
N VAL C 281 -6.85 -17.42 -16.39
CA VAL C 281 -5.70 -17.74 -17.22
C VAL C 281 -5.98 -18.93 -18.13
N THR C 282 -6.68 -19.93 -17.61
CA THR C 282 -7.00 -21.13 -18.40
C THR C 282 -7.90 -20.80 -19.59
N LYS C 283 -8.51 -19.62 -19.57
CA LYS C 283 -9.40 -19.23 -20.67
C LYS C 283 -8.70 -18.36 -21.70
N MET C 284 -7.43 -18.01 -21.44
CA MET C 284 -6.67 -17.20 -22.37
C MET C 284 -6.14 -18.11 -23.47
N LYS C 285 -5.71 -17.54 -24.58
CA LYS C 285 -5.21 -18.36 -25.67
C LYS C 285 -3.72 -18.66 -25.59
N PRO C 286 -3.31 -19.84 -26.08
CA PRO C 286 -1.92 -20.26 -26.08
C PRO C 286 -1.04 -19.22 -26.78
N GLY C 287 0.09 -18.90 -26.17
CA GLY C 287 0.99 -17.92 -26.76
C GLY C 287 0.86 -16.53 -26.18
N SER C 288 -0.13 -16.32 -25.30
CA SER C 288 -0.35 -15.03 -24.66
C SER C 288 0.69 -14.80 -23.57
N VAL C 289 0.83 -13.55 -23.14
CA VAL C 289 1.80 -13.22 -22.12
C VAL C 289 1.16 -12.37 -21.02
N ILE C 290 1.58 -12.61 -19.78
CA ILE C 290 1.08 -11.83 -18.66
C ILE C 290 2.27 -11.22 -17.94
N ILE C 291 2.24 -9.89 -17.77
CA ILE C 291 3.29 -9.17 -17.06
C ILE C 291 2.67 -8.78 -15.72
N ASP C 292 3.17 -9.36 -14.63
CA ASP C 292 2.65 -9.11 -13.30
C ASP C 292 3.59 -8.17 -12.55
N LEU C 293 3.34 -6.88 -12.63
CA LEU C 293 4.17 -5.86 -11.96
C LEU C 293 4.06 -5.84 -10.44
N ALA C 294 3.12 -6.61 -9.90
CA ALA C 294 2.91 -6.68 -8.46
C ALA C 294 3.43 -8.00 -7.89
N VAL C 295 4.27 -8.68 -8.65
CA VAL C 295 4.82 -9.98 -8.23
C VAL C 295 5.53 -9.94 -6.87
N GLU C 296 6.29 -8.87 -6.62
CA GLU C 296 7.01 -8.75 -5.35
C GLU C 296 6.11 -8.63 -4.12
N ALA C 297 4.86 -8.27 -4.33
CA ALA C 297 3.91 -8.12 -3.22
C ALA C 297 2.86 -9.23 -3.20
N GLY C 298 3.16 -10.35 -3.85
CA GLY C 298 2.23 -11.45 -3.89
C GLY C 298 1.65 -11.70 -5.27
N GLY C 299 1.71 -10.68 -6.11
CA GLY C 299 1.20 -10.79 -7.47
C GLY C 299 -0.29 -10.58 -7.69
N ASN C 300 -0.65 -10.00 -8.84
CA ASN C 300 -2.06 -9.79 -9.17
C ASN C 300 -2.56 -11.10 -9.78
N CYS C 301 -1.62 -12.01 -10.05
CA CYS C 301 -1.93 -13.32 -10.61
C CYS C 301 -1.24 -14.35 -9.70
N PRO C 302 -2.03 -15.27 -9.11
CA PRO C 302 -1.46 -16.28 -8.22
C PRO C 302 -0.53 -17.29 -8.88
N LEU C 303 -0.32 -17.15 -10.19
CA LEU C 303 0.54 -18.06 -10.93
C LEU C 303 1.95 -17.49 -11.17
N SER C 304 2.16 -16.22 -10.81
CA SER C 304 3.48 -15.60 -11.00
C SER C 304 4.45 -15.88 -9.86
N GLU C 305 5.72 -15.99 -10.22
CA GLU C 305 6.78 -16.24 -9.25
C GLU C 305 7.88 -15.20 -9.41
N PRO C 306 8.31 -14.59 -8.28
CA PRO C 306 9.37 -13.57 -8.33
C PRO C 306 10.60 -14.00 -9.09
N GLY C 307 11.05 -13.11 -9.99
CA GLY C 307 12.24 -13.37 -10.78
C GLY C 307 12.13 -14.44 -11.85
N LYS C 308 10.93 -14.97 -12.07
CA LYS C 308 10.77 -16.02 -13.07
C LYS C 308 9.73 -15.79 -14.15
N ILE C 309 9.90 -16.50 -15.26
CA ILE C 309 8.96 -16.48 -16.35
C ILE C 309 8.41 -17.90 -16.27
N VAL C 310 7.13 -18.01 -15.89
CA VAL C 310 6.48 -19.31 -15.76
C VAL C 310 5.53 -19.56 -16.92
N VAL C 311 5.46 -20.80 -17.39
CA VAL C 311 4.57 -21.18 -18.50
C VAL C 311 3.53 -22.17 -17.96
N LYS C 312 2.29 -21.78 -18.01
CA LYS C 312 1.21 -22.67 -17.48
C LYS C 312 -0.02 -22.36 -18.38
N HIS C 313 -0.73 -23.38 -18.76
CA HIS C 313 -1.89 -23.26 -19.60
C HIS C 313 -1.57 -22.58 -20.90
N GLY C 314 -0.34 -22.79 -21.37
CA GLY C 314 0.09 -22.22 -22.62
C GLY C 314 0.39 -20.74 -22.55
N VAL C 315 0.29 -20.17 -21.34
CA VAL C 315 0.55 -18.73 -21.15
C VAL C 315 1.84 -18.43 -20.39
N LYS C 316 2.60 -17.45 -20.89
CA LYS C 316 3.83 -17.03 -20.23
C LYS C 316 3.44 -16.03 -19.15
N ILE C 317 3.86 -16.31 -17.92
CA ILE C 317 3.56 -15.42 -16.82
C ILE C 317 4.89 -14.89 -16.32
N VAL C 318 5.23 -13.67 -16.73
CA VAL C 318 6.51 -13.08 -16.34
C VAL C 318 6.42 -12.24 -15.07
N GLY C 319 7.35 -12.47 -14.15
CA GLY C 319 7.35 -11.73 -12.91
C GLY C 319 8.74 -11.27 -12.53
N HIS C 320 9.34 -10.40 -13.35
CA HIS C 320 10.67 -9.88 -13.04
C HIS C 320 10.55 -9.07 -11.75
N THR C 321 11.63 -9.02 -10.97
CA THR C 321 11.57 -8.28 -9.72
C THR C 321 11.71 -6.74 -9.80
N ASN C 322 12.94 -6.25 -9.66
CA ASN C 322 13.24 -4.82 -9.67
C ASN C 322 13.02 -4.18 -11.07
N VAL C 323 11.77 -4.09 -11.53
CA VAL C 323 11.52 -3.56 -12.87
C VAL C 323 12.15 -2.21 -13.19
N PRO C 324 12.11 -1.25 -12.26
CA PRO C 324 12.73 0.02 -12.60
C PRO C 324 14.23 -0.08 -12.86
N SER C 325 14.86 -1.09 -12.26
CA SER C 325 16.30 -1.31 -12.46
C SER C 325 16.51 -1.82 -13.89
N ARG C 326 15.46 -2.37 -14.49
CA ARG C 326 15.54 -2.86 -15.87
C ARG C 326 15.59 -1.64 -16.81
N VAL C 327 15.33 -0.45 -16.23
CA VAL C 327 15.41 0.81 -16.97
C VAL C 327 16.32 1.74 -16.15
N ALA C 328 17.38 1.15 -15.59
CA ALA C 328 18.33 1.87 -14.72
C ALA C 328 18.91 3.20 -15.17
N ALA C 329 19.24 3.32 -16.46
CA ALA C 329 19.83 4.55 -16.97
C ALA C 329 18.88 5.75 -16.99
N ASP C 330 17.57 5.48 -17.07
CA ASP C 330 16.56 6.54 -17.06
C ASP C 330 15.98 6.67 -15.65
N ALA C 331 15.97 5.56 -14.91
CA ALA C 331 15.42 5.55 -13.57
C ALA C 331 16.29 6.31 -12.58
N SER C 332 17.60 6.18 -12.74
CA SER C 332 18.55 6.83 -11.83
C SER C 332 18.48 8.36 -11.86
N PRO C 333 18.49 8.97 -13.06
CA PRO C 333 18.41 10.43 -13.13
C PRO C 333 17.15 10.94 -12.45
N LEU C 334 16.02 10.28 -12.69
CA LEU C 334 14.75 10.69 -12.09
C LEU C 334 14.74 10.53 -10.57
N PHE C 335 15.34 9.44 -10.09
CA PHE C 335 15.39 9.17 -8.66
C PHE C 335 16.25 10.27 -8.01
N ALA C 336 17.35 10.61 -8.67
CA ALA C 336 18.25 11.64 -8.16
C ALA C 336 17.53 12.98 -8.12
N LYS C 337 16.70 13.25 -9.13
CA LYS C 337 15.95 14.50 -9.16
C LYS C 337 14.86 14.53 -8.09
N ASN C 338 14.28 13.38 -7.77
CA ASN C 338 13.25 13.31 -6.73
C ASN C 338 13.87 13.71 -5.38
N LEU C 339 15.06 13.18 -5.12
CA LEU C 339 15.79 13.47 -3.89
C LEU C 339 16.18 14.95 -3.85
N LEU C 340 16.71 15.46 -4.96
CA LEU C 340 17.10 16.86 -5.07
C LEU C 340 15.92 17.80 -4.80
N ASN C 341 14.77 17.50 -5.41
CA ASN C 341 13.58 18.32 -5.24
C ASN C 341 13.08 18.33 -3.79
N PHE C 342 13.28 17.21 -3.10
CA PHE C 342 12.86 17.08 -1.70
C PHE C 342 13.80 17.82 -0.76
N LEU C 343 15.09 17.78 -1.08
CA LEU C 343 16.12 18.40 -0.26
C LEU C 343 16.30 19.91 -0.43
N THR C 344 16.36 20.36 -1.69
CA THR C 344 16.58 21.77 -2.01
C THR C 344 15.86 22.84 -1.17
N PRO C 345 14.54 22.70 -0.98
CA PRO C 345 13.79 23.70 -0.20
C PRO C 345 14.30 23.93 1.22
N HIS C 346 15.07 22.98 1.75
CA HIS C 346 15.58 23.07 3.11
C HIS C 346 17.03 23.52 3.24
N VAL C 347 17.61 23.99 2.15
CA VAL C 347 18.99 24.45 2.16
C VAL C 347 19.05 25.90 1.70
N ASP C 348 20.10 26.38 2.10
CA ASP C 348 20.53 27.71 1.67
C ASP C 348 22.02 27.85 2.07
N LYS C 349 22.77 28.51 1.25
CA LYS C 349 24.13 28.87 1.56
C LYS C 349 24.13 30.02 2.58
N ASP C 350 23.01 30.61 2.84
CA ASP C 350 22.60 31.40 3.97
C ASP C 350 23.62 31.42 5.12
N THR C 351 23.73 30.02 5.55
CA THR C 351 24.73 29.51 6.47
C THR C 351 25.24 28.23 5.83
N LYS C 352 24.71 27.95 4.64
CA LYS C 352 25.05 26.77 3.87
C LYS C 352 24.93 25.51 4.72
N THR C 353 23.78 25.35 5.35
CA THR C 353 23.51 24.19 6.20
C THR C 353 22.14 23.64 5.85
N LEU C 354 21.97 22.33 6.06
CA LEU C 354 20.70 21.68 5.77
C LEU C 354 19.86 21.60 7.02
N VAL C 355 18.69 22.23 6.98
CA VAL C 355 17.77 22.22 8.10
C VAL C 355 16.39 21.82 7.58
N MET C 356 16.07 20.54 7.70
CA MET C 356 14.79 20.03 7.24
C MET C 356 13.69 20.57 8.16
N LYS C 357 12.85 21.46 7.64
CA LYS C 357 11.77 22.04 8.43
C LYS C 357 10.74 20.98 8.84
N LEU C 358 10.60 20.80 10.15
CA LEU C 358 9.67 19.82 10.70
C LEU C 358 8.21 20.14 10.39
N GLU C 359 7.92 21.40 10.12
CA GLU C 359 6.56 21.83 9.81
C GLU C 359 6.17 21.50 8.36
N ASP C 360 7.15 21.10 7.55
CA ASP C 360 6.91 20.75 6.16
C ASP C 360 6.35 19.33 6.17
N GLU C 361 5.17 19.15 5.57
CA GLU C 361 4.54 17.82 5.55
C GLU C 361 5.30 16.75 4.78
N THR C 362 6.22 17.14 3.90
CA THR C 362 7.00 16.14 3.17
C THR C 362 8.06 15.61 4.12
N VAL C 363 8.40 16.43 5.12
CA VAL C 363 9.41 16.07 6.11
C VAL C 363 8.84 15.17 7.20
N SER C 364 7.76 15.61 7.85
CA SER C 364 7.16 14.79 8.90
C SER C 364 6.61 13.51 8.28
N GLY C 365 6.08 13.62 7.06
CA GLY C 365 5.52 12.46 6.40
C GLY C 365 6.52 11.37 6.02
N THR C 366 7.78 11.73 5.78
CA THR C 366 8.78 10.75 5.40
C THR C 366 9.82 10.33 6.46
N CYS C 367 10.01 11.16 7.49
CA CYS C 367 10.98 10.85 8.54
C CYS C 367 10.51 9.67 9.39
N VAL C 368 11.31 8.61 9.46
CA VAL C 368 10.93 7.45 10.26
C VAL C 368 11.74 7.34 11.55
N THR C 369 12.90 8.00 11.56
CA THR C 369 13.73 8.00 12.75
C THR C 369 14.66 9.19 12.81
N ARG C 370 14.89 9.69 14.02
CA ARG C 370 15.79 10.81 14.24
C ARG C 370 16.23 10.87 15.70
N ASP C 371 17.46 11.34 15.90
CA ASP C 371 18.03 11.47 17.24
C ASP C 371 17.97 10.17 18.03
N GLY C 372 17.99 9.04 17.33
CA GLY C 372 17.95 7.76 18.01
C GLY C 372 16.58 7.31 18.47
N ALA C 373 15.53 7.83 17.84
CA ALA C 373 14.16 7.46 18.20
C ALA C 373 13.27 7.31 16.98
N ILE C 374 12.53 6.22 16.92
CA ILE C 374 11.61 5.98 15.82
C ILE C 374 10.48 7.00 16.00
N VAL C 375 10.16 7.71 14.93
CA VAL C 375 9.12 8.75 15.00
C VAL C 375 7.92 8.53 14.09
N HIS C 376 7.98 7.51 13.25
CA HIS C 376 6.87 7.25 12.34
C HIS C 376 6.19 5.93 12.69
N PRO C 377 4.85 5.93 12.78
CA PRO C 377 4.12 4.69 13.11
C PRO C 377 4.11 3.73 11.92
N ALA C 378 4.66 2.52 12.13
CA ALA C 378 4.72 1.49 11.09
C ALA C 378 5.54 0.30 11.54
N MET D 1 -3.66 -34.22 -56.37
CA MET D 1 -2.43 -33.45 -56.03
C MET D 1 -2.19 -33.48 -54.53
N LYS D 2 -0.97 -33.82 -54.13
CA LYS D 2 -0.64 -33.91 -52.72
C LYS D 2 0.49 -32.98 -52.31
N ILE D 3 0.21 -32.09 -51.37
CA ILE D 3 1.20 -31.15 -50.86
C ILE D 3 1.49 -31.48 -49.40
N ALA D 4 2.76 -31.63 -49.05
CA ALA D 4 3.13 -31.96 -47.68
C ALA D 4 4.02 -30.89 -47.06
N ILE D 5 3.83 -30.68 -45.77
CA ILE D 5 4.63 -29.70 -45.02
C ILE D 5 5.19 -30.36 -43.77
N PRO D 6 6.53 -30.46 -43.68
CA PRO D 6 7.13 -31.08 -42.50
C PRO D 6 7.45 -30.06 -41.40
N LYS D 7 7.81 -30.57 -40.22
CA LYS D 7 8.20 -29.71 -39.13
C LYS D 7 9.63 -29.30 -39.44
N GLU D 8 10.01 -28.10 -39.05
CA GLU D 8 11.38 -27.63 -39.28
C GLU D 8 12.28 -28.29 -38.25
N ARG D 9 13.38 -28.86 -38.71
CA ARG D 9 14.30 -29.57 -37.84
C ARG D 9 15.56 -28.82 -37.45
N ARG D 10 15.97 -27.86 -38.27
CA ARG D 10 17.19 -27.12 -37.96
C ARG D 10 17.05 -26.44 -36.61
N PRO D 11 18.10 -26.51 -35.78
CA PRO D 11 18.03 -25.88 -34.45
C PRO D 11 17.66 -24.40 -34.50
N GLY D 12 16.74 -24.00 -33.62
CA GLY D 12 16.31 -22.63 -33.55
C GLY D 12 15.13 -22.25 -34.44
N GLU D 13 14.83 -23.07 -35.44
CA GLU D 13 13.73 -22.77 -36.37
C GLU D 13 12.34 -23.12 -35.82
N ASP D 14 11.59 -22.08 -35.49
CA ASP D 14 10.24 -22.25 -34.94
C ASP D 14 9.14 -21.97 -35.96
N ARG D 15 9.53 -21.56 -37.16
CA ARG D 15 8.55 -21.28 -38.20
C ARG D 15 8.11 -22.58 -38.88
N VAL D 16 7.05 -22.49 -39.66
CA VAL D 16 6.52 -23.63 -40.42
C VAL D 16 5.91 -23.01 -41.67
N ALA D 17 6.03 -23.69 -42.81
CA ALA D 17 5.51 -23.20 -44.08
C ALA D 17 4.04 -23.50 -44.33
N ILE D 18 3.19 -23.24 -43.36
CA ILE D 18 1.77 -23.50 -43.54
C ILE D 18 0.98 -22.74 -42.48
N SER D 19 -0.32 -22.58 -42.74
CA SER D 19 -1.22 -21.91 -41.81
C SER D 19 -2.60 -22.47 -42.12
N PRO D 20 -3.51 -22.42 -41.14
CA PRO D 20 -4.88 -22.93 -41.34
C PRO D 20 -5.56 -22.24 -42.52
N GLU D 21 -5.31 -20.95 -42.67
CA GLU D 21 -5.91 -20.19 -43.75
C GLU D 21 -5.46 -20.71 -45.11
N VAL D 22 -4.16 -20.97 -45.23
CA VAL D 22 -3.60 -21.47 -46.49
C VAL D 22 -4.03 -22.91 -46.78
N VAL D 23 -4.19 -23.71 -45.73
CA VAL D 23 -4.64 -25.10 -45.86
C VAL D 23 -6.01 -25.12 -46.53
N LYS D 24 -6.91 -24.28 -46.03
CA LYS D 24 -8.26 -24.20 -46.56
C LYS D 24 -8.23 -23.81 -48.04
N LYS D 25 -7.35 -22.86 -48.38
CA LYS D 25 -7.23 -22.43 -49.77
C LYS D 25 -6.70 -23.57 -50.66
N LEU D 26 -5.71 -24.31 -50.15
CA LEU D 26 -5.13 -25.43 -50.90
C LEU D 26 -6.15 -26.53 -51.13
N VAL D 27 -6.92 -26.84 -50.09
CA VAL D 27 -7.95 -27.85 -50.21
C VAL D 27 -8.96 -27.37 -51.24
N GLY D 28 -9.26 -26.07 -51.21
CA GLY D 28 -10.18 -25.48 -52.16
C GLY D 28 -9.71 -25.62 -53.60
N LEU D 29 -8.40 -25.62 -53.80
CA LEU D 29 -7.82 -25.76 -55.14
C LEU D 29 -7.74 -27.21 -55.58
N GLY D 30 -8.11 -28.13 -54.68
CA GLY D 30 -8.10 -29.54 -54.99
C GLY D 30 -6.94 -30.37 -54.47
N PHE D 31 -6.17 -29.80 -53.53
CA PHE D 31 -5.02 -30.52 -52.97
C PHE D 31 -5.35 -31.32 -51.73
N GLU D 32 -4.56 -32.37 -51.51
CA GLU D 32 -4.65 -33.17 -50.29
C GLU D 32 -3.53 -32.48 -49.54
N VAL D 33 -3.78 -32.01 -48.33
CA VAL D 33 -2.72 -31.34 -47.59
C VAL D 33 -2.30 -32.17 -46.37
N ILE D 34 -1.03 -32.55 -46.35
CA ILE D 34 -0.48 -33.37 -45.27
C ILE D 34 0.53 -32.56 -44.47
N VAL D 35 0.35 -32.50 -43.16
CA VAL D 35 1.28 -31.78 -42.29
C VAL D 35 1.79 -32.71 -41.19
N GLU D 36 3.09 -32.63 -40.91
CA GLU D 36 3.71 -33.45 -39.87
C GLU D 36 3.21 -33.00 -38.49
N GLN D 37 2.93 -33.96 -37.61
CA GLN D 37 2.44 -33.64 -36.29
C GLN D 37 3.37 -32.65 -35.58
N GLY D 38 2.77 -31.65 -34.93
CA GLY D 38 3.54 -30.65 -34.21
C GLY D 38 4.36 -29.67 -35.03
N ALA D 39 4.21 -29.70 -36.35
CA ALA D 39 4.99 -28.79 -37.20
C ALA D 39 4.82 -27.30 -36.88
N GLY D 40 3.63 -26.91 -36.46
CA GLY D 40 3.39 -25.50 -36.17
C GLY D 40 3.35 -25.07 -34.72
N VAL D 41 3.70 -25.97 -33.80
CA VAL D 41 3.68 -25.64 -32.38
C VAL D 41 4.53 -24.42 -32.07
N GLY D 42 5.68 -24.30 -32.74
CA GLY D 42 6.54 -23.16 -32.51
C GLY D 42 5.92 -21.86 -33.01
N ALA D 43 4.96 -21.97 -33.90
CA ALA D 43 4.29 -20.80 -34.47
C ALA D 43 2.87 -20.65 -33.94
N SER D 44 2.57 -21.35 -32.85
CA SER D 44 1.25 -21.31 -32.22
C SER D 44 0.14 -21.82 -33.13
N ILE D 45 0.47 -22.85 -33.90
CA ILE D 45 -0.48 -23.48 -34.81
C ILE D 45 -0.60 -24.95 -34.43
N THR D 46 -1.69 -25.30 -33.77
CA THR D 46 -1.94 -26.69 -33.34
C THR D 46 -2.29 -27.62 -34.49
N ASP D 47 -2.22 -28.93 -34.22
CA ASP D 47 -2.58 -29.92 -35.24
C ASP D 47 -4.08 -29.87 -35.48
N ASP D 48 -4.85 -29.64 -34.42
CA ASP D 48 -6.31 -29.56 -34.53
C ASP D 48 -6.76 -28.39 -35.40
N ALA D 49 -6.06 -27.27 -35.31
CA ALA D 49 -6.41 -26.10 -36.12
C ALA D 49 -6.18 -26.45 -37.59
N LEU D 50 -5.10 -27.17 -37.85
CA LEU D 50 -4.77 -27.59 -39.20
C LEU D 50 -5.80 -28.60 -39.71
N THR D 51 -6.15 -29.58 -38.88
CA THR D 51 -7.13 -30.58 -39.29
C THR D 51 -8.48 -29.91 -39.54
N ALA D 52 -8.81 -28.91 -38.73
CA ALA D 52 -10.06 -28.19 -38.87
C ALA D 52 -10.12 -27.48 -40.22
N ALA D 53 -8.97 -27.07 -40.73
CA ALA D 53 -8.91 -26.37 -42.02
C ALA D 53 -8.97 -27.34 -43.20
N GLY D 54 -8.82 -28.64 -42.95
CA GLY D 54 -8.89 -29.61 -44.03
C GLY D 54 -7.67 -30.48 -44.28
N ALA D 55 -6.63 -30.31 -43.47
CA ALA D 55 -5.41 -31.10 -43.64
C ALA D 55 -5.46 -32.39 -42.85
N THR D 56 -4.49 -33.27 -43.10
CA THR D 56 -4.39 -34.52 -42.35
C THR D 56 -3.02 -34.47 -41.68
N ILE D 57 -2.89 -35.16 -40.55
CA ILE D 57 -1.63 -35.16 -39.83
C ILE D 57 -0.87 -36.47 -39.97
N ALA D 58 0.43 -36.36 -40.27
CA ALA D 58 1.27 -37.54 -40.41
C ALA D 58 2.16 -37.58 -39.18
N SER D 59 2.49 -38.79 -38.71
CA SER D 59 3.32 -38.97 -37.52
C SER D 59 4.78 -38.57 -37.69
N THR D 60 5.29 -38.69 -38.90
CA THR D 60 6.68 -38.36 -39.14
C THR D 60 6.84 -37.61 -40.45
N ALA D 61 8.03 -37.05 -40.65
CA ALA D 61 8.35 -36.33 -41.87
C ALA D 61 8.34 -37.32 -43.03
N ALA D 62 8.89 -38.50 -42.80
CA ALA D 62 8.94 -39.54 -43.82
C ALA D 62 7.53 -39.86 -44.32
N GLN D 63 6.60 -40.10 -43.39
CA GLN D 63 5.22 -40.39 -43.78
C GLN D 63 4.60 -39.22 -44.51
N ALA D 64 4.89 -38.01 -44.04
CA ALA D 64 4.35 -36.80 -44.64
C ALA D 64 4.77 -36.61 -46.10
N LEU D 65 6.07 -36.71 -46.36
CA LEU D 65 6.59 -36.49 -47.72
C LEU D 65 6.63 -37.66 -48.68
N SER D 66 6.52 -38.88 -48.16
CA SER D 66 6.60 -40.08 -49.01
C SER D 66 5.92 -40.04 -50.39
N GLN D 67 4.70 -39.54 -50.46
CA GLN D 67 3.99 -39.52 -51.75
C GLN D 67 3.58 -38.11 -52.21
N ALA D 68 4.13 -37.10 -51.57
CA ALA D 68 3.78 -35.73 -51.91
C ALA D 68 4.33 -35.28 -53.26
N ASP D 69 3.45 -34.68 -54.06
CA ASP D 69 3.82 -34.16 -55.39
C ASP D 69 4.50 -32.81 -55.22
N VAL D 70 4.14 -32.13 -54.13
CA VAL D 70 4.70 -30.83 -53.81
C VAL D 70 5.06 -30.77 -52.34
N VAL D 71 6.26 -30.29 -52.06
CA VAL D 71 6.70 -30.15 -50.67
C VAL D 71 7.03 -28.69 -50.41
N TRP D 72 6.50 -28.19 -49.31
CA TRP D 72 6.70 -26.82 -48.88
C TRP D 72 7.42 -26.86 -47.54
N LYS D 73 8.45 -26.05 -47.39
CA LYS D 73 9.14 -25.98 -46.11
C LYS D 73 9.81 -24.61 -46.01
N VAL D 74 10.34 -24.30 -44.83
CA VAL D 74 10.97 -23.00 -44.62
C VAL D 74 12.44 -23.01 -45.01
N GLN D 75 13.28 -23.67 -44.21
CA GLN D 75 14.69 -23.70 -44.53
C GLN D 75 15.01 -24.89 -45.44
N ARG D 76 16.12 -24.77 -46.17
CA ARG D 76 16.53 -25.84 -47.09
C ARG D 76 16.54 -27.18 -46.34
N PRO D 77 16.19 -28.27 -47.05
CA PRO D 77 16.18 -29.60 -46.43
C PRO D 77 17.60 -30.04 -46.10
N MET D 78 17.77 -30.70 -44.95
CA MET D 78 19.09 -31.16 -44.54
C MET D 78 19.52 -32.34 -45.39
N THR D 79 20.83 -32.48 -45.59
CA THR D 79 21.37 -33.58 -46.40
C THR D 79 21.88 -34.66 -45.46
N ALA D 80 22.25 -35.81 -46.02
CA ALA D 80 22.75 -36.91 -45.21
C ALA D 80 23.99 -36.44 -44.44
N GLU D 81 24.82 -35.65 -45.10
CA GLU D 81 26.04 -35.13 -44.53
C GLU D 81 25.88 -34.29 -43.26
N GLU D 82 24.70 -33.79 -42.99
CA GLU D 82 24.52 -32.96 -41.80
C GLU D 82 23.59 -33.49 -40.71
N GLY D 83 23.30 -34.79 -40.73
CA GLY D 83 22.44 -35.36 -39.71
C GLY D 83 21.39 -36.30 -40.26
N THR D 84 20.26 -35.74 -40.68
CA THR D 84 19.19 -36.54 -41.25
C THR D 84 19.04 -36.10 -42.69
N ASP D 85 18.94 -37.07 -43.58
CA ASP D 85 18.81 -36.78 -45.01
C ASP D 85 17.36 -36.48 -45.36
N GLU D 86 16.99 -35.22 -45.25
CA GLU D 86 15.64 -34.77 -45.55
C GLU D 86 15.37 -34.82 -47.04
N VAL D 87 16.41 -34.65 -47.85
CA VAL D 87 16.26 -34.68 -49.29
C VAL D 87 15.74 -36.06 -49.69
N ALA D 88 16.24 -37.10 -49.01
CA ALA D 88 15.84 -38.46 -49.31
C ALA D 88 14.35 -38.71 -49.12
N LEU D 89 13.73 -37.94 -48.24
CA LEU D 89 12.29 -38.10 -47.97
C LEU D 89 11.40 -37.56 -49.08
N ILE D 90 11.96 -36.74 -49.96
CA ILE D 90 11.18 -36.17 -51.04
C ILE D 90 11.10 -37.14 -52.21
N LYS D 91 9.87 -37.41 -52.66
CA LYS D 91 9.63 -38.33 -53.77
C LYS D 91 10.38 -37.89 -55.02
N GLU D 92 11.09 -38.83 -55.65
CA GLU D 92 11.83 -38.51 -56.86
C GLU D 92 10.91 -37.91 -57.92
N GLY D 93 11.28 -36.76 -58.44
CA GLY D 93 10.46 -36.13 -59.46
C GLY D 93 9.44 -35.16 -58.91
N ALA D 94 9.38 -35.01 -57.59
CA ALA D 94 8.42 -34.11 -56.98
C ALA D 94 8.92 -32.67 -57.04
N VAL D 95 8.13 -31.75 -56.49
CA VAL D 95 8.45 -30.33 -56.49
C VAL D 95 8.74 -29.84 -55.08
N LEU D 96 9.76 -29.01 -54.93
CA LEU D 96 10.12 -28.45 -53.63
C LEU D 96 10.10 -26.92 -53.69
N MET D 97 9.46 -26.29 -52.71
CA MET D 97 9.41 -24.84 -52.64
C MET D 97 9.79 -24.44 -51.22
N CYS D 98 10.89 -23.71 -51.09
CA CYS D 98 11.34 -23.28 -49.78
C CYS D 98 12.45 -22.27 -49.95
N HIS D 99 12.99 -21.78 -48.85
CA HIS D 99 14.10 -20.84 -48.92
C HIS D 99 15.30 -21.78 -49.02
N LEU D 100 15.80 -21.98 -50.24
CA LEU D 100 16.92 -22.88 -50.47
C LEU D 100 18.30 -22.32 -50.15
N GLY D 101 18.46 -21.01 -50.23
CA GLY D 101 19.77 -20.45 -49.98
C GLY D 101 20.65 -21.09 -51.04
N ALA D 102 20.09 -21.21 -52.24
CA ALA D 102 20.79 -21.84 -53.35
C ALA D 102 22.14 -21.20 -53.65
N LEU D 103 22.21 -19.88 -53.63
CA LEU D 103 23.45 -19.17 -53.91
C LEU D 103 24.56 -19.47 -52.90
N THR D 104 24.17 -19.98 -51.72
CA THR D 104 25.11 -20.29 -50.66
C THR D 104 25.28 -21.79 -50.39
N ASN D 105 24.32 -22.60 -50.84
CA ASN D 105 24.39 -24.04 -50.61
C ASN D 105 24.30 -24.91 -51.85
N ARG D 106 25.42 -25.07 -52.53
CA ARG D 106 25.49 -25.89 -53.74
C ARG D 106 25.21 -27.36 -53.41
N PRO D 107 25.71 -27.87 -52.28
CA PRO D 107 25.47 -29.26 -51.92
C PRO D 107 23.99 -29.68 -51.83
N VAL D 108 23.16 -28.84 -51.20
CA VAL D 108 21.74 -29.20 -51.12
C VAL D 108 21.15 -29.24 -52.52
N VAL D 109 21.63 -28.35 -53.39
CA VAL D 109 21.14 -28.29 -54.76
C VAL D 109 21.56 -29.53 -55.54
N GLU D 110 22.72 -30.08 -55.18
CA GLU D 110 23.22 -31.27 -55.84
C GLU D 110 22.40 -32.49 -55.40
N ALA D 111 22.14 -32.57 -54.10
CA ALA D 111 21.36 -33.67 -53.54
C ALA D 111 19.95 -33.73 -54.13
N LEU D 112 19.34 -32.56 -54.32
CA LEU D 112 17.99 -32.50 -54.90
C LEU D 112 18.01 -32.89 -56.37
N THR D 113 19.06 -32.49 -57.07
CA THR D 113 19.18 -32.80 -58.49
C THR D 113 19.36 -34.29 -58.72
N LYS D 114 20.00 -34.98 -57.77
CA LYS D 114 20.22 -36.41 -57.88
C LYS D 114 18.90 -37.19 -57.84
N ARG D 115 17.90 -36.66 -57.16
CA ARG D 115 16.61 -37.33 -57.09
C ARG D 115 15.66 -36.79 -58.14
N LYS D 116 16.20 -35.96 -59.03
CA LYS D 116 15.43 -35.36 -60.11
C LYS D 116 14.28 -34.49 -59.61
N ILE D 117 14.48 -33.86 -58.45
CA ILE D 117 13.45 -33.01 -57.87
C ILE D 117 13.49 -31.60 -58.48
N THR D 118 12.32 -31.02 -58.72
CA THR D 118 12.25 -29.66 -59.26
C THR D 118 12.17 -28.74 -58.05
N ALA D 119 13.23 -27.97 -57.82
CA ALA D 119 13.29 -27.07 -56.68
C ALA D 119 13.18 -25.59 -57.05
N TYR D 120 12.32 -24.88 -56.33
CA TYR D 120 12.10 -23.46 -56.55
C TYR D 120 12.66 -22.73 -55.34
N ALA D 121 13.76 -22.01 -55.54
CA ALA D 121 14.41 -21.26 -54.47
C ALA D 121 13.65 -19.95 -54.30
N MET D 122 12.78 -19.89 -53.30
CA MET D 122 11.96 -18.71 -53.08
C MET D 122 12.73 -17.40 -52.86
N GLU D 123 13.94 -17.47 -52.31
CA GLU D 123 14.72 -16.26 -52.09
C GLU D 123 15.13 -15.60 -53.41
N LEU D 124 15.04 -16.34 -54.50
CA LEU D 124 15.42 -15.83 -55.82
C LEU D 124 14.25 -15.17 -56.57
N MET D 125 13.14 -14.95 -55.88
CA MET D 125 11.97 -14.34 -56.49
C MET D 125 12.38 -13.01 -57.16
N PRO D 126 12.00 -12.82 -58.42
CA PRO D 126 12.32 -11.60 -59.18
C PRO D 126 11.74 -10.34 -58.51
N ARG D 127 12.54 -9.27 -58.46
CA ARG D 127 12.08 -8.03 -57.85
C ARG D 127 11.14 -7.28 -58.80
N ILE D 128 9.97 -7.86 -59.07
CA ILE D 128 8.98 -7.25 -59.92
C ILE D 128 7.74 -6.98 -59.08
N SER D 129 7.02 -5.91 -59.43
CA SER D 129 5.83 -5.50 -58.70
C SER D 129 4.80 -6.60 -58.39
N ARG D 130 4.44 -7.38 -59.40
CA ARG D 130 3.43 -8.43 -59.22
C ARG D 130 3.88 -9.60 -58.34
N ALA D 131 5.18 -9.68 -58.07
CA ALA D 131 5.71 -10.76 -57.25
C ALA D 131 5.84 -10.38 -55.78
N GLN D 132 5.47 -9.14 -55.46
CA GLN D 132 5.56 -8.67 -54.07
C GLN D 132 4.87 -9.61 -53.09
N SER D 133 3.70 -10.09 -53.46
CA SER D 133 2.93 -10.98 -52.59
C SER D 133 3.57 -12.36 -52.47
N MET D 134 4.59 -12.63 -53.29
CA MET D 134 5.25 -13.94 -53.28
C MET D 134 6.65 -13.91 -52.68
N ASP D 135 7.13 -12.72 -52.34
CA ASP D 135 8.48 -12.54 -51.82
C ASP D 135 8.72 -12.87 -50.36
N ILE D 136 9.36 -14.01 -50.11
CA ILE D 136 9.64 -14.42 -48.75
C ILE D 136 10.69 -13.52 -48.10
N LEU D 137 11.61 -12.99 -48.90
CA LEU D 137 12.64 -12.11 -48.35
C LEU D 137 11.99 -10.88 -47.73
N SER D 138 11.01 -10.31 -48.42
CA SER D 138 10.30 -9.14 -47.92
C SER D 138 9.44 -9.42 -46.69
N SER D 139 8.62 -10.46 -46.74
CA SER D 139 7.75 -10.76 -45.61
C SER D 139 8.54 -11.09 -44.35
N GLN D 140 9.64 -11.82 -44.48
CA GLN D 140 10.43 -12.19 -43.31
C GLN D 140 11.34 -11.05 -42.83
N SER D 141 11.93 -10.30 -43.76
CA SER D 141 12.81 -9.21 -43.36
C SER D 141 12.01 -8.08 -42.72
N ASN D 142 10.75 -7.92 -43.14
CA ASN D 142 9.91 -6.88 -42.56
C ASN D 142 9.73 -7.15 -41.06
N LEU D 143 9.45 -8.41 -40.72
CA LEU D 143 9.28 -8.78 -39.32
C LEU D 143 10.61 -8.71 -38.55
N ALA D 144 11.71 -8.98 -39.24
CA ALA D 144 13.04 -8.92 -38.61
C ALA D 144 13.37 -7.47 -38.27
N GLY D 145 12.91 -6.54 -39.10
CA GLY D 145 13.15 -5.12 -38.85
C GLY D 145 12.42 -4.70 -37.59
N TYR D 146 11.19 -5.17 -37.45
CA TYR D 146 10.38 -4.87 -36.28
C TYR D 146 11.03 -5.47 -35.05
N ARG D 147 11.41 -6.74 -35.17
CA ARG D 147 12.01 -7.46 -34.06
C ARG D 147 13.34 -6.85 -33.60
N ALA D 148 14.11 -6.28 -34.53
CA ALA D 148 15.38 -5.65 -34.19
C ALA D 148 15.14 -4.50 -33.21
N VAL D 149 14.04 -3.77 -33.39
CA VAL D 149 13.73 -2.66 -32.49
C VAL D 149 13.33 -3.17 -31.11
N ILE D 150 12.52 -4.23 -31.06
CA ILE D 150 12.08 -4.80 -29.79
C ILE D 150 13.28 -5.40 -29.04
N ASP D 151 14.14 -6.13 -29.75
CA ASP D 151 15.30 -6.72 -29.08
C ASP D 151 16.22 -5.58 -28.57
N GLY D 152 16.28 -4.48 -29.31
CA GLY D 152 17.11 -3.37 -28.88
C GLY D 152 16.54 -2.68 -27.64
N ALA D 153 15.23 -2.42 -27.66
CA ALA D 153 14.58 -1.78 -26.52
C ALA D 153 14.71 -2.70 -25.29
N TYR D 154 14.67 -4.00 -25.53
CA TYR D 154 14.80 -4.96 -24.44
C TYR D 154 16.17 -4.90 -23.76
N GLU D 155 17.22 -4.73 -24.55
CA GLU D 155 18.59 -4.69 -24.02
C GLU D 155 19.04 -3.30 -23.57
N PHE D 156 18.27 -2.28 -23.95
CA PHE D 156 18.58 -0.89 -23.62
C PHE D 156 18.08 -0.54 -22.20
N ALA D 157 18.93 0.11 -21.41
CA ALA D 157 18.59 0.48 -20.03
C ALA D 157 17.89 1.84 -19.91
N ARG D 158 17.41 2.35 -21.04
CA ARG D 158 16.68 3.61 -21.09
C ARG D 158 15.36 3.36 -21.82
N ALA D 159 14.45 4.33 -21.73
CA ALA D 159 13.15 4.24 -22.40
C ALA D 159 13.26 4.95 -23.74
N PHE D 160 12.64 4.39 -24.77
CA PHE D 160 12.69 4.99 -26.10
C PHE D 160 12.00 6.35 -26.23
N PRO D 161 10.75 6.47 -25.75
CA PRO D 161 10.08 7.76 -25.88
C PRO D 161 10.50 8.87 -24.92
N MET D 162 10.28 10.11 -25.33
CA MET D 162 10.59 11.24 -24.48
C MET D 162 9.45 11.26 -23.47
N MET D 163 9.76 11.54 -22.21
CA MET D 163 8.74 11.58 -21.17
C MET D 163 8.88 12.83 -20.30
N MET D 164 7.90 13.73 -20.37
CA MET D 164 7.92 14.95 -19.56
C MET D 164 7.12 14.67 -18.29
N THR D 165 7.83 14.45 -17.19
CA THR D 165 7.16 14.15 -15.92
C THR D 165 7.43 15.23 -14.88
N ALA D 166 6.73 15.14 -13.75
CA ALA D 166 6.88 16.10 -12.68
C ALA D 166 8.30 16.10 -12.12
N ALA D 167 9.01 14.99 -12.32
CA ALA D 167 10.39 14.87 -11.83
C ALA D 167 11.40 15.31 -12.88
N GLY D 168 10.91 15.65 -14.06
CA GLY D 168 11.79 16.07 -15.13
C GLY D 168 11.47 15.32 -16.41
N THR D 169 12.17 15.66 -17.49
CA THR D 169 11.89 15.01 -18.77
C THR D 169 12.88 13.91 -19.12
N VAL D 170 12.34 12.73 -19.41
CA VAL D 170 13.14 11.58 -19.81
C VAL D 170 13.44 11.81 -21.28
N PRO D 171 14.72 11.93 -21.63
CA PRO D 171 15.08 12.15 -23.03
C PRO D 171 14.69 10.98 -23.93
N PRO D 172 14.44 11.24 -25.21
CA PRO D 172 14.06 10.14 -26.12
C PRO D 172 15.33 9.43 -26.56
N ALA D 173 15.19 8.18 -26.97
CA ALA D 173 16.35 7.45 -27.44
C ALA D 173 16.62 7.93 -28.86
N ARG D 174 17.89 7.90 -29.26
CA ARG D 174 18.28 8.30 -30.59
C ARG D 174 18.66 7.00 -31.30
N VAL D 175 17.96 6.70 -32.39
CA VAL D 175 18.19 5.50 -33.17
C VAL D 175 18.73 5.82 -34.56
N LEU D 176 19.70 5.05 -35.02
CA LEU D 176 20.28 5.24 -36.34
C LEU D 176 20.16 3.92 -37.10
N VAL D 177 19.41 3.94 -38.20
CA VAL D 177 19.22 2.74 -39.00
C VAL D 177 20.11 2.77 -40.23
N PHE D 178 20.97 1.76 -40.38
CA PHE D 178 21.86 1.67 -41.54
C PHE D 178 21.23 0.71 -42.55
N GLY D 179 20.95 1.20 -43.75
CA GLY D 179 20.33 0.35 -44.75
C GLY D 179 18.82 0.55 -44.72
N VAL D 180 18.27 1.01 -45.83
CA VAL D 180 16.85 1.24 -45.89
C VAL D 180 16.15 0.34 -46.90
N GLY D 181 16.26 -0.96 -46.68
CA GLY D 181 15.59 -1.94 -47.50
C GLY D 181 14.34 -2.27 -46.71
N VAL D 182 13.74 -3.44 -46.93
CA VAL D 182 12.53 -3.76 -46.19
C VAL D 182 12.75 -3.80 -44.67
N ALA D 183 13.83 -4.45 -44.22
CA ALA D 183 14.12 -4.53 -42.80
C ALA D 183 14.36 -3.14 -42.20
N GLY D 184 15.20 -2.36 -42.87
CA GLY D 184 15.51 -1.02 -42.41
C GLY D 184 14.27 -0.14 -42.33
N LEU D 185 13.37 -0.29 -43.29
CA LEU D 185 12.15 0.50 -43.27
C LEU D 185 11.28 0.18 -42.07
N GLN D 186 11.15 -1.10 -41.71
CA GLN D 186 10.34 -1.45 -40.56
C GLN D 186 11.06 -1.08 -39.27
N ALA D 187 12.39 -1.11 -39.28
CA ALA D 187 13.17 -0.72 -38.11
C ALA D 187 12.88 0.76 -37.84
N ILE D 188 12.85 1.56 -38.90
CA ILE D 188 12.55 2.99 -38.78
C ILE D 188 11.13 3.15 -38.24
N ALA D 189 10.19 2.42 -38.84
CA ALA D 189 8.78 2.46 -38.46
C ALA D 189 8.50 2.15 -36.98
N THR D 190 9.04 1.03 -36.51
CA THR D 190 8.82 0.63 -35.13
C THR D 190 9.60 1.49 -34.15
N ALA D 191 10.76 2.00 -34.57
CA ALA D 191 11.54 2.87 -33.70
C ALA D 191 10.72 4.16 -33.51
N LYS D 192 10.12 4.65 -34.59
CA LYS D 192 9.31 5.87 -34.52
C LYS D 192 8.10 5.61 -33.62
N ARG D 193 7.51 4.42 -33.75
CA ARG D 193 6.35 4.04 -32.94
C ARG D 193 6.67 4.20 -31.47
N LEU D 194 7.86 3.76 -31.07
CA LEU D 194 8.26 3.85 -29.68
C LEU D 194 8.67 5.26 -29.23
N GLY D 195 8.52 6.24 -30.12
CA GLY D 195 8.82 7.62 -29.77
C GLY D 195 10.26 8.12 -29.83
N ALA D 196 11.16 7.34 -30.43
CA ALA D 196 12.56 7.77 -30.52
C ALA D 196 12.77 8.79 -31.63
N VAL D 197 13.98 9.38 -31.66
CA VAL D 197 14.36 10.28 -32.73
C VAL D 197 15.03 9.30 -33.67
N VAL D 198 14.53 9.19 -34.89
CA VAL D 198 15.08 8.22 -35.85
C VAL D 198 15.80 8.83 -37.04
N MET D 199 17.06 8.43 -37.19
CA MET D 199 17.92 8.84 -38.28
C MET D 199 18.18 7.60 -39.13
N ALA D 200 18.41 7.79 -40.42
CA ALA D 200 18.68 6.66 -41.29
C ALA D 200 19.64 7.06 -42.39
N THR D 201 20.39 6.09 -42.89
CA THR D 201 21.32 6.34 -43.97
C THR D 201 21.44 5.12 -44.87
N ASP D 202 21.51 5.38 -46.18
CA ASP D 202 21.64 4.32 -47.18
C ASP D 202 22.17 4.94 -48.46
N VAL D 203 23.15 4.28 -49.07
CA VAL D 203 23.77 4.74 -50.30
C VAL D 203 22.78 5.30 -51.33
N ARG D 204 21.57 4.75 -51.37
CA ARG D 204 20.57 5.22 -52.33
C ARG D 204 19.71 6.32 -51.73
N ALA D 205 19.94 7.55 -52.20
CA ALA D 205 19.21 8.72 -51.73
C ALA D 205 17.76 8.67 -52.18
N ALA D 206 17.44 7.71 -53.05
CA ALA D 206 16.08 7.54 -53.56
C ALA D 206 15.14 7.13 -52.45
N THR D 207 15.70 6.78 -51.30
CA THR D 207 14.92 6.36 -50.14
C THR D 207 14.70 7.50 -49.17
N LYS D 208 15.06 8.71 -49.59
CA LYS D 208 14.91 9.91 -48.78
C LYS D 208 13.43 10.09 -48.43
N GLU D 209 12.58 10.04 -49.46
CA GLU D 209 11.14 10.21 -49.29
C GLU D 209 10.50 9.12 -48.45
N GLN D 210 11.00 7.89 -48.59
CA GLN D 210 10.47 6.76 -47.83
C GLN D 210 10.75 6.95 -46.34
N VAL D 211 11.97 7.37 -46.02
CA VAL D 211 12.38 7.59 -44.64
C VAL D 211 11.55 8.68 -43.95
N GLU D 212 11.41 9.82 -44.63
CA GLU D 212 10.67 10.93 -44.05
C GLU D 212 9.18 10.64 -43.91
N SER D 213 8.63 9.82 -44.79
CA SER D 213 7.21 9.48 -44.70
C SER D 213 6.93 8.62 -43.48
N LEU D 214 7.99 8.06 -42.89
CA LEU D 214 7.84 7.21 -41.71
C LEU D 214 8.14 7.98 -40.43
N GLY D 215 8.59 9.23 -40.57
CA GLY D 215 8.89 10.02 -39.40
C GLY D 215 10.38 10.17 -39.15
N GLY D 216 11.20 9.47 -39.91
CA GLY D 216 12.64 9.57 -39.73
C GLY D 216 13.26 10.64 -40.60
N LYS D 217 14.52 10.95 -40.34
CA LYS D 217 15.22 11.95 -41.15
C LYS D 217 16.43 11.30 -41.82
N PHE D 218 16.59 11.56 -43.10
CA PHE D 218 17.68 11.00 -43.87
C PHE D 218 18.95 11.80 -43.59
N ILE D 219 20.04 11.09 -43.30
CA ILE D 219 21.31 11.76 -43.01
C ILE D 219 22.03 12.21 -44.28
N THR D 220 22.28 13.51 -44.38
CA THR D 220 22.96 14.09 -45.53
C THR D 220 24.35 14.58 -45.15
N LYS D 245 32.21 9.82 -48.54
CA LYS D 245 33.24 10.80 -48.20
C LYS D 245 32.80 11.64 -47.00
N LYS D 246 32.10 12.73 -47.28
CA LYS D 246 31.60 13.62 -46.24
C LYS D 246 30.36 12.97 -45.63
N GLN D 247 29.84 11.98 -46.33
CA GLN D 247 28.67 11.26 -45.87
C GLN D 247 29.04 10.58 -44.56
N ALA D 248 30.13 9.80 -44.60
CA ALA D 248 30.60 9.10 -43.41
C ALA D 248 30.78 10.08 -42.26
N GLU D 249 31.28 11.27 -42.58
CA GLU D 249 31.50 12.29 -41.57
C GLU D 249 30.17 12.70 -40.91
N ALA D 250 29.12 12.80 -41.71
CA ALA D 250 27.81 13.17 -41.19
C ALA D 250 27.20 12.00 -40.42
N VAL D 251 27.39 10.79 -40.93
CA VAL D 251 26.87 9.61 -40.26
C VAL D 251 27.53 9.46 -38.89
N LEU D 252 28.85 9.61 -38.85
CA LEU D 252 29.59 9.50 -37.60
C LEU D 252 29.13 10.59 -36.64
N LYS D 253 28.83 11.76 -37.19
CA LYS D 253 28.37 12.88 -36.39
C LYS D 253 27.12 12.47 -35.61
N GLU D 254 26.29 11.64 -36.24
CA GLU D 254 25.07 11.15 -35.62
C GLU D 254 25.31 9.91 -34.78
N LEU D 255 26.22 9.05 -35.23
CA LEU D 255 26.53 7.81 -34.52
C LEU D 255 27.06 8.04 -33.11
N VAL D 256 27.85 9.09 -32.92
CA VAL D 256 28.40 9.37 -31.60
C VAL D 256 27.32 9.76 -30.60
N LYS D 257 26.16 10.16 -31.11
CA LYS D 257 25.03 10.55 -30.26
C LYS D 257 23.98 9.45 -30.23
N THR D 258 24.22 8.40 -31.00
CA THR D 258 23.28 7.30 -31.10
C THR D 258 23.18 6.36 -29.90
N ASP D 259 21.94 6.00 -29.56
CA ASP D 259 21.70 5.08 -28.46
C ASP D 259 21.51 3.68 -29.02
N ILE D 260 20.80 3.60 -30.14
CA ILE D 260 20.51 2.31 -30.79
C ILE D 260 20.83 2.32 -32.28
N ALA D 261 21.81 1.52 -32.68
CA ALA D 261 22.17 1.44 -34.09
C ALA D 261 21.72 0.08 -34.62
N ILE D 262 20.95 0.09 -35.70
CA ILE D 262 20.43 -1.13 -36.29
C ILE D 262 20.94 -1.21 -37.73
N THR D 263 21.69 -2.26 -38.05
CA THR D 263 22.22 -2.43 -39.39
C THR D 263 21.45 -3.53 -40.13
N THR D 264 21.07 -3.26 -41.38
CA THR D 264 20.25 -4.21 -42.12
C THR D 264 20.72 -4.56 -43.53
N ALA D 265 21.93 -4.14 -43.89
CA ALA D 265 22.43 -4.38 -45.24
C ALA D 265 22.92 -5.79 -45.58
N LEU D 266 22.37 -6.33 -46.67
CA LEU D 266 22.72 -7.65 -47.15
C LEU D 266 22.91 -7.63 -48.66
N ILE D 267 23.87 -8.41 -49.14
CA ILE D 267 24.15 -8.51 -50.57
C ILE D 267 24.14 -9.99 -50.95
N PRO D 268 23.12 -10.43 -51.70
CA PRO D 268 22.97 -11.82 -52.15
C PRO D 268 24.26 -12.44 -52.71
N GLY D 269 24.68 -13.54 -52.11
CA GLY D 269 25.88 -14.23 -52.56
C GLY D 269 27.16 -13.46 -52.34
N LYS D 270 27.16 -12.57 -51.36
CA LYS D 270 28.34 -11.76 -51.05
C LYS D 270 28.37 -11.45 -49.56
N PRO D 271 29.57 -11.25 -49.00
CA PRO D 271 29.65 -10.94 -47.57
C PRO D 271 28.93 -9.62 -47.33
N ALA D 272 28.20 -9.53 -46.23
CA ALA D 272 27.48 -8.30 -45.91
C ALA D 272 28.46 -7.14 -45.87
N PRO D 273 28.02 -5.94 -46.30
CA PRO D 273 28.91 -4.78 -46.29
C PRO D 273 29.16 -4.27 -44.87
N VAL D 274 30.40 -3.91 -44.57
CA VAL D 274 30.72 -3.39 -43.24
C VAL D 274 30.23 -1.94 -43.16
N LEU D 275 29.24 -1.72 -42.30
CA LEU D 275 28.65 -0.40 -42.14
C LEU D 275 29.08 0.28 -40.84
N ILE D 276 29.52 -0.51 -39.88
CA ILE D 276 30.00 0.04 -38.62
C ILE D 276 31.33 -0.64 -38.30
N THR D 277 32.43 0.05 -38.56
CA THR D 277 33.75 -0.51 -38.29
C THR D 277 33.97 -0.54 -36.78
N GLU D 278 34.98 -1.29 -36.35
CA GLU D 278 35.28 -1.37 -34.93
C GLU D 278 35.65 0.01 -34.43
N GLU D 279 36.36 0.76 -35.26
CA GLU D 279 36.79 2.11 -34.91
C GLU D 279 35.55 2.94 -34.57
N MET D 280 34.53 2.87 -35.42
CA MET D 280 33.29 3.60 -35.19
C MET D 280 32.62 3.17 -33.89
N VAL D 281 32.79 1.90 -33.53
CA VAL D 281 32.21 1.36 -32.29
C VAL D 281 32.86 2.02 -31.08
N THR D 282 34.18 2.16 -31.13
CA THR D 282 34.94 2.77 -30.03
C THR D 282 34.54 4.21 -29.74
N LYS D 283 33.83 4.84 -30.67
CA LYS D 283 33.43 6.23 -30.49
C LYS D 283 31.97 6.36 -30.05
N MET D 284 31.32 5.23 -29.75
CA MET D 284 29.94 5.27 -29.31
C MET D 284 29.83 5.47 -27.80
N LYS D 285 28.70 6.00 -27.36
CA LYS D 285 28.47 6.28 -25.94
C LYS D 285 28.14 5.03 -25.12
N PRO D 286 28.47 5.06 -23.82
CA PRO D 286 28.21 3.93 -22.91
C PRO D 286 26.72 3.63 -22.82
N GLY D 287 26.37 2.34 -22.83
CA GLY D 287 24.98 1.95 -22.73
C GLY D 287 24.32 1.76 -24.09
N SER D 288 25.00 2.19 -25.15
CA SER D 288 24.46 2.06 -26.50
C SER D 288 24.32 0.61 -26.93
N VAL D 289 23.43 0.37 -27.88
CA VAL D 289 23.20 -0.97 -28.39
C VAL D 289 23.24 -1.02 -29.91
N ILE D 290 23.87 -2.06 -30.44
CA ILE D 290 23.94 -2.26 -31.88
C ILE D 290 23.23 -3.57 -32.19
N ILE D 291 22.31 -3.54 -33.14
CA ILE D 291 21.59 -4.74 -33.55
C ILE D 291 22.04 -5.02 -34.99
N ASP D 292 22.85 -6.06 -35.15
CA ASP D 292 23.41 -6.41 -36.47
C ASP D 292 22.60 -7.49 -37.18
N LEU D 293 21.61 -7.09 -37.96
CA LEU D 293 20.78 -8.05 -38.68
C LEU D 293 21.49 -8.80 -39.80
N ALA D 294 22.73 -8.43 -40.11
CA ALA D 294 23.47 -9.11 -41.18
C ALA D 294 24.53 -10.05 -40.62
N VAL D 295 24.49 -10.30 -39.32
CA VAL D 295 25.46 -11.17 -38.66
C VAL D 295 25.71 -12.54 -39.30
N GLU D 296 24.66 -13.18 -39.83
CA GLU D 296 24.86 -14.49 -40.44
C GLU D 296 25.44 -14.42 -41.86
N ALA D 297 25.75 -13.21 -42.32
CA ALA D 297 26.34 -13.04 -43.65
C ALA D 297 27.70 -12.36 -43.50
N GLY D 298 28.22 -12.35 -42.28
CA GLY D 298 29.50 -11.72 -42.02
C GLY D 298 29.30 -10.52 -41.12
N GLY D 299 28.09 -9.98 -41.13
CA GLY D 299 27.76 -8.83 -40.29
C GLY D 299 28.09 -7.47 -40.86
N ASN D 300 27.28 -6.48 -40.49
CA ASN D 300 27.50 -5.11 -40.92
C ASN D 300 28.51 -4.49 -39.95
N CYS D 301 28.73 -5.20 -38.84
CA CYS D 301 29.68 -4.78 -37.81
C CYS D 301 30.56 -5.97 -37.51
N PRO D 302 31.89 -5.83 -37.69
CA PRO D 302 32.81 -6.94 -37.43
C PRO D 302 32.81 -7.47 -35.99
N LEU D 303 32.31 -6.68 -35.06
CA LEU D 303 32.30 -7.09 -33.66
C LEU D 303 31.10 -7.95 -33.23
N SER D 304 30.10 -8.10 -34.11
CA SER D 304 28.95 -8.92 -33.76
C SER D 304 29.33 -10.40 -33.83
N GLU D 305 28.61 -11.21 -33.05
CA GLU D 305 28.84 -12.65 -33.00
C GLU D 305 27.49 -13.35 -33.14
N PRO D 306 27.39 -14.34 -34.03
CA PRO D 306 26.14 -15.08 -34.26
C PRO D 306 25.52 -15.69 -33.01
N GLY D 307 24.22 -15.47 -32.82
CA GLY D 307 23.50 -16.02 -31.69
C GLY D 307 23.93 -15.51 -30.33
N LYS D 308 24.62 -14.37 -30.29
CA LYS D 308 25.07 -13.84 -29.02
C LYS D 308 24.91 -12.33 -28.85
N ILE D 309 25.06 -11.90 -27.60
CA ILE D 309 25.01 -10.51 -27.22
C ILE D 309 26.38 -10.30 -26.55
N VAL D 310 27.23 -9.50 -27.16
CA VAL D 310 28.56 -9.26 -26.60
C VAL D 310 28.78 -7.79 -26.27
N VAL D 311 29.55 -7.54 -25.22
CA VAL D 311 29.86 -6.18 -24.79
C VAL D 311 31.28 -5.85 -25.20
N LYS D 312 31.44 -4.91 -26.11
CA LYS D 312 32.76 -4.52 -26.59
C LYS D 312 32.84 -3.00 -26.64
N HIS D 313 33.89 -2.46 -26.02
CA HIS D 313 34.09 -1.02 -25.97
C HIS D 313 32.88 -0.34 -25.32
N GLY D 314 32.23 -1.04 -24.38
CA GLY D 314 31.08 -0.49 -23.68
C GLY D 314 29.75 -0.57 -24.40
N VAL D 315 29.77 -0.99 -25.66
CA VAL D 315 28.55 -1.09 -26.46
C VAL D 315 28.04 -2.53 -26.50
N LYS D 316 26.72 -2.70 -26.38
CA LYS D 316 26.12 -4.03 -26.46
C LYS D 316 25.92 -4.34 -27.93
N ILE D 317 26.51 -5.43 -28.40
CA ILE D 317 26.36 -5.82 -29.79
C ILE D 317 25.51 -7.07 -29.86
N VAL D 318 24.31 -6.92 -30.40
CA VAL D 318 23.35 -8.01 -30.53
C VAL D 318 23.38 -8.64 -31.91
N GLY D 319 23.55 -9.96 -31.96
CA GLY D 319 23.59 -10.62 -33.25
C GLY D 319 22.81 -11.92 -33.27
N HIS D 320 21.51 -11.83 -32.97
CA HIS D 320 20.67 -13.02 -32.97
C HIS D 320 20.62 -13.69 -34.35
N THR D 321 20.52 -15.01 -34.33
CA THR D 321 20.42 -15.77 -35.56
C THR D 321 18.92 -15.92 -35.83
N ASN D 322 18.57 -16.19 -37.09
CA ASN D 322 17.18 -16.42 -37.50
C ASN D 322 16.18 -15.50 -36.79
N VAL D 323 16.35 -14.19 -37.00
CA VAL D 323 15.49 -13.19 -36.38
C VAL D 323 14.01 -13.37 -36.72
N PRO D 324 13.69 -13.76 -37.96
CA PRO D 324 12.26 -13.93 -38.24
C PRO D 324 11.60 -15.01 -37.39
N SER D 325 12.38 -16.01 -36.97
CA SER D 325 11.83 -17.07 -36.14
C SER D 325 11.49 -16.51 -34.75
N ARG D 326 12.08 -15.38 -34.38
CA ARG D 326 11.79 -14.73 -33.09
C ARG D 326 10.40 -14.09 -33.16
N VAL D 327 9.80 -14.12 -34.35
CA VAL D 327 8.44 -13.61 -34.57
C VAL D 327 7.70 -14.71 -35.35
N ALA D 328 7.95 -15.96 -34.98
CA ALA D 328 7.38 -17.15 -35.64
C ALA D 328 5.89 -17.22 -35.87
N ALA D 329 5.09 -16.75 -34.92
CA ALA D 329 3.62 -16.82 -35.06
C ALA D 329 3.08 -15.91 -36.15
N ASP D 330 3.80 -14.84 -36.47
CA ASP D 330 3.39 -13.94 -37.54
C ASP D 330 4.14 -14.33 -38.82
N ALA D 331 5.41 -14.72 -38.67
CA ALA D 331 6.23 -15.09 -39.82
C ALA D 331 5.73 -16.28 -40.60
N SER D 332 5.23 -17.29 -39.91
CA SER D 332 4.75 -18.49 -40.57
C SER D 332 3.54 -18.24 -41.47
N PRO D 333 2.49 -17.58 -40.96
CA PRO D 333 1.32 -17.33 -41.82
C PRO D 333 1.72 -16.59 -43.10
N LEU D 334 2.59 -15.59 -42.96
CA LEU D 334 3.04 -14.80 -44.10
C LEU D 334 3.88 -15.63 -45.07
N PHE D 335 4.71 -16.52 -44.54
CA PHE D 335 5.55 -17.38 -45.37
C PHE D 335 4.66 -18.32 -46.19
N ALA D 336 3.63 -18.87 -45.55
CA ALA D 336 2.69 -19.78 -46.22
C ALA D 336 1.92 -19.05 -47.30
N LYS D 337 1.63 -17.78 -47.05
CA LYS D 337 0.91 -16.97 -48.01
C LYS D 337 1.76 -16.70 -49.25
N ASN D 338 3.06 -16.48 -49.04
CA ASN D 338 3.97 -16.24 -50.16
C ASN D 338 3.98 -17.45 -51.08
N LEU D 339 4.07 -18.63 -50.47
CA LEU D 339 4.08 -19.87 -51.23
C LEU D 339 2.76 -20.07 -51.97
N LEU D 340 1.65 -19.84 -51.28
CA LEU D 340 0.34 -19.97 -51.89
C LEU D 340 0.18 -19.00 -53.05
N ASN D 341 0.66 -17.77 -52.87
CA ASN D 341 0.53 -16.78 -53.94
C ASN D 341 1.39 -17.13 -55.15
N PHE D 342 2.51 -17.80 -54.91
CA PHE D 342 3.42 -18.21 -55.99
C PHE D 342 2.82 -19.42 -56.74
N LEU D 343 2.26 -20.35 -55.99
CA LEU D 343 1.69 -21.57 -56.56
C LEU D 343 0.30 -21.48 -57.20
N THR D 344 -0.62 -20.78 -56.56
CA THR D 344 -1.99 -20.69 -57.07
C THR D 344 -2.19 -20.43 -58.57
N PRO D 345 -1.53 -19.43 -59.14
CA PRO D 345 -1.69 -19.15 -60.58
C PRO D 345 -1.43 -20.32 -61.54
N HIS D 346 -0.63 -21.29 -61.11
CA HIS D 346 -0.29 -22.44 -61.95
C HIS D 346 -1.16 -23.68 -61.77
N VAL D 347 -2.20 -23.57 -60.94
CA VAL D 347 -3.10 -24.68 -60.69
C VAL D 347 -4.16 -24.75 -61.78
N ASP D 348 -4.21 -25.88 -62.48
CA ASP D 348 -5.17 -26.07 -63.55
C ASP D 348 -6.44 -26.73 -63.04
N LYS D 349 -7.56 -26.00 -63.14
CA LYS D 349 -8.85 -26.47 -62.69
C LYS D 349 -9.31 -27.77 -63.36
N ASP D 350 -9.15 -27.85 -64.68
CA ASP D 350 -9.57 -29.02 -65.44
C ASP D 350 -8.67 -30.26 -65.38
N THR D 351 -7.40 -30.08 -65.06
CA THR D 351 -6.50 -31.22 -64.98
C THR D 351 -6.17 -31.49 -63.52
N LYS D 352 -6.65 -30.60 -62.66
CA LYS D 352 -6.41 -30.70 -61.23
C LYS D 352 -4.96 -31.15 -61.03
N THR D 353 -4.06 -30.45 -61.71
CA THR D 353 -2.64 -30.73 -61.64
C THR D 353 -1.85 -29.42 -61.59
N LEU D 354 -0.65 -29.50 -61.05
CA LEU D 354 0.20 -28.32 -60.94
C LEU D 354 1.17 -28.29 -62.11
N VAL D 355 1.03 -27.28 -62.96
CA VAL D 355 1.90 -27.12 -64.11
C VAL D 355 2.51 -25.72 -64.04
N MET D 356 3.70 -25.64 -63.46
CA MET D 356 4.38 -24.36 -63.33
C MET D 356 4.75 -23.80 -64.70
N LYS D 357 4.01 -22.78 -65.14
CA LYS D 357 4.21 -22.13 -66.43
C LYS D 357 5.65 -21.70 -66.64
N LEU D 358 6.32 -22.30 -67.62
CA LEU D 358 7.72 -22.00 -67.93
C LEU D 358 7.98 -20.56 -68.39
N GLU D 359 7.01 -19.94 -69.04
CA GLU D 359 7.18 -18.58 -69.53
C GLU D 359 6.89 -17.54 -68.45
N ASP D 360 6.48 -18.00 -67.28
CA ASP D 360 6.18 -17.12 -66.16
C ASP D 360 7.51 -16.70 -65.52
N GLU D 361 7.76 -15.41 -65.47
CA GLU D 361 9.00 -14.86 -64.90
C GLU D 361 9.34 -15.33 -63.48
N THR D 362 8.33 -15.57 -62.65
CA THR D 362 8.58 -16.01 -61.29
C THR D 362 9.05 -17.48 -61.26
N VAL D 363 8.62 -18.25 -62.25
CA VAL D 363 8.99 -19.67 -62.33
C VAL D 363 10.44 -19.81 -62.80
N SER D 364 10.76 -19.23 -63.95
CA SER D 364 12.12 -19.31 -64.47
C SER D 364 13.11 -18.60 -63.54
N GLY D 365 12.64 -17.60 -62.81
CA GLY D 365 13.53 -16.86 -61.93
C GLY D 365 13.90 -17.61 -60.67
N THR D 366 13.02 -18.47 -60.19
CA THR D 366 13.26 -19.22 -58.96
C THR D 366 13.67 -20.69 -59.11
N CYS D 367 13.38 -21.30 -60.25
CA CYS D 367 13.73 -22.71 -60.44
C CYS D 367 15.25 -22.90 -60.56
N VAL D 368 15.85 -23.61 -59.60
CA VAL D 368 17.30 -23.84 -59.64
C VAL D 368 17.67 -25.19 -60.29
N THR D 369 16.79 -26.17 -60.18
CA THR D 369 17.03 -27.49 -60.77
C THR D 369 15.69 -28.09 -61.21
N ARG D 370 15.71 -28.79 -62.33
CA ARG D 370 14.52 -29.40 -62.89
C ARG D 370 14.85 -30.70 -63.61
N ASP D 371 14.17 -31.79 -63.23
CA ASP D 371 14.39 -33.09 -63.85
C ASP D 371 15.85 -33.55 -63.87
N GLY D 372 16.52 -33.43 -62.72
CA GLY D 372 17.91 -33.85 -62.64
C GLY D 372 18.90 -32.96 -63.36
N ALA D 373 18.50 -31.75 -63.65
CA ALA D 373 19.41 -30.78 -64.29
C ALA D 373 19.33 -29.43 -63.59
N ILE D 374 20.44 -28.99 -63.02
CA ILE D 374 20.52 -27.60 -62.48
C ILE D 374 20.39 -26.66 -63.72
N VAL D 375 19.37 -25.80 -63.66
CA VAL D 375 18.98 -24.93 -64.76
C VAL D 375 19.02 -23.45 -64.46
N HIS D 376 19.49 -23.03 -63.28
CA HIS D 376 19.59 -21.63 -62.96
C HIS D 376 21.01 -21.08 -63.32
N PRO D 377 20.73 -19.95 -64.15
CA PRO D 377 22.03 -19.32 -64.58
C PRO D 377 22.93 -18.85 -63.47
#